data_1Q2Z
#
_entry.id   1Q2Z
#
_entity_poly.entity_id   1
_entity_poly.type   'polypeptide(L)'
_entity_poly.pdbx_seq_one_letter_code
;GPVNPAENFRVLVKQKKASFEEASNQLINHIEQFLDTNETPYFMKSIDCIRAFREEAIKFSEEQRFNNFLKALQEKVEIK
QLNHFWEIVVQDGITLITKEEASGSSVTAEEAKKFLAPKD
;
_entity_poly.pdbx_strand_id   A
#
# COMPACT_ATOMS: atom_id res chain seq x y z
N GLY A 1 19.45 -12.25 -13.43
CA GLY A 1 18.38 -12.72 -12.50
C GLY A 1 18.01 -11.66 -11.47
N PRO A 2 17.31 -10.60 -11.88
CA PRO A 2 16.90 -9.52 -10.98
C PRO A 2 16.07 -10.04 -9.80
N VAL A 3 15.93 -9.20 -8.78
CA VAL A 3 15.17 -9.57 -7.59
C VAL A 3 14.04 -8.58 -7.33
N ASN A 4 12.89 -9.10 -6.93
CA ASN A 4 11.72 -8.26 -6.64
C ASN A 4 11.37 -8.31 -5.16
N PRO A 5 11.20 -7.13 -4.51
CA PRO A 5 10.84 -7.06 -3.09
C PRO A 5 9.50 -7.72 -2.79
N ALA A 6 8.57 -7.61 -3.73
CA ALA A 6 7.24 -8.19 -3.56
C ALA A 6 7.30 -9.71 -3.64
N GLU A 7 8.14 -10.22 -4.53
CA GLU A 7 8.29 -11.67 -4.70
C GLU A 7 8.95 -12.31 -3.50
N ASN A 8 10.04 -11.71 -3.04
CA ASN A 8 10.77 -12.22 -1.88
C ASN A 8 9.90 -12.21 -0.64
N PHE A 9 9.02 -11.20 -0.54
CA PHE A 9 8.13 -11.07 0.59
C PHE A 9 7.06 -12.16 0.57
N ARG A 10 6.44 -12.34 -0.60
CA ARG A 10 5.40 -13.34 -0.77
C ARG A 10 5.93 -14.74 -0.44
N VAL A 11 7.19 -14.99 -0.77
CA VAL A 11 7.81 -16.29 -0.51
C VAL A 11 8.17 -16.44 0.95
N LEU A 12 8.75 -15.39 1.53
CA LEU A 12 9.15 -15.40 2.93
C LEU A 12 7.96 -15.66 3.84
N VAL A 13 6.78 -15.24 3.41
CA VAL A 13 5.57 -15.43 4.21
C VAL A 13 4.84 -16.71 3.81
N LYS A 14 5.34 -17.38 2.78
CA LYS A 14 4.73 -18.62 2.30
C LYS A 14 5.74 -19.75 2.26
N GLN A 15 6.60 -19.82 3.28
CA GLN A 15 7.61 -20.86 3.35
C GLN A 15 7.38 -21.77 4.55
N LYS A 16 7.12 -21.17 5.71
CA LYS A 16 6.89 -21.92 6.93
C LYS A 16 6.54 -20.98 8.09
N LYS A 17 7.24 -19.85 8.15
CA LYS A 17 7.01 -18.87 9.19
C LYS A 17 7.44 -17.49 8.69
N ALA A 18 6.88 -16.47 9.32
CA ALA A 18 7.19 -15.08 8.96
C ALA A 18 6.62 -14.11 9.98
N SER A 19 5.48 -14.49 10.57
CA SER A 19 4.81 -13.66 11.58
C SER A 19 4.19 -12.40 10.95
N PHE A 20 4.69 -12.01 9.78
CA PHE A 20 4.19 -10.83 9.09
C PHE A 20 4.53 -9.57 9.86
N GLU A 21 5.81 -9.38 10.14
CA GLU A 21 6.29 -8.22 10.88
C GLU A 21 7.61 -7.72 10.31
N GLU A 22 8.60 -8.59 10.28
CA GLU A 22 9.92 -8.23 9.76
C GLU A 22 9.85 -8.03 8.24
N ALA A 23 9.14 -8.93 7.56
CA ALA A 23 9.00 -8.86 6.12
C ALA A 23 8.16 -7.65 5.72
N SER A 24 7.23 -7.26 6.58
CA SER A 24 6.37 -6.12 6.32
C SER A 24 7.13 -4.81 6.58
N ASN A 25 7.62 -4.67 7.80
CA ASN A 25 8.37 -3.46 8.19
C ASN A 25 9.50 -3.19 7.18
N GLN A 26 10.20 -4.24 6.80
CA GLN A 26 11.29 -4.11 5.83
C GLN A 26 10.77 -3.64 4.49
N LEU A 27 9.64 -4.21 4.07
CA LEU A 27 9.01 -3.84 2.81
C LEU A 27 8.70 -2.35 2.78
N ILE A 28 8.10 -1.84 3.86
CA ILE A 28 7.76 -0.43 3.95
C ILE A 28 9.02 0.43 3.94
N ASN A 29 10.09 -0.10 4.53
CA ASN A 29 11.37 0.61 4.57
C ASN A 29 11.92 0.75 3.17
N HIS A 30 11.85 -0.33 2.39
CA HIS A 30 12.33 -0.32 1.02
C HIS A 30 11.55 0.70 0.21
N ILE A 31 10.23 0.69 0.40
CA ILE A 31 9.35 1.63 -0.30
C ILE A 31 9.80 3.06 -0.02
N GLU A 32 9.97 3.38 1.26
CA GLU A 32 10.40 4.71 1.68
C GLU A 32 11.68 5.10 0.97
N GLN A 33 12.63 4.17 0.90
CA GLN A 33 13.90 4.42 0.24
C GLN A 33 13.68 4.77 -1.23
N PHE A 34 12.82 4.00 -1.89
CA PHE A 34 12.49 4.22 -3.29
C PHE A 34 11.98 5.64 -3.50
N LEU A 35 11.29 6.17 -2.48
CA LEU A 35 10.75 7.52 -2.55
C LEU A 35 11.80 8.56 -2.22
N ASP A 36 12.87 8.11 -1.56
CA ASP A 36 13.96 9.00 -1.17
C ASP A 36 14.61 9.63 -2.39
N THR A 37 14.96 8.79 -3.37
CA THR A 37 15.58 9.26 -4.60
C THR A 37 14.81 10.43 -5.21
N ASN A 38 13.55 10.15 -5.58
CA ASN A 38 12.65 11.15 -6.17
C ASN A 38 12.73 11.13 -7.69
N GLU A 39 12.40 9.98 -8.27
CA GLU A 39 12.43 9.81 -9.72
C GLU A 39 11.13 9.17 -10.21
N THR A 40 10.88 9.26 -11.51
CA THR A 40 9.67 8.69 -12.09
C THR A 40 9.69 7.16 -12.08
N PRO A 41 10.80 6.53 -12.53
CA PRO A 41 10.91 5.06 -12.56
C PRO A 41 10.96 4.46 -11.16
N TYR A 42 11.10 5.33 -10.16
CA TYR A 42 11.18 4.87 -8.76
C TYR A 42 9.78 4.74 -8.16
N PHE A 43 8.83 5.50 -8.69
CA PHE A 43 7.46 5.46 -8.19
C PHE A 43 6.76 4.18 -8.64
N MET A 44 7.25 3.59 -9.72
CA MET A 44 6.68 2.36 -10.25
C MET A 44 6.92 1.20 -9.29
N LYS A 45 8.08 1.21 -8.64
CA LYS A 45 8.44 0.17 -7.68
C LYS A 45 7.60 0.30 -6.41
N SER A 46 7.28 1.54 -6.04
CA SER A 46 6.48 1.78 -4.84
C SER A 46 5.07 1.25 -5.03
N ILE A 47 4.44 1.61 -6.15
CA ILE A 47 3.09 1.16 -6.44
C ILE A 47 3.04 -0.36 -6.48
N ASP A 48 4.04 -0.96 -7.12
CA ASP A 48 4.11 -2.41 -7.23
C ASP A 48 4.24 -3.04 -5.84
N CYS A 49 4.77 -2.27 -4.91
CA CYS A 49 4.96 -2.73 -3.53
C CYS A 49 3.65 -2.63 -2.76
N ILE A 50 2.91 -1.54 -3.00
CA ILE A 50 1.63 -1.32 -2.34
C ILE A 50 0.57 -2.27 -2.90
N ARG A 51 0.74 -2.68 -4.15
CA ARG A 51 -0.20 -3.59 -4.80
C ARG A 51 0.00 -5.03 -4.32
N ALA A 52 1.24 -5.36 -3.97
CA ALA A 52 1.55 -6.70 -3.50
C ALA A 52 1.21 -6.85 -2.02
N PHE A 53 1.38 -5.76 -1.28
CA PHE A 53 1.07 -5.76 0.15
C PHE A 53 -0.44 -5.63 0.38
N ARG A 54 -1.06 -4.67 -0.30
CA ARG A 54 -2.50 -4.45 -0.18
C ARG A 54 -3.28 -5.75 -0.37
N GLU A 55 -2.89 -6.53 -1.38
CA GLU A 55 -3.58 -7.78 -1.68
C GLU A 55 -3.34 -8.82 -0.57
N GLU A 56 -2.09 -8.96 -0.15
CA GLU A 56 -1.74 -9.91 0.89
C GLU A 56 -2.40 -9.55 2.22
N ALA A 57 -2.68 -8.27 2.40
CA ALA A 57 -3.30 -7.78 3.62
C ALA A 57 -4.81 -7.93 3.58
N ILE A 58 -5.43 -7.34 2.55
CA ILE A 58 -6.88 -7.42 2.40
C ILE A 58 -7.34 -8.86 2.37
N LYS A 59 -6.59 -9.70 1.67
CA LYS A 59 -6.91 -11.12 1.56
C LYS A 59 -7.15 -11.71 2.94
N PHE A 60 -6.16 -11.59 3.82
CA PHE A 60 -6.28 -12.13 5.17
C PHE A 60 -5.03 -11.85 6.00
N SER A 61 -4.90 -10.61 6.49
CA SER A 61 -3.76 -10.23 7.30
C SER A 61 -4.06 -9.01 8.15
N GLU A 62 -3.62 -7.84 7.69
CA GLU A 62 -3.83 -6.60 8.45
C GLU A 62 -4.37 -5.51 7.53
N GLU A 63 -5.56 -5.73 7.00
CA GLU A 63 -6.21 -4.75 6.12
C GLU A 63 -6.27 -3.37 6.77
N GLN A 64 -6.49 -3.34 8.09
CA GLN A 64 -6.57 -2.07 8.82
C GLN A 64 -5.19 -1.42 8.94
N ARG A 65 -4.15 -2.22 8.84
CA ARG A 65 -2.79 -1.71 8.93
C ARG A 65 -2.45 -0.94 7.65
N PHE A 66 -3.22 -1.22 6.60
CA PHE A 66 -3.02 -0.58 5.32
C PHE A 66 -3.79 0.73 5.25
N ASN A 67 -5.05 0.71 5.69
CA ASN A 67 -5.87 1.91 5.69
C ASN A 67 -5.35 2.86 6.75
N ASN A 68 -4.58 2.31 7.68
CA ASN A 68 -3.98 3.10 8.74
C ASN A 68 -2.84 3.92 8.17
N PHE A 69 -1.87 3.23 7.57
CA PHE A 69 -0.73 3.89 6.96
C PHE A 69 -1.19 4.71 5.75
N LEU A 70 -2.28 4.27 5.12
CA LEU A 70 -2.83 4.98 3.97
C LEU A 70 -3.37 6.33 4.38
N LYS A 71 -4.14 6.36 5.47
CA LYS A 71 -4.71 7.61 5.98
C LYS A 71 -3.60 8.62 6.24
N ALA A 72 -2.50 8.15 6.82
CA ALA A 72 -1.37 9.04 7.12
C ALA A 72 -0.59 9.40 5.86
N LEU A 73 -0.36 8.41 5.02
CA LEU A 73 0.38 8.61 3.77
C LEU A 73 -0.31 9.67 2.91
N GLN A 74 -1.61 9.52 2.72
CA GLN A 74 -2.39 10.45 1.92
C GLN A 74 -2.23 11.88 2.43
N GLU A 75 -2.46 12.07 3.73
CA GLU A 75 -2.35 13.38 4.35
C GLU A 75 -0.90 13.86 4.38
N LYS A 76 0.04 12.90 4.37
CA LYS A 76 1.45 13.23 4.41
C LYS A 76 1.94 13.76 3.07
N VAL A 77 1.69 12.99 2.01
CA VAL A 77 2.12 13.38 0.67
C VAL A 77 1.41 14.67 0.25
N GLU A 78 0.22 14.88 0.78
CA GLU A 78 -0.56 16.08 0.48
C GLU A 78 0.15 17.31 1.02
N ILE A 79 0.49 17.26 2.30
CA ILE A 79 1.18 18.38 2.96
C ILE A 79 2.70 18.21 2.89
N LYS A 80 3.21 18.00 1.69
CA LYS A 80 4.64 17.84 1.50
C LYS A 80 5.06 18.20 0.08
N GLN A 81 4.91 17.26 -0.86
CA GLN A 81 5.27 17.48 -2.25
C GLN A 81 4.93 16.29 -3.12
N LEU A 82 5.10 15.08 -2.57
CA LEU A 82 4.81 13.85 -3.30
C LEU A 82 3.32 13.61 -3.46
N ASN A 83 2.56 14.67 -3.66
CA ASN A 83 1.11 14.56 -3.84
C ASN A 83 0.79 13.77 -5.12
N HIS A 84 1.81 13.63 -5.97
CA HIS A 84 1.65 12.90 -7.23
C HIS A 84 1.39 11.42 -6.97
N PHE A 85 1.94 10.90 -5.88
CA PHE A 85 1.77 9.50 -5.53
C PHE A 85 0.29 9.17 -5.39
N TRP A 86 -0.49 10.14 -4.92
CA TRP A 86 -1.92 9.95 -4.75
C TRP A 86 -2.63 10.03 -6.10
N GLU A 87 -2.26 11.04 -6.90
CA GLU A 87 -2.86 11.23 -8.20
C GLU A 87 -2.54 10.02 -9.08
N ILE A 88 -1.47 9.31 -8.70
CA ILE A 88 -1.05 8.12 -9.43
C ILE A 88 -1.82 6.90 -8.93
N VAL A 89 -1.62 6.59 -7.66
CA VAL A 89 -2.30 5.44 -7.03
C VAL A 89 -3.79 5.47 -7.29
N VAL A 90 -4.35 6.66 -7.44
CA VAL A 90 -5.78 6.81 -7.69
C VAL A 90 -6.09 6.61 -9.17
N GLN A 91 -5.35 7.30 -10.03
CA GLN A 91 -5.54 7.19 -11.47
C GLN A 91 -5.47 5.73 -11.93
N ASP A 92 -4.71 4.93 -11.19
CA ASP A 92 -4.56 3.52 -11.52
C ASP A 92 -5.83 2.73 -11.19
N GLY A 93 -6.89 3.45 -10.84
CA GLY A 93 -8.15 2.82 -10.51
C GLY A 93 -8.12 2.11 -9.17
N ILE A 94 -7.03 2.29 -8.43
CA ILE A 94 -6.89 1.66 -7.12
C ILE A 94 -7.63 2.45 -6.04
N THR A 95 -8.22 1.74 -5.09
CA THR A 95 -8.96 2.38 -4.00
C THR A 95 -8.52 1.82 -2.66
N LEU A 96 -8.92 2.47 -1.58
CA LEU A 96 -8.55 2.04 -0.23
C LEU A 96 -9.11 0.66 0.06
N ILE A 97 -8.86 0.20 1.28
CA ILE A 97 -9.34 -1.09 1.73
C ILE A 97 -10.87 -1.09 1.83
N THR A 98 -11.51 -1.85 0.95
CA THR A 98 -12.97 -1.91 0.92
C THR A 98 -13.48 -3.13 1.70
N LYS A 99 -14.58 -2.93 2.42
CA LYS A 99 -15.19 -4.00 3.21
C LYS A 99 -15.31 -5.28 2.40
N GLU A 100 -16.05 -5.22 1.29
CA GLU A 100 -16.24 -6.39 0.44
C GLU A 100 -14.92 -6.86 -0.16
N GLU A 101 -14.00 -5.93 -0.38
CA GLU A 101 -12.69 -6.26 -0.95
C GLU A 101 -11.93 -7.20 -0.02
N ALA A 102 -12.50 -7.45 1.15
CA ALA A 102 -11.89 -8.32 2.14
C ALA A 102 -12.79 -9.53 2.41
N SER A 103 -12.52 -10.23 3.50
CA SER A 103 -13.31 -11.41 3.87
C SER A 103 -14.10 -11.16 5.14
N GLY A 104 -15.23 -10.46 5.01
CA GLY A 104 -16.06 -10.17 6.17
C GLY A 104 -16.78 -8.83 6.07
N SER A 105 -16.59 -8.13 4.95
CA SER A 105 -17.21 -6.83 4.74
C SER A 105 -17.07 -5.94 5.98
N SER A 106 -15.85 -5.59 6.33
CA SER A 106 -15.58 -4.75 7.50
C SER A 106 -14.81 -3.49 7.13
N VAL A 107 -15.53 -2.43 6.78
CA VAL A 107 -14.93 -1.15 6.44
C VAL A 107 -16.00 -0.09 6.23
N THR A 108 -15.80 1.07 6.86
CA THR A 108 -16.75 2.16 6.77
C THR A 108 -16.80 2.76 5.37
N ALA A 109 -17.95 3.35 5.03
CA ALA A 109 -18.14 3.98 3.72
C ALA A 109 -17.26 5.22 3.59
N GLU A 110 -16.71 5.65 4.72
CA GLU A 110 -15.85 6.82 4.77
C GLU A 110 -14.42 6.44 4.41
N GLU A 111 -14.14 5.15 4.50
CA GLU A 111 -12.80 4.64 4.22
C GLU A 111 -12.62 4.40 2.72
N ALA A 112 -13.57 3.69 2.11
CA ALA A 112 -13.48 3.38 0.69
C ALA A 112 -14.08 4.45 -0.21
N LYS A 113 -15.19 5.06 0.20
CA LYS A 113 -15.86 6.06 -0.63
C LYS A 113 -15.30 7.46 -0.41
N LYS A 114 -15.16 7.89 0.84
CA LYS A 114 -14.67 9.22 1.15
C LYS A 114 -13.27 9.45 0.60
N PHE A 115 -12.48 8.38 0.54
CA PHE A 115 -11.11 8.48 0.04
C PHE A 115 -11.10 8.63 -1.48
N LEU A 116 -12.05 8.00 -2.16
CA LEU A 116 -12.13 8.07 -3.60
C LEU A 116 -13.55 8.42 -4.05
N ALA A 117 -13.86 9.71 -4.05
CA ALA A 117 -15.18 10.18 -4.45
C ALA A 117 -15.17 10.71 -5.88
N PRO A 118 -16.29 10.59 -6.61
CA PRO A 118 -16.39 11.06 -7.99
C PRO A 118 -16.36 12.58 -8.10
N LYS A 119 -17.28 13.23 -7.37
CA LYS A 119 -17.35 14.69 -7.38
C LYS A 119 -16.52 15.29 -6.26
N ASP A 120 -16.03 16.51 -6.48
CA ASP A 120 -15.20 17.19 -5.49
C ASP A 120 -16.03 18.19 -4.69
N GLY A 1 18.86 -12.30 -8.92
CA GLY A 1 17.59 -11.60 -9.22
C GLY A 1 17.40 -10.34 -8.40
N PRO A 2 18.12 -9.25 -8.74
CA PRO A 2 18.03 -7.99 -8.02
C PRO A 2 16.61 -7.41 -8.04
N VAL A 3 16.45 -6.24 -7.42
CA VAL A 3 15.15 -5.57 -7.34
C VAL A 3 14.00 -6.56 -7.26
N ASN A 4 14.00 -7.39 -6.22
CA ASN A 4 12.96 -8.38 -6.02
C ASN A 4 12.42 -8.33 -4.60
N PRO A 5 11.74 -7.24 -4.22
CA PRO A 5 11.19 -7.07 -2.87
C PRO A 5 9.81 -7.70 -2.71
N ALA A 6 8.93 -7.48 -3.69
CA ALA A 6 7.58 -8.02 -3.64
C ALA A 6 7.59 -9.54 -3.75
N GLU A 7 8.42 -10.07 -4.63
CA GLU A 7 8.51 -11.51 -4.84
C GLU A 7 9.16 -12.20 -3.63
N ASN A 8 10.25 -11.63 -3.15
CA ASN A 8 10.97 -12.19 -2.01
C ASN A 8 10.11 -12.12 -0.75
N PHE A 9 9.17 -11.19 -0.73
CA PHE A 9 8.29 -11.03 0.43
C PHE A 9 7.16 -12.06 0.39
N ARG A 10 6.47 -12.14 -0.74
CA ARG A 10 5.37 -13.08 -0.90
C ARG A 10 5.84 -14.52 -0.79
N VAL A 11 7.08 -14.78 -1.19
CA VAL A 11 7.64 -16.12 -1.12
C VAL A 11 8.09 -16.46 0.29
N LEU A 12 8.76 -15.51 0.95
CA LEU A 12 9.25 -15.73 2.31
C LEU A 12 8.11 -16.05 3.25
N VAL A 13 6.91 -15.57 2.93
CA VAL A 13 5.73 -15.81 3.77
C VAL A 13 4.94 -17.02 3.27
N LYS A 14 5.32 -17.53 2.11
CA LYS A 14 4.64 -18.68 1.53
C LYS A 14 5.49 -19.95 1.59
N GLN A 15 6.73 -19.81 2.05
CA GLN A 15 7.64 -20.95 2.14
C GLN A 15 8.03 -21.22 3.59
N LYS A 16 7.69 -20.30 4.49
CA LYS A 16 8.02 -20.45 5.90
C LYS A 16 7.41 -19.29 6.68
N LYS A 17 6.55 -19.60 7.63
CA LYS A 17 5.91 -18.57 8.42
C LYS A 17 6.91 -17.90 9.35
N ALA A 18 7.63 -16.91 8.81
CA ALA A 18 8.62 -16.18 9.59
C ALA A 18 7.99 -14.93 10.21
N SER A 19 6.69 -15.00 10.44
CA SER A 19 5.94 -13.89 11.02
C SER A 19 5.73 -12.77 10.00
N PHE A 20 4.47 -12.51 9.68
CA PHE A 20 4.12 -11.47 8.70
C PHE A 20 4.64 -10.11 9.15
N GLU A 21 4.67 -9.89 10.46
CA GLU A 21 5.14 -8.62 11.02
C GLU A 21 6.51 -8.24 10.48
N GLU A 22 7.49 -9.12 10.64
CA GLU A 22 8.85 -8.85 10.17
C GLU A 22 8.87 -8.52 8.68
N ALA A 23 8.21 -9.35 7.88
CA ALA A 23 8.16 -9.15 6.44
C ALA A 23 7.49 -7.82 6.09
N SER A 24 6.45 -7.48 6.83
CA SER A 24 5.71 -6.24 6.61
C SER A 24 6.61 -5.03 6.88
N ASN A 25 7.24 -5.02 8.05
CA ASN A 25 8.13 -3.94 8.44
C ASN A 25 9.20 -3.72 7.38
N GLN A 26 9.82 -4.81 6.94
CA GLN A 26 10.87 -4.75 5.92
C GLN A 26 10.32 -4.14 4.64
N LEU A 27 9.16 -4.61 4.21
CA LEU A 27 8.52 -4.11 2.99
C LEU A 27 8.30 -2.61 3.08
N ILE A 28 7.75 -2.15 4.20
CA ILE A 28 7.48 -0.73 4.39
C ILE A 28 8.78 0.08 4.38
N ASN A 29 9.84 -0.52 4.91
CA ASN A 29 11.14 0.15 4.95
C ASN A 29 11.66 0.34 3.53
N HIS A 30 11.56 -0.71 2.73
CA HIS A 30 12.01 -0.66 1.34
C HIS A 30 11.25 0.43 0.59
N ILE A 31 9.95 0.48 0.81
CA ILE A 31 9.12 1.49 0.17
C ILE A 31 9.61 2.90 0.53
N GLU A 32 9.83 3.11 1.83
CA GLU A 32 10.32 4.40 2.31
C GLU A 32 11.62 4.77 1.61
N GLN A 33 12.49 3.79 1.44
CA GLN A 33 13.77 4.01 0.77
C GLN A 33 13.53 4.48 -0.66
N PHE A 34 12.59 3.82 -1.33
CA PHE A 34 12.24 4.18 -2.71
C PHE A 34 11.80 5.64 -2.78
N LEU A 35 11.23 6.14 -1.70
CA LEU A 35 10.77 7.52 -1.63
C LEU A 35 11.95 8.49 -1.51
N ASP A 36 13.09 7.95 -1.10
CA ASP A 36 14.30 8.74 -0.93
C ASP A 36 14.83 9.21 -2.28
N THR A 37 14.21 8.73 -3.35
CA THR A 37 14.62 9.09 -4.71
C THR A 37 13.42 9.64 -5.48
N ASN A 38 13.49 10.92 -5.80
CA ASN A 38 12.42 11.59 -6.54
C ASN A 38 12.51 11.28 -8.04
N GLU A 39 12.46 10.00 -8.38
CA GLU A 39 12.53 9.57 -9.78
C GLU A 39 11.19 8.99 -10.23
N THR A 40 11.05 8.85 -11.55
CA THR A 40 9.82 8.31 -12.12
C THR A 40 9.78 6.77 -12.05
N PRO A 41 10.85 6.09 -12.51
CA PRO A 41 10.90 4.62 -12.49
C PRO A 41 11.10 4.07 -11.08
N TYR A 42 11.49 4.93 -10.16
CA TYR A 42 11.71 4.52 -8.77
C TYR A 42 10.40 4.47 -7.99
N PHE A 43 9.47 5.34 -8.36
CA PHE A 43 8.17 5.39 -7.70
C PHE A 43 7.24 4.32 -8.27
N MET A 44 7.50 3.92 -9.50
CA MET A 44 6.69 2.89 -10.15
C MET A 44 6.81 1.58 -9.38
N LYS A 45 7.98 1.36 -8.79
CA LYS A 45 8.24 0.16 -8.02
C LYS A 45 7.55 0.25 -6.66
N SER A 46 7.37 1.48 -6.18
CA SER A 46 6.72 1.70 -4.89
C SER A 46 5.29 1.20 -4.95
N ILE A 47 4.58 1.61 -6.00
CA ILE A 47 3.21 1.18 -6.20
C ILE A 47 3.16 -0.34 -6.34
N ASP A 48 4.15 -0.88 -7.03
CA ASP A 48 4.25 -2.32 -7.23
C ASP A 48 4.41 -3.02 -5.88
N CYS A 49 4.99 -2.30 -4.93
CA CYS A 49 5.19 -2.83 -3.58
C CYS A 49 3.90 -2.74 -2.78
N ILE A 50 3.18 -1.63 -2.94
CA ILE A 50 1.92 -1.43 -2.24
C ILE A 50 0.85 -2.36 -2.77
N ARG A 51 0.98 -2.74 -4.04
CA ARG A 51 0.02 -3.64 -4.67
C ARG A 51 0.22 -5.07 -4.18
N ALA A 52 1.47 -5.42 -3.89
CA ALA A 52 1.80 -6.75 -3.41
C ALA A 52 1.41 -6.88 -1.94
N PHE A 53 1.56 -5.79 -1.20
CA PHE A 53 1.22 -5.77 0.21
C PHE A 53 -0.28 -5.64 0.41
N ARG A 54 -0.88 -4.67 -0.28
CA ARG A 54 -2.33 -4.44 -0.18
C ARG A 54 -3.11 -5.72 -0.45
N GLU A 55 -2.53 -6.62 -1.23
CA GLU A 55 -3.19 -7.87 -1.57
C GLU A 55 -2.95 -8.94 -0.51
N GLU A 56 -1.69 -9.21 -0.22
CA GLU A 56 -1.32 -10.23 0.76
C GLU A 56 -1.77 -9.87 2.18
N ALA A 57 -1.90 -8.57 2.45
CA ALA A 57 -2.29 -8.11 3.78
C ALA A 57 -3.80 -8.05 3.93
N ILE A 58 -4.45 -7.25 3.09
CA ILE A 58 -5.91 -7.10 3.15
C ILE A 58 -6.60 -8.45 3.02
N LYS A 59 -6.11 -9.29 2.14
CA LYS A 59 -6.70 -10.61 1.93
C LYS A 59 -6.84 -11.34 3.27
N PHE A 60 -5.77 -11.34 4.07
CA PHE A 60 -5.81 -12.00 5.38
C PHE A 60 -4.55 -11.70 6.18
N SER A 61 -4.56 -10.58 6.91
CA SER A 61 -3.41 -10.21 7.71
C SER A 61 -3.70 -8.97 8.56
N GLU A 62 -3.28 -7.80 8.08
CA GLU A 62 -3.50 -6.57 8.81
C GLU A 62 -4.02 -5.47 7.89
N GLU A 63 -5.22 -5.67 7.37
CA GLU A 63 -5.85 -4.69 6.49
C GLU A 63 -5.87 -3.30 7.14
N GLN A 64 -6.05 -3.26 8.46
CA GLN A 64 -6.11 -2.00 9.20
C GLN A 64 -4.77 -1.27 9.13
N ARG A 65 -3.72 -2.01 8.79
CA ARG A 65 -2.38 -1.42 8.68
C ARG A 65 -2.28 -0.61 7.40
N PHE A 66 -3.19 -0.87 6.47
CA PHE A 66 -3.21 -0.17 5.20
C PHE A 66 -4.02 1.12 5.34
N ASN A 67 -5.21 1.00 5.91
CA ASN A 67 -6.05 2.18 6.13
C ASN A 67 -5.34 3.11 7.10
N ASN A 68 -4.38 2.53 7.81
CA ASN A 68 -3.58 3.29 8.77
C ASN A 68 -2.57 4.15 8.02
N PHE A 69 -1.74 3.50 7.21
CA PHE A 69 -0.75 4.18 6.41
C PHE A 69 -1.39 5.09 5.36
N LEU A 70 -2.58 4.71 4.90
CA LEU A 70 -3.30 5.50 3.89
C LEU A 70 -3.72 6.84 4.48
N LYS A 71 -4.38 6.80 5.63
CA LYS A 71 -4.82 8.02 6.30
C LYS A 71 -3.66 8.99 6.49
N ALA A 72 -2.51 8.45 6.89
CA ALA A 72 -1.32 9.27 7.10
C ALA A 72 -0.75 9.75 5.78
N LEU A 73 -0.69 8.84 4.80
CA LEU A 73 -0.16 9.17 3.49
C LEU A 73 -1.00 10.26 2.85
N GLN A 74 -2.29 10.23 3.10
CA GLN A 74 -3.21 11.23 2.55
C GLN A 74 -2.89 12.61 3.13
N GLU A 75 -2.88 12.69 4.46
CA GLU A 75 -2.58 13.94 5.14
C GLU A 75 -1.26 14.54 4.66
N LYS A 76 -0.30 13.68 4.31
CA LYS A 76 1.01 14.13 3.86
C LYS A 76 0.96 14.51 2.40
N VAL A 77 0.56 13.55 1.57
CA VAL A 77 0.45 13.77 0.14
C VAL A 77 -0.38 15.01 -0.16
N GLU A 78 -1.34 15.28 0.72
CA GLU A 78 -2.20 16.44 0.59
C GLU A 78 -1.35 17.69 0.51
N ILE A 79 -0.47 17.86 1.50
CA ILE A 79 0.42 19.01 1.54
C ILE A 79 1.37 19.01 0.33
N LYS A 80 2.52 18.37 0.49
CA LYS A 80 3.51 18.28 -0.58
C LYS A 80 4.31 17.00 -0.43
N GLN A 81 5.14 16.72 -1.42
CA GLN A 81 5.97 15.52 -1.42
C GLN A 81 5.12 14.27 -1.53
N LEU A 82 5.34 13.51 -2.61
CA LEU A 82 4.61 12.25 -2.88
C LEU A 82 3.25 12.54 -3.49
N ASN A 83 3.04 13.80 -3.87
CA ASN A 83 1.79 14.22 -4.47
C ASN A 83 1.44 13.36 -5.69
N HIS A 84 2.45 13.07 -6.50
CA HIS A 84 2.26 12.27 -7.70
C HIS A 84 1.78 10.86 -7.34
N PHE A 85 2.22 10.36 -6.19
CA PHE A 85 1.84 9.03 -5.73
C PHE A 85 0.33 8.88 -5.67
N TRP A 86 -0.36 9.94 -5.24
CA TRP A 86 -1.81 9.91 -5.15
C TRP A 86 -2.44 10.06 -6.53
N GLU A 87 -1.89 10.97 -7.33
CA GLU A 87 -2.39 11.20 -8.68
C GLU A 87 -2.26 9.92 -9.50
N ILE A 88 -1.29 9.09 -9.13
CA ILE A 88 -1.05 7.83 -9.82
C ILE A 88 -1.93 6.74 -9.22
N VAL A 89 -1.75 6.48 -7.93
CA VAL A 89 -2.52 5.46 -7.23
C VAL A 89 -4.02 5.57 -7.53
N VAL A 90 -4.50 6.80 -7.71
CA VAL A 90 -5.90 7.03 -8.01
C VAL A 90 -6.19 6.70 -9.47
N GLN A 91 -5.35 7.22 -10.36
CA GLN A 91 -5.49 6.96 -11.80
C GLN A 91 -5.50 5.45 -12.07
N ASP A 92 -4.65 4.72 -11.37
CA ASP A 92 -4.56 3.27 -11.53
C ASP A 92 -5.84 2.58 -11.07
N GLY A 93 -6.79 3.38 -10.59
CA GLY A 93 -8.06 2.84 -10.13
C GLY A 93 -7.98 2.20 -8.76
N ILE A 94 -6.83 2.30 -8.11
CA ILE A 94 -6.66 1.72 -6.78
C ILE A 94 -7.64 2.34 -5.80
N THR A 95 -8.39 1.49 -5.12
CA THR A 95 -9.39 1.93 -4.15
C THR A 95 -8.87 1.89 -2.73
N LEU A 96 -9.80 2.01 -1.77
CA LEU A 96 -9.46 2.00 -0.36
C LEU A 96 -9.82 0.65 0.25
N ILE A 97 -9.38 0.45 1.48
CA ILE A 97 -9.67 -0.79 2.17
C ILE A 97 -11.16 -0.87 2.46
N THR A 98 -11.88 -1.68 1.68
CA THR A 98 -13.32 -1.82 1.84
C THR A 98 -13.68 -3.09 2.60
N LYS A 99 -14.69 -2.97 3.48
CA LYS A 99 -15.16 -4.08 4.29
C LYS A 99 -15.41 -5.32 3.45
N GLU A 100 -16.23 -5.18 2.41
CA GLU A 100 -16.56 -6.31 1.53
C GLU A 100 -15.31 -6.92 0.91
N GLU A 101 -14.29 -6.10 0.72
CA GLU A 101 -13.04 -6.57 0.11
C GLU A 101 -11.92 -6.61 1.15
N ALA A 102 -12.29 -6.67 2.42
CA ALA A 102 -11.31 -6.70 3.50
C ALA A 102 -11.03 -8.15 3.95
N SER A 103 -11.72 -8.59 4.98
CA SER A 103 -11.54 -9.95 5.50
C SER A 103 -12.89 -10.58 5.82
N GLY A 104 -13.91 -9.74 5.97
CA GLY A 104 -15.25 -10.24 6.27
C GLY A 104 -16.22 -9.11 6.52
N SER A 105 -16.37 -8.22 5.55
CA SER A 105 -17.28 -7.08 5.67
C SER A 105 -17.01 -6.31 6.97
N SER A 106 -15.74 -6.04 7.24
CA SER A 106 -15.36 -5.30 8.46
C SER A 106 -14.55 -4.06 8.11
N VAL A 107 -15.25 -2.95 7.90
CA VAL A 107 -14.63 -1.67 7.57
C VAL A 107 -15.69 -0.63 7.25
N THR A 108 -15.43 0.63 7.59
CA THR A 108 -16.39 1.70 7.34
C THR A 108 -16.28 2.21 5.91
N ALA A 109 -17.41 2.69 5.39
CA ALA A 109 -17.48 3.23 4.04
C ALA A 109 -16.98 4.67 4.03
N GLU A 110 -16.85 5.24 5.22
CA GLU A 110 -16.39 6.62 5.37
C GLU A 110 -14.97 6.78 4.84
N GLU A 111 -14.24 5.68 4.76
CA GLU A 111 -12.86 5.71 4.28
C GLU A 111 -12.80 5.61 2.76
N ALA A 112 -13.50 4.62 2.22
CA ALA A 112 -13.51 4.39 0.77
C ALA A 112 -14.23 5.51 0.03
N LYS A 113 -15.15 6.19 0.71
CA LYS A 113 -15.92 7.27 0.08
C LYS A 113 -15.20 8.62 0.18
N LYS A 114 -14.79 8.98 1.39
CA LYS A 114 -14.13 10.27 1.61
C LYS A 114 -12.77 10.35 0.89
N PHE A 115 -12.10 9.22 0.76
CA PHE A 115 -10.79 9.19 0.10
C PHE A 115 -10.92 9.25 -1.41
N LEU A 116 -11.80 8.43 -1.97
CA LEU A 116 -12.01 8.40 -3.41
C LEU A 116 -13.11 9.36 -3.82
N ALA A 117 -13.16 10.52 -3.15
CA ALA A 117 -14.16 11.53 -3.44
C ALA A 117 -13.70 12.46 -4.56
N PRO A 118 -14.63 13.02 -5.35
CA PRO A 118 -14.30 13.93 -6.45
C PRO A 118 -13.78 15.27 -5.96
N LYS A 119 -13.53 16.19 -6.89
CA LYS A 119 -13.04 17.52 -6.55
C LYS A 119 -13.54 18.56 -7.54
N ASP A 120 -13.53 19.82 -7.11
CA ASP A 120 -13.99 20.91 -7.98
C ASP A 120 -12.80 21.71 -8.50
N GLY A 1 22.28 -11.42 -10.26
CA GLY A 1 21.08 -12.09 -9.70
C GLY A 1 20.07 -11.12 -9.12
N PRO A 2 19.34 -10.39 -9.98
CA PRO A 2 18.35 -9.40 -9.53
C PRO A 2 17.30 -10.03 -8.61
N VAL A 3 16.79 -9.22 -7.69
CA VAL A 3 15.77 -9.69 -6.75
C VAL A 3 14.67 -8.65 -6.57
N ASN A 4 13.44 -9.14 -6.35
CA ASN A 4 12.29 -8.25 -6.16
C ASN A 4 11.83 -8.27 -4.70
N PRO A 5 11.56 -7.09 -4.12
CA PRO A 5 11.10 -6.99 -2.73
C PRO A 5 9.72 -7.61 -2.52
N ALA A 6 8.82 -7.36 -3.47
CA ALA A 6 7.46 -7.88 -3.39
C ALA A 6 7.44 -9.40 -3.57
N GLU A 7 8.21 -9.90 -4.53
CA GLU A 7 8.29 -11.33 -4.80
C GLU A 7 8.91 -12.08 -3.64
N ASN A 8 10.02 -11.55 -3.13
CA ASN A 8 10.72 -12.18 -2.01
C ASN A 8 9.87 -12.18 -0.76
N PHE A 9 9.05 -11.14 -0.61
CA PHE A 9 8.17 -11.01 0.55
C PHE A 9 7.04 -12.05 0.49
N ARG A 10 6.36 -12.11 -0.65
CA ARG A 10 5.26 -13.05 -0.84
C ARG A 10 5.72 -14.48 -0.66
N VAL A 11 6.92 -14.79 -1.13
CA VAL A 11 7.47 -16.14 -1.02
C VAL A 11 7.86 -16.46 0.42
N LEU A 12 8.52 -15.51 1.08
CA LEU A 12 8.95 -15.71 2.46
C LEU A 12 7.77 -15.99 3.38
N VAL A 13 6.62 -15.43 3.05
CA VAL A 13 5.42 -15.62 3.86
C VAL A 13 4.56 -16.77 3.33
N LYS A 14 4.90 -17.27 2.14
CA LYS A 14 4.15 -18.36 1.53
C LYS A 14 4.73 -19.72 1.93
N GLN A 15 6.01 -19.92 1.65
CA GLN A 15 6.68 -21.18 1.97
C GLN A 15 6.55 -21.52 3.45
N LYS A 16 6.40 -20.49 4.28
CA LYS A 16 6.27 -20.68 5.71
C LYS A 16 6.11 -19.31 6.38
N LYS A 17 5.12 -19.20 7.26
CA LYS A 17 4.89 -17.93 7.93
C LYS A 17 6.03 -17.61 8.88
N ALA A 18 7.01 -16.87 8.35
CA ALA A 18 8.18 -16.49 9.13
C ALA A 18 7.79 -15.62 10.32
N SER A 19 7.08 -14.53 10.05
CA SER A 19 6.65 -13.62 11.11
C SER A 19 5.73 -12.53 10.55
N PHE A 20 5.92 -12.20 9.27
CA PHE A 20 5.11 -11.18 8.59
C PHE A 20 5.53 -9.77 9.02
N GLU A 21 5.48 -9.51 10.32
CA GLU A 21 5.86 -8.21 10.86
C GLU A 21 7.25 -7.79 10.37
N GLU A 22 8.21 -8.71 10.44
CA GLU A 22 9.57 -8.43 10.01
C GLU A 22 9.61 -8.08 8.53
N ALA A 23 8.96 -8.90 7.72
CA ALA A 23 8.92 -8.68 6.27
C ALA A 23 8.21 -7.37 5.94
N SER A 24 7.21 -7.04 6.75
CA SER A 24 6.45 -5.81 6.57
C SER A 24 7.33 -4.60 6.81
N ASN A 25 7.99 -4.58 7.96
CA ASN A 25 8.90 -3.49 8.31
C ASN A 25 9.91 -3.26 7.20
N GLN A 26 10.43 -4.34 6.66
CA GLN A 26 11.41 -4.26 5.58
C GLN A 26 10.77 -3.67 4.32
N LEU A 27 9.56 -4.16 4.02
CA LEU A 27 8.83 -3.68 2.85
C LEU A 27 8.63 -2.17 2.92
N ILE A 28 8.27 -1.67 4.09
CA ILE A 28 8.06 -0.25 4.29
C ILE A 28 9.37 0.52 4.12
N ASN A 29 10.43 -0.01 4.71
CA ASN A 29 11.75 0.61 4.61
C ASN A 29 12.19 0.74 3.16
N HIS A 30 11.96 -0.31 2.38
CA HIS A 30 12.32 -0.33 0.97
C HIS A 30 11.56 0.77 0.24
N ILE A 31 10.24 0.81 0.44
CA ILE A 31 9.40 1.81 -0.20
C ILE A 31 9.88 3.22 0.15
N GLU A 32 10.09 3.45 1.45
CA GLU A 32 10.56 4.75 1.92
C GLU A 32 11.86 5.14 1.24
N GLN A 33 12.71 4.14 0.98
CA GLN A 33 13.99 4.38 0.32
C GLN A 33 13.77 4.81 -1.12
N PHE A 34 12.90 4.08 -1.81
CA PHE A 34 12.59 4.39 -3.20
C PHE A 34 12.01 5.80 -3.33
N LEU A 35 11.44 6.29 -2.24
CA LEU A 35 10.85 7.63 -2.23
C LEU A 35 11.92 8.69 -2.50
N ASP A 36 13.03 8.61 -1.76
CA ASP A 36 14.14 9.55 -1.93
C ASP A 36 14.57 9.65 -3.39
N THR A 37 14.19 8.64 -4.18
CA THR A 37 14.53 8.61 -5.60
C THR A 37 13.38 9.16 -6.43
N ASN A 38 13.51 10.42 -6.83
CA ASN A 38 12.48 11.08 -7.63
C ASN A 38 12.54 10.62 -9.10
N GLU A 39 12.67 9.33 -9.32
CA GLU A 39 12.73 8.78 -10.66
C GLU A 39 11.39 8.16 -11.06
N THR A 40 11.06 8.26 -12.34
CA THR A 40 9.80 7.72 -12.85
C THR A 40 9.73 6.19 -12.69
N PRO A 41 10.76 5.45 -13.13
CA PRO A 41 10.77 3.98 -13.02
C PRO A 41 10.95 3.50 -11.59
N TYR A 42 11.45 4.37 -10.72
CA TYR A 42 11.66 4.03 -9.32
C TYR A 42 10.36 4.08 -8.53
N PHE A 43 9.54 5.09 -8.80
CA PHE A 43 8.26 5.23 -8.12
C PHE A 43 7.31 4.09 -8.47
N MET A 44 7.63 3.40 -9.55
CA MET A 44 6.81 2.27 -9.99
C MET A 44 7.04 1.06 -9.09
N LYS A 45 8.23 1.00 -8.49
CA LYS A 45 8.57 -0.09 -7.60
C LYS A 45 7.84 0.03 -6.27
N SER A 46 7.62 1.27 -5.83
CA SER A 46 6.92 1.51 -4.58
C SER A 46 5.47 1.07 -4.69
N ILE A 47 4.80 1.52 -5.74
CA ILE A 47 3.40 1.16 -5.97
C ILE A 47 3.29 -0.36 -6.12
N ASP A 48 4.24 -0.95 -6.83
CA ASP A 48 4.24 -2.40 -7.02
C ASP A 48 4.36 -3.10 -5.67
N CYS A 49 4.97 -2.41 -4.71
CA CYS A 49 5.15 -2.94 -3.37
C CYS A 49 3.88 -2.77 -2.55
N ILE A 50 3.27 -1.59 -2.64
CA ILE A 50 2.04 -1.30 -1.91
C ILE A 50 0.89 -2.16 -2.43
N ARG A 51 0.98 -2.54 -3.70
CA ARG A 51 -0.05 -3.37 -4.32
C ARG A 51 0.12 -4.84 -3.92
N ALA A 52 1.36 -5.23 -3.69
CA ALA A 52 1.66 -6.60 -3.30
C ALA A 52 1.34 -6.81 -1.82
N PHE A 53 1.63 -5.80 -1.02
CA PHE A 53 1.37 -5.85 0.42
C PHE A 53 -0.12 -5.69 0.70
N ARG A 54 -0.72 -4.68 0.10
CA ARG A 54 -2.14 -4.41 0.27
C ARG A 54 -2.98 -5.66 0.08
N GLU A 55 -2.68 -6.40 -0.98
CA GLU A 55 -3.42 -7.63 -1.29
C GLU A 55 -3.16 -8.71 -0.24
N GLU A 56 -1.90 -8.92 0.10
CA GLU A 56 -1.53 -9.94 1.07
C GLU A 56 -2.14 -9.66 2.44
N ALA A 57 -2.33 -8.39 2.76
CA ALA A 57 -2.90 -7.99 4.04
C ALA A 57 -4.42 -8.06 4.02
N ILE A 58 -5.03 -7.38 3.05
CA ILE A 58 -6.48 -7.36 2.95
C ILE A 58 -7.04 -8.77 2.82
N LYS A 59 -6.39 -9.58 1.98
CA LYS A 59 -6.82 -10.97 1.79
C LYS A 59 -7.04 -11.65 3.13
N PHE A 60 -6.03 -11.59 4.00
CA PHE A 60 -6.14 -12.20 5.33
C PHE A 60 -4.90 -11.92 6.17
N SER A 61 -4.91 -10.80 6.89
CA SER A 61 -3.78 -10.43 7.74
C SER A 61 -4.09 -9.20 8.58
N GLU A 62 -3.65 -8.03 8.10
CA GLU A 62 -3.87 -6.80 8.82
C GLU A 62 -4.33 -5.68 7.89
N GLU A 63 -5.52 -5.86 7.32
CA GLU A 63 -6.09 -4.86 6.42
C GLU A 63 -6.12 -3.47 7.08
N GLN A 64 -6.34 -3.45 8.40
CA GLN A 64 -6.40 -2.19 9.14
C GLN A 64 -5.03 -1.51 9.18
N ARG A 65 -3.99 -2.28 8.89
CA ARG A 65 -2.64 -1.77 8.88
C ARG A 65 -2.43 -0.93 7.62
N PHE A 66 -3.30 -1.13 6.65
CA PHE A 66 -3.24 -0.40 5.40
C PHE A 66 -3.98 0.93 5.54
N ASN A 67 -5.21 0.86 6.05
CA ASN A 67 -5.99 2.07 6.27
C ASN A 67 -5.32 2.92 7.33
N ASN A 68 -4.45 2.27 8.10
CA ASN A 68 -3.70 2.94 9.14
C ASN A 68 -2.64 3.83 8.51
N PHE A 69 -1.77 3.21 7.71
CA PHE A 69 -0.73 3.93 7.01
C PHE A 69 -1.32 4.83 5.92
N LEU A 70 -2.51 4.48 5.46
CA LEU A 70 -3.19 5.25 4.42
C LEU A 70 -3.59 6.62 4.95
N LYS A 71 -4.28 6.63 6.08
CA LYS A 71 -4.72 7.86 6.72
C LYS A 71 -3.54 8.77 7.00
N ALA A 72 -2.45 8.18 7.50
CA ALA A 72 -1.24 8.95 7.83
C ALA A 72 -0.55 9.43 6.57
N LEU A 73 -0.39 8.53 5.60
CA LEU A 73 0.25 8.86 4.34
C LEU A 73 -0.48 9.99 3.63
N GLN A 74 -1.76 9.76 3.35
CA GLN A 74 -2.59 10.74 2.66
C GLN A 74 -2.49 12.13 3.28
N GLU A 75 -2.81 12.23 4.57
CA GLU A 75 -2.77 13.51 5.26
C GLU A 75 -1.41 14.19 5.10
N LYS A 76 -0.33 13.40 5.19
CA LYS A 76 1.02 13.93 5.05
C LYS A 76 1.27 14.45 3.65
N VAL A 77 1.12 13.57 2.66
CA VAL A 77 1.35 13.95 1.26
C VAL A 77 0.36 15.03 0.83
N GLU A 78 -0.77 15.10 1.52
CA GLU A 78 -1.79 16.09 1.21
C GLU A 78 -1.23 17.48 1.37
N ILE A 79 -0.58 17.72 2.50
CA ILE A 79 0.02 19.03 2.79
C ILE A 79 1.26 19.31 1.92
N LYS A 80 1.09 19.21 0.60
CA LYS A 80 2.16 19.50 -0.36
C LYS A 80 3.46 18.78 -0.03
N GLN A 81 3.42 17.45 -0.11
CA GLN A 81 4.59 16.62 0.16
C GLN A 81 4.89 15.74 -1.06
N LEU A 82 4.11 14.68 -1.20
CA LEU A 82 4.28 13.76 -2.34
C LEU A 82 2.92 13.37 -2.93
N ASN A 83 2.20 14.38 -3.44
CA ASN A 83 0.89 14.15 -4.04
C ASN A 83 1.00 13.32 -5.32
N HIS A 84 2.18 13.37 -5.95
CA HIS A 84 2.40 12.62 -7.19
C HIS A 84 2.04 11.15 -7.00
N PHE A 85 2.60 10.54 -5.96
CA PHE A 85 2.33 9.13 -5.66
C PHE A 85 0.83 8.89 -5.60
N TRP A 86 0.11 9.80 -4.96
CA TRP A 86 -1.33 9.68 -4.82
C TRP A 86 -2.02 9.66 -6.19
N GLU A 87 -1.56 10.52 -7.09
CA GLU A 87 -2.12 10.58 -8.43
C GLU A 87 -1.90 9.27 -9.16
N ILE A 88 -0.72 8.69 -8.95
CA ILE A 88 -0.37 7.42 -9.57
C ILE A 88 -1.04 6.28 -8.82
N VAL A 89 -1.46 6.57 -7.60
CA VAL A 89 -2.12 5.58 -6.74
C VAL A 89 -3.59 5.46 -7.12
N VAL A 90 -4.22 6.59 -7.39
CA VAL A 90 -5.62 6.61 -7.77
C VAL A 90 -5.79 6.17 -9.21
N GLN A 91 -4.84 6.56 -10.06
CA GLN A 91 -4.86 6.20 -11.46
C GLN A 91 -4.77 4.68 -11.63
N ASP A 92 -3.81 4.07 -10.94
CA ASP A 92 -3.61 2.63 -11.01
C ASP A 92 -4.86 1.88 -10.53
N GLY A 93 -5.79 2.61 -9.94
CA GLY A 93 -7.02 2.00 -9.46
C GLY A 93 -6.90 1.51 -8.02
N ILE A 94 -6.08 2.19 -7.23
CA ILE A 94 -5.90 1.82 -5.83
C ILE A 94 -6.86 2.60 -4.94
N THR A 95 -7.76 1.86 -4.28
CA THR A 95 -8.75 2.47 -3.40
C THR A 95 -8.26 2.51 -1.95
N LEU A 96 -9.18 2.80 -1.03
CA LEU A 96 -8.85 2.89 0.38
C LEU A 96 -9.20 1.61 1.10
N ILE A 97 -9.63 0.62 0.31
CA ILE A 97 -10.00 -0.69 0.84
C ILE A 97 -11.46 -0.65 1.31
N THR A 98 -12.28 -1.51 0.72
CA THR A 98 -13.69 -1.57 1.07
C THR A 98 -14.05 -2.89 1.75
N LYS A 99 -15.06 -2.83 2.62
CA LYS A 99 -15.53 -4.01 3.34
C LYS A 99 -15.62 -5.23 2.43
N GLU A 100 -16.40 -5.12 1.36
CA GLU A 100 -16.58 -6.22 0.42
C GLU A 100 -15.26 -6.61 -0.24
N GLU A 101 -14.34 -5.67 -0.33
CA GLU A 101 -13.04 -5.93 -0.95
C GLU A 101 -11.95 -6.09 0.12
N ALA A 102 -12.37 -6.31 1.36
CA ALA A 102 -11.42 -6.48 2.46
C ALA A 102 -11.15 -7.96 2.73
N SER A 103 -11.88 -8.53 3.67
CA SER A 103 -11.71 -9.94 4.02
C SER A 103 -13.05 -10.59 4.34
N GLY A 104 -14.06 -9.77 4.58
CA GLY A 104 -15.39 -10.28 4.90
C GLY A 104 -16.37 -9.17 5.24
N SER A 105 -16.54 -8.23 4.32
CA SER A 105 -17.46 -7.11 4.52
C SER A 105 -17.16 -6.39 5.83
N SER A 106 -15.88 -6.15 6.10
CA SER A 106 -15.48 -5.46 7.32
C SER A 106 -14.63 -4.22 7.02
N VAL A 107 -15.31 -3.08 6.84
CA VAL A 107 -14.65 -1.79 6.56
C VAL A 107 -15.69 -0.76 6.17
N THR A 108 -15.52 0.47 6.66
CA THR A 108 -16.45 1.55 6.37
C THR A 108 -16.35 1.98 4.91
N ALA A 109 -17.46 2.46 4.35
CA ALA A 109 -17.49 2.90 2.97
C ALA A 109 -16.94 4.33 2.85
N GLU A 110 -17.42 5.21 3.72
CA GLU A 110 -16.98 6.60 3.74
C GLU A 110 -15.46 6.73 3.57
N GLU A 111 -14.73 5.66 3.87
CA GLU A 111 -13.27 5.67 3.74
C GLU A 111 -12.90 5.59 2.26
N ALA A 112 -13.46 4.59 1.60
CA ALA A 112 -13.19 4.37 0.18
C ALA A 112 -13.99 5.32 -0.71
N LYS A 113 -15.06 5.89 -0.15
CA LYS A 113 -15.91 6.80 -0.90
C LYS A 113 -15.43 8.25 -0.83
N LYS A 114 -15.14 8.72 0.38
CA LYS A 114 -14.71 10.11 0.58
C LYS A 114 -13.30 10.37 0.08
N PHE A 115 -12.50 9.31 -0.05
CA PHE A 115 -11.11 9.47 -0.50
C PHE A 115 -11.01 9.55 -2.03
N LEU A 116 -11.69 8.64 -2.71
CA LEU A 116 -11.68 8.61 -4.18
C LEU A 116 -12.67 9.60 -4.76
N ALA A 117 -12.51 10.87 -4.40
CA ALA A 117 -13.40 11.92 -4.89
C ALA A 117 -12.65 12.87 -5.82
N PRO A 118 -13.37 13.55 -6.73
CA PRO A 118 -12.76 14.49 -7.67
C PRO A 118 -12.15 15.70 -6.97
N LYS A 119 -10.96 16.10 -7.42
CA LYS A 119 -10.27 17.24 -6.83
C LYS A 119 -10.56 18.51 -7.63
N ASP A 120 -10.19 18.50 -8.90
CA ASP A 120 -10.41 19.66 -9.77
C ASP A 120 -11.88 19.80 -10.10
N GLY A 1 20.57 -12.03 -7.32
CA GLY A 1 19.76 -13.28 -7.41
C GLY A 1 18.27 -13.00 -7.48
N PRO A 2 17.66 -12.57 -6.35
CA PRO A 2 16.22 -12.27 -6.31
C PRO A 2 15.81 -11.19 -7.32
N VAL A 3 14.53 -10.86 -7.33
CA VAL A 3 14.01 -9.85 -8.25
C VAL A 3 12.61 -9.40 -7.84
N ASN A 4 12.37 -8.09 -7.90
CA ASN A 4 11.09 -7.52 -7.55
C ASN A 4 10.78 -7.74 -6.05
N PRO A 5 10.73 -6.64 -5.27
CA PRO A 5 10.45 -6.73 -3.82
C PRO A 5 9.16 -7.48 -3.52
N ALA A 6 8.21 -7.41 -4.45
CA ALA A 6 6.93 -8.09 -4.28
C ALA A 6 7.10 -9.60 -4.29
N GLU A 7 8.00 -10.09 -5.14
CA GLU A 7 8.28 -11.52 -5.24
C GLU A 7 9.02 -12.02 -4.01
N ASN A 8 10.07 -11.30 -3.63
CA ASN A 8 10.87 -11.68 -2.46
C ASN A 8 10.02 -11.64 -1.20
N PHE A 9 9.02 -10.76 -1.20
CA PHE A 9 8.13 -10.62 -0.05
C PHE A 9 7.20 -11.82 0.06
N ARG A 10 6.51 -12.13 -1.04
CA ARG A 10 5.59 -13.26 -1.08
C ARG A 10 6.30 -14.56 -0.71
N VAL A 11 7.57 -14.67 -1.10
CA VAL A 11 8.34 -15.87 -0.80
C VAL A 11 8.83 -15.86 0.64
N LEU A 12 9.35 -14.71 1.08
CA LEU A 12 9.87 -14.57 2.43
C LEU A 12 8.81 -15.00 3.46
N VAL A 13 7.54 -14.80 3.13
CA VAL A 13 6.46 -15.18 4.04
C VAL A 13 6.02 -16.62 3.78
N LYS A 14 5.95 -17.01 2.52
CA LYS A 14 5.55 -18.35 2.15
C LYS A 14 6.71 -19.33 2.26
N GLN A 15 7.32 -19.40 3.44
CA GLN A 15 8.45 -20.30 3.67
C GLN A 15 8.10 -21.34 4.71
N LYS A 16 7.53 -20.90 5.83
CA LYS A 16 7.13 -21.79 6.91
C LYS A 16 6.51 -21.00 8.06
N LYS A 17 7.22 -19.98 8.52
CA LYS A 17 6.75 -19.15 9.61
C LYS A 17 7.72 -17.99 9.88
N ALA A 18 7.89 -17.13 8.88
CA ALA A 18 8.80 -16.00 9.01
C ALA A 18 8.09 -14.81 9.66
N SER A 19 6.80 -14.99 9.96
CA SER A 19 6.00 -13.94 10.59
C SER A 19 5.78 -12.78 9.63
N PHE A 20 4.52 -12.39 9.45
CA PHE A 20 4.15 -11.30 8.57
C PHE A 20 4.75 -9.98 9.06
N GLU A 21 4.87 -9.83 10.37
CA GLU A 21 5.42 -8.63 10.97
C GLU A 21 6.74 -8.20 10.30
N GLU A 22 7.77 -9.03 10.45
CA GLU A 22 9.09 -8.73 9.88
C GLU A 22 9.00 -8.39 8.39
N ALA A 23 8.34 -9.25 7.63
CA ALA A 23 8.19 -9.05 6.19
C ALA A 23 7.48 -7.73 5.89
N SER A 24 6.48 -7.41 6.69
CA SER A 24 5.71 -6.18 6.49
C SER A 24 6.58 -4.96 6.74
N ASN A 25 7.23 -4.92 7.90
CA ASN A 25 8.10 -3.82 8.25
C ASN A 25 9.14 -3.59 7.16
N GLN A 26 9.80 -4.66 6.74
CA GLN A 26 10.81 -4.57 5.69
C GLN A 26 10.23 -3.96 4.42
N LEU A 27 9.07 -4.47 4.01
CA LEU A 27 8.41 -3.97 2.81
C LEU A 27 8.15 -2.47 2.91
N ILE A 28 7.59 -2.04 4.04
CA ILE A 28 7.29 -0.63 4.26
C ILE A 28 8.55 0.23 4.18
N ASN A 29 9.64 -0.24 4.79
CA ASN A 29 10.89 0.50 4.78
C ASN A 29 11.40 0.65 3.34
N HIS A 30 11.38 -0.44 2.60
CA HIS A 30 11.83 -0.43 1.21
C HIS A 30 11.09 0.66 0.44
N ILE A 31 9.77 0.69 0.61
CA ILE A 31 8.94 1.68 -0.05
C ILE A 31 9.37 3.10 0.35
N GLU A 32 9.52 3.31 1.65
CA GLU A 32 9.95 4.61 2.17
C GLU A 32 11.24 5.06 1.51
N GLN A 33 12.18 4.13 1.36
CA GLN A 33 13.45 4.43 0.73
C GLN A 33 13.24 4.85 -0.72
N PHE A 34 12.48 4.06 -1.46
CA PHE A 34 12.18 4.34 -2.86
C PHE A 34 11.62 5.76 -2.99
N LEU A 35 11.00 6.26 -1.93
CA LEU A 35 10.44 7.61 -1.94
C LEU A 35 11.53 8.66 -1.75
N ASP A 36 12.49 8.35 -0.87
CA ASP A 36 13.59 9.26 -0.59
C ASP A 36 14.38 9.56 -1.85
N THR A 37 14.64 8.54 -2.65
CA THR A 37 15.39 8.70 -3.89
C THR A 37 14.70 9.69 -4.83
N ASN A 38 13.38 9.75 -4.73
CA ASN A 38 12.59 10.66 -5.57
C ASN A 38 12.82 10.38 -7.05
N GLU A 39 12.92 9.11 -7.40
CA GLU A 39 13.13 8.70 -8.78
C GLU A 39 11.82 8.26 -9.44
N THR A 40 11.52 8.86 -10.59
CA THR A 40 10.29 8.53 -11.32
C THR A 40 10.16 7.03 -11.58
N PRO A 41 11.22 6.37 -12.08
CA PRO A 41 11.19 4.93 -12.37
C PRO A 41 10.82 4.10 -11.14
N TYR A 42 11.69 4.13 -10.14
CA TYR A 42 11.48 3.39 -8.89
C TYR A 42 10.05 3.56 -8.35
N PHE A 43 9.44 4.71 -8.60
CA PHE A 43 8.08 4.97 -8.13
C PHE A 43 7.12 3.91 -8.67
N MET A 44 7.32 3.51 -9.91
CA MET A 44 6.47 2.49 -10.54
C MET A 44 6.49 1.21 -9.73
N LYS A 45 7.56 1.01 -8.97
CA LYS A 45 7.69 -0.18 -8.13
C LYS A 45 6.85 -0.02 -6.87
N SER A 46 7.08 1.07 -6.14
CA SER A 46 6.33 1.36 -4.92
C SER A 46 4.85 1.07 -5.14
N ILE A 47 4.29 1.57 -6.24
CA ILE A 47 2.90 1.32 -6.56
C ILE A 47 2.62 -0.18 -6.61
N ASP A 48 3.46 -0.90 -7.35
CA ASP A 48 3.34 -2.35 -7.47
C ASP A 48 3.57 -3.01 -6.11
N CYS A 49 4.19 -2.25 -5.21
CA CYS A 49 4.48 -2.73 -3.87
C CYS A 49 3.24 -2.57 -3.00
N ILE A 50 2.63 -1.39 -3.06
CA ILE A 50 1.42 -1.10 -2.29
C ILE A 50 0.31 -2.07 -2.69
N ARG A 51 0.41 -2.59 -3.91
CA ARG A 51 -0.57 -3.52 -4.43
C ARG A 51 -0.33 -4.92 -3.85
N ALA A 52 0.92 -5.38 -3.98
CA ALA A 52 1.29 -6.69 -3.44
C ALA A 52 1.04 -6.76 -1.94
N PHE A 53 1.22 -5.62 -1.27
CA PHE A 53 1.04 -5.53 0.17
C PHE A 53 -0.45 -5.59 0.56
N ARG A 54 -1.26 -4.72 -0.05
CA ARG A 54 -2.68 -4.68 0.25
C ARG A 54 -3.33 -6.03 -0.04
N GLU A 55 -2.80 -6.75 -1.03
CA GLU A 55 -3.34 -8.04 -1.39
C GLU A 55 -3.04 -9.08 -0.31
N GLU A 56 -1.77 -9.18 0.05
CA GLU A 56 -1.33 -10.13 1.07
C GLU A 56 -1.89 -9.77 2.45
N ALA A 57 -2.21 -8.49 2.64
CA ALA A 57 -2.74 -8.02 3.92
C ALA A 57 -4.26 -8.19 4.00
N ILE A 58 -4.96 -7.57 3.05
CA ILE A 58 -6.42 -7.64 3.02
C ILE A 58 -6.89 -9.09 2.99
N LYS A 59 -6.22 -9.90 2.18
CA LYS A 59 -6.55 -11.31 2.06
C LYS A 59 -6.66 -11.95 3.44
N PHE A 60 -5.61 -11.81 4.25
CA PHE A 60 -5.59 -12.36 5.60
C PHE A 60 -4.30 -12.03 6.32
N SER A 61 -4.29 -10.90 7.02
CA SER A 61 -3.12 -10.46 7.75
C SER A 61 -3.42 -9.24 8.61
N GLU A 62 -3.05 -8.05 8.13
CA GLU A 62 -3.28 -6.82 8.87
C GLU A 62 -3.91 -5.76 7.99
N GLU A 63 -5.14 -6.03 7.54
CA GLU A 63 -5.87 -5.09 6.70
C GLU A 63 -5.93 -3.70 7.36
N GLN A 64 -6.04 -3.67 8.67
CA GLN A 64 -6.12 -2.41 9.42
C GLN A 64 -4.79 -1.66 9.35
N ARG A 65 -3.72 -2.39 9.09
CA ARG A 65 -2.39 -1.79 8.99
C ARG A 65 -2.28 -1.00 7.69
N PHE A 66 -3.15 -1.31 6.74
CA PHE A 66 -3.16 -0.63 5.46
C PHE A 66 -4.02 0.62 5.53
N ASN A 67 -5.21 0.50 6.11
CA ASN A 67 -6.09 1.66 6.25
C ASN A 67 -5.42 2.65 7.19
N ASN A 68 -4.46 2.15 7.95
CA ASN A 68 -3.73 2.98 8.90
C ASN A 68 -2.69 3.80 8.14
N PHE A 69 -1.80 3.12 7.43
CA PHE A 69 -0.76 3.77 6.65
C PHE A 69 -1.38 4.63 5.54
N LEU A 70 -2.50 4.17 5.00
CA LEU A 70 -3.20 4.89 3.94
C LEU A 70 -3.71 6.22 4.47
N LYS A 71 -4.37 6.18 5.63
CA LYS A 71 -4.90 7.39 6.25
C LYS A 71 -3.80 8.43 6.41
N ALA A 72 -2.64 7.98 6.88
CA ALA A 72 -1.50 8.87 7.07
C ALA A 72 -0.97 9.37 5.73
N LEU A 73 -0.84 8.45 4.78
CA LEU A 73 -0.35 8.78 3.45
C LEU A 73 -1.14 9.95 2.87
N GLN A 74 -2.44 9.93 3.09
CA GLN A 74 -3.32 11.00 2.62
C GLN A 74 -2.97 12.30 3.31
N GLU A 75 -2.89 12.25 4.63
CA GLU A 75 -2.56 13.44 5.43
C GLU A 75 -1.17 13.95 5.09
N LYS A 76 -0.32 13.05 4.59
CA LYS A 76 1.05 13.41 4.24
C LYS A 76 1.11 14.05 2.86
N VAL A 77 0.52 13.36 1.88
CA VAL A 77 0.51 13.84 0.52
C VAL A 77 -0.08 15.25 0.46
N GLU A 78 -1.00 15.54 1.36
CA GLU A 78 -1.61 16.86 1.43
C GLU A 78 -0.55 17.88 1.79
N ILE A 79 0.30 17.52 2.74
CA ILE A 79 1.40 18.38 3.17
C ILE A 79 2.32 18.70 2.00
N LYS A 80 2.06 18.05 0.86
CA LYS A 80 2.85 18.25 -0.36
C LYS A 80 4.19 17.51 -0.27
N GLN A 81 4.34 16.51 -1.14
CA GLN A 81 5.56 15.71 -1.19
C GLN A 81 5.43 14.59 -2.22
N LEU A 82 4.25 13.98 -2.27
CA LEU A 82 4.00 12.89 -3.20
C LEU A 82 2.73 13.14 -4.01
N ASN A 83 2.57 14.36 -4.52
CA ASN A 83 1.41 14.71 -5.32
C ASN A 83 1.29 13.82 -6.55
N HIS A 84 2.42 13.33 -7.02
CA HIS A 84 2.45 12.46 -8.19
C HIS A 84 2.05 11.03 -7.82
N PHE A 85 2.50 10.58 -6.64
CA PHE A 85 2.18 9.25 -6.17
C PHE A 85 0.67 9.07 -6.01
N TRP A 86 -0.03 10.18 -5.81
CA TRP A 86 -1.48 10.16 -5.66
C TRP A 86 -2.16 10.22 -7.02
N GLU A 87 -1.72 11.17 -7.85
CA GLU A 87 -2.28 11.33 -9.18
C GLU A 87 -2.09 10.06 -10.00
N ILE A 88 -1.12 9.25 -9.60
CA ILE A 88 -0.86 8.00 -10.30
C ILE A 88 -1.73 6.87 -9.76
N VAL A 89 -1.63 6.60 -8.46
CA VAL A 89 -2.42 5.54 -7.83
C VAL A 89 -3.91 5.77 -8.05
N VAL A 90 -4.32 7.02 -8.04
CA VAL A 90 -5.73 7.36 -8.24
C VAL A 90 -6.14 7.05 -9.68
N GLN A 91 -5.45 7.70 -10.62
CA GLN A 91 -5.71 7.48 -12.04
C GLN A 91 -5.66 5.99 -12.39
N ASP A 92 -4.82 5.25 -11.69
CA ASP A 92 -4.67 3.82 -11.92
C ASP A 92 -5.91 3.05 -11.46
N GLY A 93 -6.92 3.77 -11.02
CA GLY A 93 -8.15 3.14 -10.56
C GLY A 93 -8.02 2.53 -9.17
N ILE A 94 -6.85 2.67 -8.55
CA ILE A 94 -6.63 2.12 -7.22
C ILE A 94 -7.49 2.83 -6.18
N THR A 95 -8.13 2.08 -5.31
CA THR A 95 -8.99 2.65 -4.28
C THR A 95 -8.65 2.09 -2.90
N LEU A 96 -9.06 2.84 -1.86
CA LEU A 96 -8.81 2.45 -0.48
C LEU A 96 -9.41 1.08 -0.17
N ILE A 97 -9.15 0.61 1.04
CA ILE A 97 -9.67 -0.68 1.50
C ILE A 97 -11.17 -0.62 1.76
N THR A 98 -11.92 -1.47 1.06
CA THR A 98 -13.37 -1.52 1.22
C THR A 98 -13.79 -2.69 2.10
N LYS A 99 -14.81 -2.46 2.92
CA LYS A 99 -15.33 -3.49 3.83
C LYS A 99 -15.37 -4.88 3.19
N GLU A 100 -16.45 -5.17 2.47
CA GLU A 100 -16.63 -6.46 1.82
C GLU A 100 -15.43 -6.84 0.95
N GLU A 101 -14.63 -5.85 0.56
CA GLU A 101 -13.45 -6.11 -0.27
C GLU A 101 -12.39 -6.87 0.53
N ALA A 102 -12.78 -7.45 1.65
CA ALA A 102 -11.86 -8.21 2.49
C ALA A 102 -12.36 -9.64 2.68
N SER A 103 -13.56 -9.77 3.26
CA SER A 103 -14.16 -11.08 3.52
C SER A 103 -15.48 -10.93 4.26
N GLY A 104 -15.51 -10.01 5.21
CA GLY A 104 -16.70 -9.76 5.99
C GLY A 104 -16.43 -8.82 7.14
N SER A 105 -15.69 -7.76 6.86
CA SER A 105 -15.34 -6.77 7.88
C SER A 105 -15.84 -5.39 7.51
N SER A 106 -16.53 -4.76 8.45
CA SER A 106 -17.06 -3.45 8.24
C SER A 106 -15.93 -2.43 8.08
N VAL A 107 -16.13 -1.50 7.17
CA VAL A 107 -15.17 -0.46 6.91
C VAL A 107 -15.88 0.87 6.69
N THR A 108 -15.30 1.92 7.27
CA THR A 108 -15.86 3.25 7.17
C THR A 108 -16.08 3.70 5.73
N ALA A 109 -17.11 4.52 5.55
CA ALA A 109 -17.44 5.06 4.23
C ALA A 109 -16.58 6.27 3.92
N GLU A 110 -15.89 6.75 4.95
CA GLU A 110 -15.02 7.92 4.83
C GLU A 110 -13.65 7.49 4.33
N GLU A 111 -13.37 6.20 4.41
CA GLU A 111 -12.09 5.66 3.99
C GLU A 111 -12.07 5.44 2.48
N ALA A 112 -13.11 4.79 1.97
CA ALA A 112 -13.18 4.49 0.55
C ALA A 112 -13.82 5.60 -0.28
N LYS A 113 -14.91 6.17 0.22
CA LYS A 113 -15.63 7.21 -0.52
C LYS A 113 -15.00 8.59 -0.39
N LYS A 114 -14.67 8.99 0.84
CA LYS A 114 -14.10 10.31 1.06
C LYS A 114 -12.73 10.46 0.38
N PHE A 115 -11.97 9.36 0.33
CA PHE A 115 -10.65 9.38 -0.29
C PHE A 115 -10.75 9.59 -1.80
N LEU A 116 -11.64 8.83 -2.44
CA LEU A 116 -11.82 8.92 -3.88
C LEU A 116 -13.17 9.54 -4.21
N ALA A 117 -13.38 10.78 -3.79
CA ALA A 117 -14.62 11.49 -4.05
C ALA A 117 -14.62 12.10 -5.45
N PRO A 118 -15.81 12.30 -6.05
CA PRO A 118 -15.93 12.89 -7.40
C PRO A 118 -15.51 14.35 -7.43
N LYS A 119 -15.62 15.02 -6.29
CA LYS A 119 -15.25 16.43 -6.18
C LYS A 119 -14.03 16.60 -5.28
N ASP A 120 -13.53 15.49 -4.75
CA ASP A 120 -12.37 15.52 -3.87
C ASP A 120 -11.56 14.23 -4.01
N GLY A 1 16.41 -5.37 -10.56
CA GLY A 1 15.84 -5.63 -11.91
C GLY A 1 15.38 -7.07 -12.08
N PRO A 2 16.32 -8.02 -12.19
CA PRO A 2 15.99 -9.44 -12.36
C PRO A 2 15.10 -9.96 -11.23
N VAL A 3 15.25 -9.38 -10.05
CA VAL A 3 14.45 -9.79 -8.89
C VAL A 3 13.40 -8.75 -8.56
N ASN A 4 12.22 -9.23 -8.14
CA ASN A 4 11.12 -8.34 -7.80
C ASN A 4 10.86 -8.35 -6.30
N PRO A 5 10.62 -7.17 -5.69
CA PRO A 5 10.36 -7.06 -4.24
C PRO A 5 9.09 -7.79 -3.82
N ALA A 6 8.07 -7.74 -4.67
CA ALA A 6 6.79 -8.39 -4.40
C ALA A 6 6.94 -9.91 -4.46
N GLU A 7 7.84 -10.38 -5.31
CA GLU A 7 8.07 -11.81 -5.46
C GLU A 7 8.81 -12.37 -4.26
N ASN A 8 9.92 -11.74 -3.91
CA ASN A 8 10.74 -12.18 -2.77
C ASN A 8 9.95 -12.03 -1.47
N PHE A 9 8.99 -11.11 -1.47
CA PHE A 9 8.16 -10.88 -0.28
C PHE A 9 7.15 -12.00 -0.10
N ARG A 10 6.36 -12.25 -1.14
CA ARG A 10 5.34 -13.30 -1.09
C ARG A 10 5.97 -14.65 -0.73
N VAL A 11 7.23 -14.83 -1.08
CA VAL A 11 7.94 -16.07 -0.78
C VAL A 11 8.54 -16.03 0.61
N LEU A 12 9.18 -14.92 0.95
CA LEU A 12 9.80 -14.76 2.25
C LEU A 12 8.80 -15.01 3.38
N VAL A 13 7.54 -14.67 3.13
CA VAL A 13 6.49 -14.87 4.14
C VAL A 13 6.04 -16.33 4.14
N LYS A 14 5.73 -16.85 2.97
CA LYS A 14 5.29 -18.23 2.84
C LYS A 14 6.50 -19.16 2.86
N GLN A 15 7.49 -18.83 3.69
CA GLN A 15 8.70 -19.63 3.79
C GLN A 15 8.53 -20.78 4.77
N LYS A 16 8.01 -20.48 5.97
CA LYS A 16 7.81 -21.51 6.99
C LYS A 16 7.36 -20.90 8.31
N LYS A 17 7.92 -19.74 8.66
CA LYS A 17 7.56 -19.10 9.91
C LYS A 17 7.21 -17.63 9.72
N ALA A 18 7.80 -16.99 8.71
CA ALA A 18 7.52 -15.58 8.46
C ALA A 18 6.03 -15.32 8.35
N SER A 19 5.45 -14.72 9.39
CA SER A 19 4.02 -14.43 9.41
C SER A 19 3.71 -13.09 8.75
N PHE A 20 4.17 -12.01 9.37
CA PHE A 20 3.92 -10.67 8.84
C PHE A 20 4.56 -9.61 9.73
N GLU A 21 5.80 -9.85 10.14
CA GLU A 21 6.51 -8.90 11.01
C GLU A 21 7.80 -8.43 10.35
N GLU A 22 8.77 -9.34 10.22
CA GLU A 22 10.04 -9.01 9.61
C GLU A 22 9.89 -8.68 8.14
N ALA A 23 9.09 -9.49 7.45
CA ALA A 23 8.85 -9.29 6.01
C ALA A 23 8.07 -8.00 5.76
N SER A 24 7.23 -7.62 6.70
CA SER A 24 6.42 -6.40 6.57
C SER A 24 7.29 -5.16 6.75
N ASN A 25 7.95 -5.06 7.90
CA ASN A 25 8.81 -3.93 8.20
C ASN A 25 9.84 -3.73 7.09
N GLN A 26 10.42 -4.82 6.62
CA GLN A 26 11.41 -4.77 5.56
C GLN A 26 10.81 -4.20 4.28
N LEU A 27 9.64 -4.70 3.90
CA LEU A 27 8.96 -4.23 2.71
C LEU A 27 8.73 -2.72 2.78
N ILE A 28 8.21 -2.25 3.91
CA ILE A 28 7.94 -0.84 4.10
C ILE A 28 9.24 -0.03 4.07
N ASN A 29 10.32 -0.63 4.59
CA ASN A 29 11.61 0.02 4.61
C ASN A 29 12.12 0.24 3.20
N HIS A 30 12.00 -0.79 2.37
CA HIS A 30 12.43 -0.72 0.98
C HIS A 30 11.66 0.38 0.26
N ILE A 31 10.34 0.41 0.48
CA ILE A 31 9.49 1.41 -0.13
C ILE A 31 9.97 2.82 0.24
N GLU A 32 10.17 3.03 1.53
CA GLU A 32 10.64 4.33 2.03
C GLU A 32 11.97 4.70 1.40
N GLN A 33 12.90 3.76 1.39
CA GLN A 33 14.22 3.98 0.80
C GLN A 33 14.09 4.48 -0.63
N PHE A 34 13.28 3.78 -1.42
CA PHE A 34 13.06 4.17 -2.80
C PHE A 34 12.61 5.63 -2.89
N LEU A 35 11.69 6.03 -2.02
CA LEU A 35 11.17 7.40 -2.01
C LEU A 35 12.30 8.40 -1.73
N ASP A 36 13.40 7.89 -1.19
CA ASP A 36 14.55 8.74 -0.86
C ASP A 36 15.35 9.08 -2.11
N THR A 37 14.96 8.48 -3.23
CA THR A 37 15.62 8.72 -4.51
C THR A 37 14.62 9.12 -5.57
N ASN A 38 14.79 10.32 -6.10
CA ASN A 38 13.90 10.84 -7.13
C ASN A 38 14.21 10.20 -8.48
N GLU A 39 13.19 9.64 -9.11
CA GLU A 39 13.34 9.00 -10.41
C GLU A 39 12.00 8.82 -11.11
N THR A 40 12.03 8.54 -12.40
CA THR A 40 10.80 8.36 -13.17
C THR A 40 10.22 6.94 -13.02
N PRO A 41 11.04 5.88 -13.21
CA PRO A 41 10.57 4.50 -13.11
C PRO A 41 10.67 3.92 -11.70
N TYR A 42 10.98 4.76 -10.72
CA TYR A 42 11.09 4.32 -9.35
C TYR A 42 9.75 4.34 -8.64
N PHE A 43 8.92 5.32 -8.97
CA PHE A 43 7.59 5.45 -8.36
C PHE A 43 6.71 4.25 -8.73
N MET A 44 7.12 3.53 -9.78
CA MET A 44 6.37 2.37 -10.24
C MET A 44 6.64 1.18 -9.33
N LYS A 45 7.82 1.18 -8.71
CA LYS A 45 8.21 0.10 -7.80
C LYS A 45 7.49 0.23 -6.47
N SER A 46 7.22 1.47 -6.07
CA SER A 46 6.53 1.73 -4.81
C SER A 46 5.09 1.22 -4.89
N ILE A 47 4.37 1.64 -5.92
CA ILE A 47 2.99 1.23 -6.13
C ILE A 47 2.91 -0.29 -6.26
N ASP A 48 3.88 -0.87 -6.97
CA ASP A 48 3.92 -2.31 -7.16
C ASP A 48 4.09 -3.01 -5.81
N CYS A 49 4.68 -2.30 -4.86
CA CYS A 49 4.90 -2.83 -3.53
C CYS A 49 3.64 -2.65 -2.68
N ILE A 50 3.07 -1.44 -2.70
CA ILE A 50 1.86 -1.14 -1.94
C ILE A 50 0.69 -1.99 -2.45
N ARG A 51 0.83 -2.48 -3.67
CA ARG A 51 -0.22 -3.31 -4.28
C ARG A 51 -0.13 -4.72 -3.74
N ALA A 52 1.05 -5.32 -3.84
CA ALA A 52 1.27 -6.67 -3.36
C ALA A 52 1.05 -6.76 -1.86
N PHE A 53 1.35 -5.67 -1.16
CA PHE A 53 1.19 -5.60 0.29
C PHE A 53 -0.29 -5.53 0.67
N ARG A 54 -0.99 -4.53 0.11
CA ARG A 54 -2.41 -4.34 0.38
C ARG A 54 -3.20 -5.61 0.11
N GLU A 55 -2.85 -6.31 -0.96
CA GLU A 55 -3.53 -7.54 -1.33
C GLU A 55 -3.34 -8.63 -0.27
N GLU A 56 -2.08 -8.86 0.10
CA GLU A 56 -1.74 -9.88 1.09
C GLU A 56 -2.32 -9.53 2.46
N ALA A 57 -2.56 -8.24 2.69
CA ALA A 57 -3.10 -7.78 3.96
C ALA A 57 -4.62 -7.86 3.97
N ILE A 58 -5.24 -7.16 3.01
CA ILE A 58 -6.69 -7.15 2.90
C ILE A 58 -7.23 -8.57 2.84
N LYS A 59 -6.51 -9.43 2.10
CA LYS A 59 -6.90 -10.82 1.96
C LYS A 59 -7.16 -11.43 3.32
N PHE A 60 -6.17 -11.33 4.22
CA PHE A 60 -6.32 -11.89 5.56
C PHE A 60 -5.10 -11.59 6.43
N SER A 61 -5.04 -10.38 6.97
CA SER A 61 -3.91 -9.99 7.81
C SER A 61 -4.25 -8.80 8.69
N GLU A 62 -3.83 -7.61 8.26
CA GLU A 62 -4.07 -6.40 9.03
C GLU A 62 -4.60 -5.28 8.15
N GLU A 63 -5.80 -5.48 7.60
CA GLU A 63 -6.43 -4.48 6.75
C GLU A 63 -6.48 -3.11 7.43
N GLN A 64 -6.68 -3.11 8.75
CA GLN A 64 -6.75 -1.86 9.52
C GLN A 64 -5.38 -1.20 9.61
N ARG A 65 -4.33 -1.97 9.35
CA ARG A 65 -2.97 -1.44 9.39
C ARG A 65 -2.64 -0.67 8.12
N PHE A 66 -3.38 -0.92 7.05
CA PHE A 66 -3.15 -0.25 5.78
C PHE A 66 -3.92 1.06 5.71
N ASN A 67 -5.20 1.03 6.09
CA ASN A 67 -6.02 2.23 6.10
C ASN A 67 -5.49 3.16 7.18
N ASN A 68 -4.71 2.56 8.08
CA ASN A 68 -4.09 3.30 9.17
C ASN A 68 -3.00 4.18 8.59
N PHE A 69 -2.05 3.55 7.91
CA PHE A 69 -0.95 4.27 7.28
C PHE A 69 -1.44 5.07 6.08
N LEU A 70 -2.55 4.62 5.48
CA LEU A 70 -3.12 5.29 4.32
C LEU A 70 -3.68 6.65 4.70
N LYS A 71 -4.45 6.69 5.79
CA LYS A 71 -5.03 7.94 6.27
C LYS A 71 -3.95 8.96 6.58
N ALA A 72 -2.81 8.47 7.08
CA ALA A 72 -1.70 9.34 7.42
C ALA A 72 -0.92 9.74 6.17
N LEU A 73 -0.70 8.79 5.28
CA LEU A 73 0.03 9.03 4.05
C LEU A 73 -0.71 10.03 3.17
N GLN A 74 -2.02 9.84 3.03
CA GLN A 74 -2.84 10.73 2.23
C GLN A 74 -2.75 12.17 2.73
N GLU A 75 -3.02 12.36 4.01
CA GLU A 75 -2.98 13.69 4.61
C GLU A 75 -1.57 14.29 4.55
N LYS A 76 -0.57 13.43 4.64
CA LYS A 76 0.82 13.87 4.60
C LYS A 76 1.20 14.37 3.21
N VAL A 77 1.05 13.51 2.21
CA VAL A 77 1.39 13.86 0.84
C VAL A 77 0.47 14.95 0.31
N GLU A 78 -0.76 14.99 0.82
CA GLU A 78 -1.73 16.00 0.39
C GLU A 78 -1.16 17.39 0.63
N ILE A 79 -0.71 17.64 1.86
CA ILE A 79 -0.14 18.93 2.21
C ILE A 79 1.10 19.22 1.37
N LYS A 80 2.24 18.68 1.78
CA LYS A 80 3.49 18.87 1.07
C LYS A 80 4.43 17.69 1.29
N GLN A 81 4.56 16.84 0.27
CA GLN A 81 5.43 15.67 0.36
C GLN A 81 5.51 14.96 -1.00
N LEU A 82 4.44 14.23 -1.34
CA LEU A 82 4.39 13.52 -2.61
C LEU A 82 2.94 13.37 -3.07
N ASN A 83 2.33 14.48 -3.47
CA ASN A 83 0.95 14.47 -3.94
C ASN A 83 0.84 13.70 -5.26
N HIS A 84 1.97 13.54 -5.94
CA HIS A 84 2.01 12.83 -7.21
C HIS A 84 1.66 11.36 -7.01
N PHE A 85 2.17 10.77 -5.93
CA PHE A 85 1.91 9.38 -5.63
C PHE A 85 0.42 9.12 -5.46
N TRP A 86 -0.31 10.15 -5.03
CA TRP A 86 -1.74 10.04 -4.83
C TRP A 86 -2.48 10.12 -6.16
N GLU A 87 -2.11 11.12 -6.98
CA GLU A 87 -2.74 11.30 -8.29
C GLU A 87 -2.47 10.09 -9.17
N ILE A 88 -1.41 9.35 -8.83
CA ILE A 88 -1.05 8.16 -9.57
C ILE A 88 -1.82 6.96 -9.04
N VAL A 89 -1.62 6.67 -7.75
CA VAL A 89 -2.31 5.57 -7.09
C VAL A 89 -3.80 5.56 -7.41
N VAL A 90 -4.38 6.76 -7.55
CA VAL A 90 -5.81 6.87 -7.85
C VAL A 90 -6.09 6.55 -9.31
N GLN A 91 -5.32 7.17 -10.20
CA GLN A 91 -5.47 6.95 -11.63
C GLN A 91 -5.33 5.47 -11.98
N ASP A 92 -4.39 4.80 -11.30
CA ASP A 92 -4.14 3.38 -11.54
C ASP A 92 -5.33 2.53 -11.10
N GLY A 93 -6.36 3.18 -10.56
CA GLY A 93 -7.54 2.47 -10.11
C GLY A 93 -7.30 1.70 -8.83
N ILE A 94 -6.69 2.35 -7.85
CA ILE A 94 -6.41 1.70 -6.57
C ILE A 94 -7.35 2.23 -5.49
N THR A 95 -7.95 1.32 -4.75
CA THR A 95 -8.89 1.67 -3.68
C THR A 95 -8.24 1.62 -2.31
N LEU A 96 -9.06 1.67 -1.28
CA LEU A 96 -8.56 1.63 0.10
C LEU A 96 -8.73 0.24 0.69
N ILE A 97 -9.21 0.16 1.92
CA ILE A 97 -9.40 -1.13 2.58
C ILE A 97 -10.87 -1.38 2.91
N THR A 98 -11.45 -2.40 2.28
CA THR A 98 -12.84 -2.76 2.52
C THR A 98 -12.93 -3.99 3.42
N LYS A 99 -13.78 -3.93 4.44
CA LYS A 99 -13.97 -5.03 5.38
C LYS A 99 -14.34 -6.33 4.65
N GLU A 100 -15.07 -6.20 3.55
CA GLU A 100 -15.48 -7.37 2.78
C GLU A 100 -14.27 -8.16 2.30
N GLU A 101 -13.14 -7.48 2.18
CA GLU A 101 -11.90 -8.10 1.74
C GLU A 101 -11.28 -8.94 2.84
N ALA A 102 -11.65 -8.66 4.09
CA ALA A 102 -11.12 -9.40 5.23
C ALA A 102 -12.20 -9.74 6.25
N SER A 103 -12.70 -8.71 6.93
CA SER A 103 -13.73 -8.90 7.95
C SER A 103 -14.93 -9.68 7.41
N GLY A 104 -15.90 -8.97 6.86
CA GLY A 104 -17.09 -9.65 6.32
C GLY A 104 -18.05 -8.69 5.62
N SER A 105 -18.52 -7.69 6.35
CA SER A 105 -19.47 -6.72 5.80
C SER A 105 -18.82 -5.87 4.71
N SER A 106 -19.35 -4.67 4.50
CA SER A 106 -18.82 -3.78 3.47
C SER A 106 -18.42 -2.43 4.07
N VAL A 107 -17.17 -2.33 4.50
CA VAL A 107 -16.62 -1.12 5.08
C VAL A 107 -17.36 0.13 4.61
N THR A 108 -17.71 1.00 5.56
CA THR A 108 -18.42 2.23 5.27
C THR A 108 -17.78 2.99 4.11
N ALA A 109 -18.62 3.74 3.39
CA ALA A 109 -18.15 4.51 2.24
C ALA A 109 -17.10 5.55 2.66
N GLU A 110 -17.22 6.04 3.87
CA GLU A 110 -16.27 7.03 4.37
C GLU A 110 -14.82 6.58 4.18
N GLU A 111 -14.61 5.27 4.11
CA GLU A 111 -13.26 4.74 3.92
C GLU A 111 -12.95 4.57 2.44
N ALA A 112 -13.77 3.77 1.75
CA ALA A 112 -13.57 3.48 0.34
C ALA A 112 -14.08 4.58 -0.60
N LYS A 113 -15.16 5.25 -0.23
CA LYS A 113 -15.75 6.29 -1.08
C LYS A 113 -15.15 7.68 -0.84
N LYS A 114 -14.97 8.04 0.42
CA LYS A 114 -14.45 9.36 0.76
C LYS A 114 -13.00 9.56 0.31
N PHE A 115 -12.23 8.48 0.31
CA PHE A 115 -10.82 8.56 -0.08
C PHE A 115 -10.65 8.70 -1.60
N LEU A 116 -11.36 7.88 -2.36
CA LEU A 116 -11.26 7.93 -3.82
C LEU A 116 -12.11 9.05 -4.40
N ALA A 117 -13.22 9.36 -3.73
CA ALA A 117 -14.10 10.43 -4.18
C ALA A 117 -14.28 11.49 -3.10
N PRO A 118 -14.25 12.78 -3.49
CA PRO A 118 -14.39 13.89 -2.55
C PRO A 118 -15.85 14.09 -2.11
N LYS A 119 -16.75 14.10 -3.09
CA LYS A 119 -18.18 14.28 -2.80
C LYS A 119 -18.99 13.08 -3.29
N ASP A 120 -20.28 13.09 -3.01
CA ASP A 120 -21.16 12.00 -3.42
C ASP A 120 -22.61 12.47 -3.45
N GLY A 1 21.43 -11.17 -4.92
CA GLY A 1 20.41 -10.78 -3.90
C GLY A 1 19.04 -10.56 -4.50
N PRO A 2 18.02 -10.28 -3.66
CA PRO A 2 16.66 -10.04 -4.14
C PRO A 2 16.58 -8.94 -5.18
N VAL A 3 15.66 -9.07 -6.13
CA VAL A 3 15.49 -8.09 -7.19
C VAL A 3 14.28 -7.20 -6.93
N ASN A 4 13.11 -7.82 -6.81
CA ASN A 4 11.87 -7.08 -6.56
C ASN A 4 11.38 -7.31 -5.13
N PRO A 5 10.96 -6.24 -4.43
CA PRO A 5 10.47 -6.35 -3.05
C PRO A 5 9.23 -7.23 -2.95
N ALA A 6 8.39 -7.18 -3.98
CA ALA A 6 7.16 -7.97 -4.01
C ALA A 6 7.48 -9.45 -4.24
N GLU A 7 8.67 -9.72 -4.75
CA GLU A 7 9.10 -11.09 -5.03
C GLU A 7 9.67 -11.75 -3.78
N ASN A 8 10.69 -11.13 -3.20
CA ASN A 8 11.33 -11.66 -2.00
C ASN A 8 10.36 -11.70 -0.83
N PHE A 9 9.41 -10.78 -0.81
CA PHE A 9 8.42 -10.72 0.27
C PHE A 9 7.43 -11.87 0.16
N ARG A 10 6.82 -12.02 -1.02
CA ARG A 10 5.85 -13.08 -1.25
C ARG A 10 6.43 -14.46 -0.92
N VAL A 11 7.70 -14.67 -1.28
CA VAL A 11 8.35 -15.95 -1.02
C VAL A 11 8.76 -16.08 0.45
N LEU A 12 9.31 -15.00 1.01
CA LEU A 12 9.75 -15.02 2.40
C LEU A 12 8.62 -15.40 3.34
N VAL A 13 7.41 -14.92 3.06
CA VAL A 13 6.26 -15.23 3.89
C VAL A 13 5.64 -16.58 3.51
N LYS A 14 6.15 -17.18 2.44
CA LYS A 14 5.66 -18.46 1.98
C LYS A 14 6.71 -19.55 2.13
N GLN A 15 7.39 -19.54 3.28
CA GLN A 15 8.43 -20.53 3.55
C GLN A 15 7.98 -21.51 4.62
N LYS A 16 7.43 -20.97 5.71
CA LYS A 16 6.95 -21.79 6.82
C LYS A 16 6.36 -20.92 7.92
N LYS A 17 7.16 -19.97 8.42
CA LYS A 17 6.72 -19.07 9.48
C LYS A 17 7.77 -17.99 9.74
N ALA A 18 7.85 -17.03 8.83
CA ALA A 18 8.82 -15.94 8.96
C ALA A 18 8.19 -14.73 9.65
N SER A 19 6.88 -14.85 9.94
CA SER A 19 6.14 -13.78 10.60
C SER A 19 5.92 -12.60 9.66
N PHE A 20 4.65 -12.25 9.46
CA PHE A 20 4.28 -11.16 8.57
C PHE A 20 4.88 -9.84 9.04
N GLU A 21 5.04 -9.70 10.35
CA GLU A 21 5.61 -8.48 10.94
C GLU A 21 6.95 -8.11 10.31
N GLU A 22 7.90 -9.05 10.35
CA GLU A 22 9.22 -8.82 9.79
C GLU A 22 9.16 -8.40 8.32
N ALA A 23 8.42 -9.17 7.52
CA ALA A 23 8.28 -8.89 6.10
C ALA A 23 7.60 -7.55 5.87
N SER A 24 6.64 -7.23 6.74
CA SER A 24 5.91 -5.97 6.64
C SER A 24 6.84 -4.78 6.84
N ASN A 25 7.59 -4.81 7.95
CA ASN A 25 8.53 -3.74 8.25
C ASN A 25 9.52 -3.54 7.12
N GLN A 26 10.03 -4.64 6.58
CA GLN A 26 10.99 -4.58 5.49
C GLN A 26 10.38 -3.92 4.25
N LEU A 27 9.19 -4.36 3.87
CA LEU A 27 8.49 -3.80 2.71
C LEU A 27 8.27 -2.30 2.87
N ILE A 28 7.82 -1.88 4.05
CA ILE A 28 7.58 -0.47 4.32
C ILE A 28 8.89 0.31 4.31
N ASN A 29 9.97 -0.34 4.75
CA ASN A 29 11.28 0.29 4.79
C ASN A 29 11.78 0.56 3.38
N HIS A 30 11.65 -0.44 2.51
CA HIS A 30 12.07 -0.32 1.13
C HIS A 30 11.29 0.79 0.43
N ILE A 31 9.98 0.81 0.67
CA ILE A 31 9.11 1.83 0.07
C ILE A 31 9.57 3.23 0.49
N GLU A 32 9.77 3.41 1.79
CA GLU A 32 10.20 4.70 2.32
C GLU A 32 11.50 5.15 1.64
N GLN A 33 12.42 4.21 1.46
CA GLN A 33 13.70 4.51 0.82
C GLN A 33 13.48 4.98 -0.60
N PHE A 34 12.64 4.26 -1.35
CA PHE A 34 12.34 4.61 -2.73
C PHE A 34 11.80 6.04 -2.81
N LEU A 35 11.01 6.42 -1.81
CA LEU A 35 10.43 7.75 -1.76
C LEU A 35 11.53 8.81 -1.69
N ASP A 36 12.51 8.58 -0.83
CA ASP A 36 13.63 9.51 -0.67
C ASP A 36 14.46 9.62 -1.96
N THR A 37 14.06 8.88 -2.98
CA THR A 37 14.76 8.89 -4.25
C THR A 37 13.82 9.35 -5.36
N ASN A 38 14.18 10.45 -6.00
CA ASN A 38 13.39 11.01 -7.09
C ASN A 38 13.69 10.28 -8.40
N GLU A 39 12.75 9.47 -8.86
CA GLU A 39 12.92 8.71 -10.09
C GLU A 39 11.57 8.19 -10.59
N THR A 40 11.30 8.38 -11.87
CA THR A 40 10.04 7.94 -12.47
C THR A 40 9.92 6.41 -12.44
N PRO A 41 10.96 5.67 -12.91
CA PRO A 41 10.93 4.21 -12.93
C PRO A 41 10.95 3.61 -11.52
N TYR A 42 11.25 4.44 -10.53
CA TYR A 42 11.30 3.98 -9.14
C TYR A 42 9.92 4.03 -8.50
N PHE A 43 9.18 5.11 -8.76
CA PHE A 43 7.85 5.27 -8.20
C PHE A 43 6.92 4.14 -8.66
N MET A 44 7.17 3.63 -9.86
CA MET A 44 6.37 2.54 -10.40
C MET A 44 6.56 1.28 -9.57
N LYS A 45 7.76 1.14 -9.02
CA LYS A 45 8.09 -0.01 -8.19
C LYS A 45 7.37 0.07 -6.85
N SER A 46 7.15 1.30 -6.37
CA SER A 46 6.47 1.50 -5.10
C SER A 46 5.02 1.06 -5.21
N ILE A 47 4.34 1.55 -6.26
CA ILE A 47 2.96 1.18 -6.49
C ILE A 47 2.83 -0.33 -6.63
N ASP A 48 3.77 -0.92 -7.38
CA ASP A 48 3.79 -2.36 -7.58
C ASP A 48 3.91 -3.07 -6.24
N CYS A 49 4.56 -2.40 -5.29
CA CYS A 49 4.74 -2.95 -3.96
C CYS A 49 3.46 -2.83 -3.16
N ILE A 50 2.82 -1.66 -3.24
CA ILE A 50 1.57 -1.41 -2.54
C ILE A 50 0.48 -2.37 -3.04
N ARG A 51 0.55 -2.72 -4.32
CA ARG A 51 -0.43 -3.63 -4.91
C ARG A 51 -0.24 -5.05 -4.41
N ALA A 52 1.01 -5.43 -4.18
CA ALA A 52 1.33 -6.76 -3.71
C ALA A 52 1.03 -6.88 -2.21
N PHE A 53 1.28 -5.80 -1.49
CA PHE A 53 1.04 -5.77 -0.05
C PHE A 53 -0.46 -5.65 0.24
N ARG A 54 -1.10 -4.68 -0.39
CA ARG A 54 -2.53 -4.45 -0.19
C ARG A 54 -3.32 -5.75 -0.32
N GLU A 55 -3.02 -6.53 -1.35
CA GLU A 55 -3.70 -7.79 -1.59
C GLU A 55 -3.35 -8.84 -0.53
N GLU A 56 -2.07 -8.94 -0.22
CA GLU A 56 -1.59 -9.93 0.75
C GLU A 56 -2.14 -9.67 2.15
N ALA A 57 -2.31 -8.39 2.50
CA ALA A 57 -2.81 -8.03 3.82
C ALA A 57 -4.33 -8.01 3.87
N ILE A 58 -4.94 -7.27 2.95
CA ILE A 58 -6.39 -7.15 2.90
C ILE A 58 -7.04 -8.53 2.84
N LYS A 59 -6.51 -9.39 1.97
CA LYS A 59 -7.05 -10.74 1.82
C LYS A 59 -7.19 -11.41 3.19
N PHE A 60 -6.12 -11.37 3.98
CA PHE A 60 -6.15 -11.97 5.32
C PHE A 60 -4.84 -11.71 6.06
N SER A 61 -4.87 -10.72 6.95
CA SER A 61 -3.69 -10.36 7.73
C SER A 61 -3.97 -9.18 8.65
N GLU A 62 -3.68 -7.98 8.18
CA GLU A 62 -3.90 -6.78 8.97
C GLU A 62 -4.46 -5.66 8.10
N GLU A 63 -5.62 -5.91 7.51
CA GLU A 63 -6.28 -4.92 6.66
C GLU A 63 -6.45 -3.59 7.37
N GLN A 64 -6.74 -3.63 8.67
CA GLN A 64 -6.93 -2.42 9.48
C GLN A 64 -5.63 -1.65 9.67
N ARG A 65 -4.53 -2.27 9.29
CA ARG A 65 -3.22 -1.62 9.39
C ARG A 65 -2.98 -0.70 8.19
N PHE A 66 -3.01 -1.28 6.99
CA PHE A 66 -2.80 -0.52 5.76
C PHE A 66 -3.65 0.75 5.72
N ASN A 67 -4.94 0.63 6.05
CA ASN A 67 -5.83 1.79 6.07
C ASN A 67 -5.33 2.77 7.13
N ASN A 68 -5.19 2.26 8.35
CA ASN A 68 -4.70 3.07 9.47
C ASN A 68 -3.53 3.95 9.01
N PHE A 69 -2.53 3.33 8.37
CA PHE A 69 -1.38 4.06 7.87
C PHE A 69 -1.75 4.91 6.66
N LEU A 70 -2.72 4.41 5.88
CA LEU A 70 -3.18 5.14 4.69
C LEU A 70 -3.70 6.51 5.09
N LYS A 71 -4.43 6.57 6.20
CA LYS A 71 -4.97 7.83 6.70
C LYS A 71 -3.83 8.76 7.05
N ALA A 72 -2.73 8.18 7.51
CA ALA A 72 -1.54 8.95 7.86
C ALA A 72 -0.84 9.40 6.59
N LEU A 73 -0.77 8.49 5.62
CA LEU A 73 -0.14 8.79 4.34
C LEU A 73 -0.82 10.00 3.70
N GLN A 74 -2.15 10.04 3.81
CA GLN A 74 -2.93 11.14 3.27
C GLN A 74 -2.51 12.45 3.92
N GLU A 75 -2.44 12.44 5.25
CA GLU A 75 -2.04 13.63 6.01
C GLU A 75 -0.60 14.02 5.69
N LYS A 76 0.18 13.04 5.26
CA LYS A 76 1.58 13.28 4.93
C LYS A 76 1.70 13.88 3.53
N VAL A 77 1.07 13.22 2.58
CA VAL A 77 1.09 13.69 1.20
C VAL A 77 0.45 15.07 1.13
N GLU A 78 -0.44 15.35 2.08
CA GLU A 78 -1.10 16.64 2.15
C GLU A 78 -0.05 17.73 2.31
N ILE A 79 0.86 17.52 3.27
CA ILE A 79 1.95 18.47 3.51
C ILE A 79 2.83 18.63 2.28
N LYS A 80 2.46 17.97 1.18
CA LYS A 80 3.19 18.04 -0.08
C LYS A 80 4.42 17.13 -0.06
N GLN A 81 4.33 16.04 -0.81
CA GLN A 81 5.41 15.07 -0.91
C GLN A 81 5.21 14.10 -2.07
N LEU A 82 4.05 13.45 -2.11
CA LEU A 82 3.74 12.49 -3.16
C LEU A 82 2.43 12.82 -3.86
N ASN A 83 2.33 14.05 -4.37
CA ASN A 83 1.13 14.48 -5.08
C ASN A 83 0.92 13.63 -6.33
N HIS A 84 2.03 13.30 -6.98
CA HIS A 84 1.98 12.49 -8.19
C HIS A 84 1.51 11.07 -7.88
N PHE A 85 2.05 10.50 -6.81
CA PHE A 85 1.69 9.15 -6.39
C PHE A 85 0.17 9.01 -6.27
N TRP A 86 -0.46 9.97 -5.61
CA TRP A 86 -1.90 9.94 -5.41
C TRP A 86 -2.64 9.88 -6.74
N GLU A 87 -2.18 10.69 -7.71
CA GLU A 87 -2.79 10.72 -9.02
C GLU A 87 -2.61 9.38 -9.73
N ILE A 88 -1.41 8.81 -9.58
CA ILE A 88 -1.10 7.52 -10.18
C ILE A 88 -1.79 6.40 -9.42
N VAL A 89 -2.18 6.70 -8.18
CA VAL A 89 -2.85 5.73 -7.32
C VAL A 89 -4.32 5.60 -7.71
N VAL A 90 -4.95 6.75 -8.00
CA VAL A 90 -6.34 6.75 -8.40
C VAL A 90 -6.49 6.23 -9.82
N GLN A 91 -5.46 6.44 -10.63
CA GLN A 91 -5.44 5.99 -12.01
C GLN A 91 -5.21 4.48 -12.09
N ASP A 92 -4.17 4.01 -11.40
CA ASP A 92 -3.85 2.58 -11.38
C ASP A 92 -5.02 1.75 -10.88
N GLY A 93 -5.96 2.39 -10.19
CA GLY A 93 -7.12 1.67 -9.70
C GLY A 93 -7.04 1.30 -8.23
N ILE A 94 -5.82 1.18 -7.69
CA ILE A 94 -5.66 0.82 -6.28
C ILE A 94 -6.59 1.64 -5.40
N THR A 95 -7.56 0.97 -4.80
CA THR A 95 -8.55 1.62 -3.95
C THR A 95 -8.14 1.59 -2.48
N LEU A 96 -9.08 1.93 -1.62
CA LEU A 96 -8.85 1.96 -0.18
C LEU A 96 -9.12 0.60 0.44
N ILE A 97 -9.28 0.58 1.76
CA ILE A 97 -9.54 -0.65 2.47
C ILE A 97 -10.97 -0.71 2.98
N THR A 98 -11.78 -1.58 2.39
CA THR A 98 -13.16 -1.75 2.81
C THR A 98 -13.34 -3.04 3.60
N LYS A 99 -14.10 -2.97 4.69
CA LYS A 99 -14.34 -4.14 5.53
C LYS A 99 -14.89 -5.30 4.70
N GLU A 100 -15.63 -4.96 3.64
CA GLU A 100 -16.21 -5.97 2.77
C GLU A 100 -15.12 -6.62 1.92
N GLU A 101 -14.08 -5.85 1.61
CA GLU A 101 -12.97 -6.36 0.83
C GLU A 101 -12.22 -7.43 1.61
N ALA A 102 -12.57 -7.56 2.89
CA ALA A 102 -11.94 -8.53 3.77
C ALA A 102 -12.95 -9.05 4.80
N SER A 103 -12.59 -9.00 6.07
CA SER A 103 -13.48 -9.46 7.14
C SER A 103 -14.38 -8.33 7.62
N GLY A 104 -15.54 -8.69 8.16
CA GLY A 104 -16.47 -7.70 8.65
C GLY A 104 -17.66 -7.51 7.73
N SER A 105 -18.12 -6.26 7.61
CA SER A 105 -19.27 -5.94 6.76
C SER A 105 -18.85 -4.95 5.67
N SER A 106 -19.44 -3.76 5.70
CA SER A 106 -19.11 -2.74 4.71
C SER A 106 -18.66 -1.46 5.40
N VAL A 107 -17.35 -1.37 5.66
CA VAL A 107 -16.78 -0.21 6.32
C VAL A 107 -17.31 1.09 5.73
N THR A 108 -17.37 2.13 6.57
CA THR A 108 -17.87 3.43 6.17
C THR A 108 -17.23 3.89 4.85
N ALA A 109 -17.98 4.69 4.10
CA ALA A 109 -17.50 5.19 2.82
C ALA A 109 -16.38 6.21 3.01
N GLU A 110 -16.38 6.88 4.16
CA GLU A 110 -15.36 7.87 4.45
C GLU A 110 -13.95 7.39 4.08
N GLU A 111 -13.77 6.07 4.00
CA GLU A 111 -12.48 5.52 3.64
C GLU A 111 -12.35 5.37 2.12
N ALA A 112 -13.24 4.59 1.53
CA ALA A 112 -13.20 4.34 0.09
C ALA A 112 -13.77 5.49 -0.75
N LYS A 113 -14.77 6.19 -0.23
CA LYS A 113 -15.42 7.28 -0.96
C LYS A 113 -14.72 8.62 -0.76
N LYS A 114 -14.33 8.93 0.47
CA LYS A 114 -13.69 10.21 0.78
C LYS A 114 -12.28 10.29 0.19
N PHE A 115 -11.59 9.15 0.13
CA PHE A 115 -10.23 9.12 -0.40
C PHE A 115 -10.24 9.12 -1.93
N LEU A 116 -11.07 8.27 -2.51
CA LEU A 116 -11.17 8.17 -3.97
C LEU A 116 -12.18 9.18 -4.52
N ALA A 117 -11.95 10.45 -4.20
CA ALA A 117 -12.85 11.51 -4.67
C ALA A 117 -12.35 12.12 -5.97
N PRO A 118 -13.26 12.64 -6.81
CA PRO A 118 -12.89 13.27 -8.09
C PRO A 118 -12.15 14.59 -7.90
N LYS A 119 -11.73 15.18 -9.02
CA LYS A 119 -11.00 16.45 -8.97
C LYS A 119 -11.29 17.28 -10.23
N ASP A 120 -11.37 18.60 -10.05
CA ASP A 120 -11.63 19.49 -11.16
C ASP A 120 -12.92 19.12 -11.89
N GLY A 1 21.68 -9.94 -4.16
CA GLY A 1 21.21 -11.34 -3.96
C GLY A 1 19.73 -11.50 -4.22
N PRO A 2 18.88 -10.95 -3.34
CA PRO A 2 17.41 -11.04 -3.49
C PRO A 2 16.94 -10.51 -4.84
N VAL A 3 15.70 -10.85 -5.19
CA VAL A 3 15.12 -10.42 -6.45
C VAL A 3 13.67 -9.96 -6.25
N ASN A 4 13.44 -8.67 -6.47
CA ASN A 4 12.10 -8.10 -6.32
C ASN A 4 11.61 -8.22 -4.87
N PRO A 5 11.61 -7.11 -4.11
CA PRO A 5 11.17 -7.11 -2.71
C PRO A 5 9.83 -7.81 -2.52
N ALA A 6 8.95 -7.70 -3.51
CA ALA A 6 7.63 -8.32 -3.45
C ALA A 6 7.74 -9.84 -3.53
N GLU A 7 8.64 -10.33 -4.38
CA GLU A 7 8.84 -11.75 -4.56
C GLU A 7 9.53 -12.37 -3.33
N ASN A 8 10.58 -11.71 -2.85
CA ASN A 8 11.32 -12.18 -1.69
C ASN A 8 10.43 -12.21 -0.45
N PHE A 9 9.51 -11.26 -0.38
CA PHE A 9 8.60 -11.17 0.75
C PHE A 9 7.58 -12.31 0.73
N ARG A 10 6.98 -12.53 -0.44
CA ARG A 10 5.99 -13.59 -0.60
C ARG A 10 6.60 -14.96 -0.32
N VAL A 11 7.86 -15.14 -0.73
CA VAL A 11 8.54 -16.41 -0.52
C VAL A 11 8.90 -16.62 0.95
N LEU A 12 9.42 -15.57 1.59
CA LEU A 12 9.80 -15.64 2.99
C LEU A 12 8.61 -15.98 3.88
N VAL A 13 7.41 -15.60 3.44
CA VAL A 13 6.21 -15.87 4.21
C VAL A 13 5.51 -17.14 3.74
N LYS A 14 6.03 -17.74 2.67
CA LYS A 14 5.45 -18.97 2.12
C LYS A 14 6.25 -20.20 2.55
N GLN A 15 7.55 -20.17 2.28
CA GLN A 15 8.42 -21.29 2.62
C GLN A 15 8.48 -21.50 4.14
N LYS A 16 7.96 -20.54 4.89
CA LYS A 16 7.94 -20.61 6.34
C LYS A 16 7.20 -19.41 6.90
N LYS A 17 6.30 -19.66 7.82
CA LYS A 17 5.52 -18.58 8.40
C LYS A 17 6.32 -17.88 9.50
N ALA A 18 7.10 -16.90 9.10
CA ALA A 18 7.93 -16.14 10.04
C ALA A 18 7.17 -14.94 10.58
N SER A 19 5.85 -15.07 10.66
CA SER A 19 4.99 -14.00 11.15
C SER A 19 5.02 -12.78 10.23
N PHE A 20 3.86 -12.17 10.03
CA PHE A 20 3.75 -10.99 9.17
C PHE A 20 4.22 -9.74 9.93
N GLU A 21 5.49 -9.72 10.29
CA GLU A 21 6.06 -8.60 11.03
C GLU A 21 7.35 -8.11 10.37
N GLU A 22 8.36 -8.97 10.33
CA GLU A 22 9.64 -8.63 9.74
C GLU A 22 9.49 -8.39 8.23
N ALA A 23 8.76 -9.29 7.58
CA ALA A 23 8.54 -9.18 6.14
C ALA A 23 7.80 -7.89 5.79
N SER A 24 6.82 -7.52 6.61
CA SER A 24 6.04 -6.31 6.38
C SER A 24 6.90 -5.07 6.62
N ASN A 25 7.48 -4.99 7.81
CA ASN A 25 8.33 -3.85 8.19
C ASN A 25 9.39 -3.59 7.12
N GLN A 26 10.10 -4.65 6.73
CA GLN A 26 11.14 -4.53 5.71
C GLN A 26 10.57 -3.98 4.41
N LEU A 27 9.42 -4.53 4.00
CA LEU A 27 8.76 -4.09 2.77
C LEU A 27 8.48 -2.59 2.82
N ILE A 28 7.88 -2.13 3.93
CA ILE A 28 7.56 -0.72 4.08
C ILE A 28 8.81 0.13 4.00
N ASN A 29 9.89 -0.32 4.63
CA ASN A 29 11.15 0.41 4.62
C ASN A 29 11.65 0.56 3.20
N HIS A 30 11.61 -0.52 2.44
CA HIS A 30 12.05 -0.52 1.05
C HIS A 30 11.27 0.53 0.27
N ILE A 31 9.96 0.53 0.45
CA ILE A 31 9.10 1.50 -0.22
C ILE A 31 9.54 2.92 0.11
N GLU A 32 9.71 3.18 1.40
CA GLU A 32 10.16 4.49 1.86
C GLU A 32 11.43 4.91 1.15
N GLN A 33 12.38 3.99 1.06
CA GLN A 33 13.66 4.26 0.40
C GLN A 33 13.41 4.65 -1.05
N PHE A 34 12.56 3.89 -1.73
CA PHE A 34 12.23 4.17 -3.12
C PHE A 34 11.71 5.60 -3.29
N LEU A 35 11.05 6.10 -2.26
CA LEU A 35 10.51 7.46 -2.30
C LEU A 35 11.62 8.50 -2.18
N ASP A 36 12.78 8.07 -1.71
CA ASP A 36 13.92 8.97 -1.56
C ASP A 36 14.43 9.43 -2.91
N THR A 37 13.90 8.84 -3.98
CA THR A 37 14.29 9.18 -5.33
C THR A 37 13.07 9.56 -6.16
N ASN A 38 12.96 10.83 -6.50
CA ASN A 38 11.83 11.32 -7.29
C ASN A 38 12.02 10.98 -8.77
N GLU A 39 12.01 9.70 -9.09
CA GLU A 39 12.17 9.25 -10.46
C GLU A 39 10.90 8.57 -10.97
N THR A 40 10.63 8.72 -12.26
CA THR A 40 9.43 8.13 -12.86
C THR A 40 9.43 6.60 -12.73
N PRO A 41 10.54 5.92 -13.10
CA PRO A 41 10.62 4.46 -13.00
C PRO A 41 10.76 3.97 -11.57
N TYR A 42 10.98 4.90 -10.65
CA TYR A 42 11.15 4.56 -9.24
C TYR A 42 9.80 4.45 -8.54
N PHE A 43 8.83 5.25 -8.99
CA PHE A 43 7.49 5.23 -8.41
C PHE A 43 6.71 4.01 -8.88
N MET A 44 7.17 3.42 -9.99
CA MET A 44 6.52 2.24 -10.54
C MET A 44 6.75 1.03 -9.64
N LYS A 45 7.91 1.03 -8.97
CA LYS A 45 8.26 -0.06 -8.06
C LYS A 45 7.53 0.10 -6.73
N SER A 46 7.20 1.35 -6.39
CA SER A 46 6.49 1.63 -5.15
C SER A 46 5.09 1.03 -5.20
N ILE A 47 4.35 1.33 -6.26
CA ILE A 47 3.02 0.81 -6.44
C ILE A 47 3.06 -0.72 -6.52
N ASP A 48 4.09 -1.24 -7.18
CA ASP A 48 4.26 -2.68 -7.32
C ASP A 48 4.43 -3.30 -5.94
N CYS A 49 4.90 -2.49 -5.00
CA CYS A 49 5.10 -2.94 -3.64
C CYS A 49 3.81 -2.81 -2.83
N ILE A 50 3.17 -1.65 -2.94
CA ILE A 50 1.91 -1.40 -2.24
C ILE A 50 0.83 -2.35 -2.74
N ARG A 51 1.03 -2.89 -3.94
CA ARG A 51 0.08 -3.82 -4.53
C ARG A 51 0.25 -5.20 -3.91
N ALA A 52 1.46 -5.71 -3.95
CA ALA A 52 1.77 -7.02 -3.38
C ALA A 52 1.46 -7.04 -1.89
N PHE A 53 1.61 -5.89 -1.24
CA PHE A 53 1.36 -5.75 0.19
C PHE A 53 -0.14 -5.68 0.46
N ARG A 54 -0.81 -4.68 -0.13
CA ARG A 54 -2.24 -4.49 0.05
C ARG A 54 -3.02 -5.76 -0.32
N GLU A 55 -2.46 -6.55 -1.23
CA GLU A 55 -3.10 -7.78 -1.66
C GLU A 55 -2.97 -8.88 -0.62
N GLU A 56 -1.74 -9.24 -0.29
CA GLU A 56 -1.48 -10.30 0.69
C GLU A 56 -1.93 -9.89 2.08
N ALA A 57 -2.06 -8.59 2.32
CA ALA A 57 -2.47 -8.10 3.64
C ALA A 57 -3.99 -8.05 3.77
N ILE A 58 -4.62 -7.23 2.94
CA ILE A 58 -6.07 -7.08 2.97
C ILE A 58 -6.79 -8.42 2.78
N LYS A 59 -6.24 -9.26 1.92
CA LYS A 59 -6.83 -10.57 1.66
C LYS A 59 -6.97 -11.37 2.96
N PHE A 60 -5.93 -11.35 3.79
CA PHE A 60 -5.97 -12.07 5.06
C PHE A 60 -4.70 -11.83 5.88
N SER A 61 -4.72 -10.77 6.69
CA SER A 61 -3.57 -10.44 7.52
C SER A 61 -3.87 -9.26 8.45
N GLU A 62 -3.46 -8.07 8.05
CA GLU A 62 -3.69 -6.88 8.86
C GLU A 62 -4.31 -5.77 8.03
N GLU A 63 -5.53 -6.00 7.57
CA GLU A 63 -6.26 -5.02 6.76
C GLU A 63 -6.25 -3.63 7.42
N GLN A 64 -6.36 -3.61 8.74
CA GLN A 64 -6.38 -2.35 9.49
C GLN A 64 -5.01 -1.65 9.44
N ARG A 65 -3.97 -2.43 9.21
CA ARG A 65 -2.62 -1.89 9.13
C ARG A 65 -2.45 -1.08 7.84
N PHE A 66 -3.28 -1.39 6.84
CA PHE A 66 -3.21 -0.70 5.57
C PHE A 66 -4.08 0.55 5.59
N ASN A 67 -5.31 0.42 6.10
CA ASN A 67 -6.22 1.56 6.18
C ASN A 67 -5.68 2.57 7.18
N ASN A 68 -4.78 2.10 8.03
CA ASN A 68 -4.16 2.97 9.03
C ASN A 68 -3.12 3.84 8.35
N PHE A 69 -2.16 3.20 7.69
CA PHE A 69 -1.11 3.91 6.97
C PHE A 69 -1.70 4.72 5.82
N LEU A 70 -2.78 4.20 5.24
CA LEU A 70 -3.46 4.88 4.14
C LEU A 70 -3.99 6.24 4.59
N LYS A 71 -4.72 6.22 5.70
CA LYS A 71 -5.30 7.44 6.25
C LYS A 71 -4.23 8.49 6.54
N ALA A 72 -3.15 8.06 7.19
CA ALA A 72 -2.06 8.98 7.53
C ALA A 72 -1.31 9.45 6.29
N LEU A 73 -0.94 8.50 5.44
CA LEU A 73 -0.20 8.82 4.21
C LEU A 73 -0.92 9.88 3.39
N GLN A 74 -2.20 9.65 3.11
CA GLN A 74 -3.00 10.59 2.32
C GLN A 74 -2.91 11.99 2.90
N GLU A 75 -3.15 12.09 4.21
CA GLU A 75 -3.10 13.38 4.89
C GLU A 75 -1.71 13.98 4.76
N LYS A 76 -0.70 13.11 4.73
CA LYS A 76 0.69 13.54 4.61
C LYS A 76 0.98 14.12 3.23
N VAL A 77 0.50 13.44 2.18
CA VAL A 77 0.72 13.92 0.82
C VAL A 77 0.09 15.30 0.65
N GLU A 78 -0.99 15.54 1.39
CA GLU A 78 -1.67 16.83 1.33
C GLU A 78 -0.75 17.90 1.90
N ILE A 79 0.03 17.50 2.90
CA ILE A 79 0.98 18.41 3.54
C ILE A 79 2.07 18.82 2.54
N LYS A 80 1.97 18.29 1.32
CA LYS A 80 2.91 18.58 0.26
C LYS A 80 4.22 17.82 0.49
N GLN A 81 4.48 16.84 -0.37
CA GLN A 81 5.68 16.02 -0.28
C GLN A 81 5.59 14.87 -1.29
N LEU A 82 4.39 14.34 -1.46
CA LEU A 82 4.16 13.24 -2.40
C LEU A 82 2.78 13.33 -3.03
N ASN A 83 2.40 14.53 -3.44
CA ASN A 83 1.10 14.74 -4.08
C ASN A 83 1.00 13.99 -5.40
N HIS A 84 2.14 13.54 -5.90
CA HIS A 84 2.17 12.80 -7.16
C HIS A 84 1.78 11.35 -6.96
N PHE A 85 2.14 10.78 -5.81
CA PHE A 85 1.83 9.38 -5.53
C PHE A 85 0.32 9.16 -5.47
N TRP A 86 -0.41 10.19 -5.06
CA TRP A 86 -1.86 10.10 -4.97
C TRP A 86 -2.48 10.18 -6.36
N GLU A 87 -2.05 11.17 -7.15
CA GLU A 87 -2.56 11.33 -8.50
C GLU A 87 -2.23 10.10 -9.34
N ILE A 88 -1.24 9.34 -8.86
CA ILE A 88 -0.82 8.12 -9.53
C ILE A 88 -1.70 6.96 -9.09
N VAL A 89 -1.73 6.73 -7.78
CA VAL A 89 -2.56 5.67 -7.19
C VAL A 89 -3.97 5.74 -7.76
N VAL A 90 -4.42 6.96 -8.05
CA VAL A 90 -5.75 7.16 -8.60
C VAL A 90 -5.70 7.05 -10.12
N GLN A 91 -4.64 7.60 -10.70
CA GLN A 91 -4.45 7.54 -12.16
C GLN A 91 -4.70 6.13 -12.67
N ASP A 92 -4.42 5.14 -11.82
CA ASP A 92 -4.64 3.75 -12.20
C ASP A 92 -6.05 3.33 -11.78
N GLY A 93 -6.42 3.69 -10.56
CA GLY A 93 -7.76 3.39 -10.07
C GLY A 93 -7.76 2.54 -8.82
N ILE A 94 -6.76 2.74 -7.96
CA ILE A 94 -6.68 1.99 -6.72
C ILE A 94 -7.65 2.57 -5.69
N THR A 95 -8.24 1.70 -4.89
CA THR A 95 -9.20 2.12 -3.87
C THR A 95 -8.57 2.33 -2.52
N LEU A 96 -9.42 2.47 -1.50
CA LEU A 96 -8.98 2.69 -0.14
C LEU A 96 -9.36 1.51 0.73
N ILE A 97 -9.80 0.43 0.08
CA ILE A 97 -10.21 -0.79 0.76
C ILE A 97 -11.67 -0.66 1.22
N THR A 98 -12.49 -1.63 0.83
CA THR A 98 -13.91 -1.60 1.18
C THR A 98 -14.31 -2.80 2.04
N LYS A 99 -15.41 -2.64 2.78
CA LYS A 99 -15.94 -3.67 3.66
C LYS A 99 -15.74 -5.08 3.09
N GLU A 100 -16.67 -5.50 2.23
CA GLU A 100 -16.61 -6.84 1.64
C GLU A 100 -15.32 -7.06 0.86
N GLU A 101 -14.60 -5.98 0.55
CA GLU A 101 -13.34 -6.09 -0.18
C GLU A 101 -12.26 -6.73 0.69
N ALA A 102 -12.69 -7.46 1.71
CA ALA A 102 -11.77 -8.14 2.61
C ALA A 102 -12.25 -9.55 2.91
N SER A 103 -13.46 -9.65 3.47
CA SER A 103 -14.05 -10.94 3.82
C SER A 103 -15.42 -10.77 4.47
N GLY A 104 -15.55 -9.70 5.25
CA GLY A 104 -16.81 -9.41 5.93
C GLY A 104 -16.61 -8.47 7.10
N SER A 105 -15.85 -7.41 6.87
CA SER A 105 -15.57 -6.43 7.92
C SER A 105 -16.02 -5.06 7.51
N SER A 106 -16.80 -4.43 8.39
CA SER A 106 -17.33 -3.10 8.14
C SER A 106 -16.21 -2.12 7.85
N VAL A 107 -16.40 -1.33 6.81
CA VAL A 107 -15.43 -0.32 6.41
C VAL A 107 -16.16 0.98 6.09
N THR A 108 -15.83 2.01 6.86
CA THR A 108 -16.45 3.33 6.69
C THR A 108 -16.47 3.80 5.24
N ALA A 109 -17.48 4.59 4.91
CA ALA A 109 -17.64 5.14 3.57
C ALA A 109 -16.75 6.37 3.39
N GLU A 110 -16.23 6.85 4.51
CA GLU A 110 -15.38 8.03 4.52
C GLU A 110 -13.97 7.66 4.07
N GLU A 111 -13.68 6.37 4.08
CA GLU A 111 -12.37 5.86 3.70
C GLU A 111 -12.24 5.76 2.18
N ALA A 112 -13.23 5.15 1.54
CA ALA A 112 -13.20 4.96 0.09
C ALA A 112 -13.76 6.14 -0.68
N LYS A 113 -14.77 6.81 -0.12
CA LYS A 113 -15.40 7.94 -0.81
C LYS A 113 -14.67 9.26 -0.59
N LYS A 114 -14.35 9.58 0.66
CA LYS A 114 -13.69 10.84 0.97
C LYS A 114 -12.32 10.94 0.31
N PHE A 115 -11.57 9.84 0.31
CA PHE A 115 -10.23 9.83 -0.28
C PHE A 115 -10.27 9.96 -1.80
N LEU A 116 -11.13 9.16 -2.43
CA LEU A 116 -11.25 9.18 -3.88
C LEU A 116 -12.14 10.33 -4.34
N ALA A 117 -11.80 10.90 -5.50
CA ALA A 117 -12.57 12.01 -6.06
C ALA A 117 -13.19 11.61 -7.40
N PRO A 118 -14.23 12.34 -7.84
CA PRO A 118 -14.90 12.05 -9.12
C PRO A 118 -13.90 11.92 -10.26
N LYS A 119 -13.55 10.68 -10.58
CA LYS A 119 -12.60 10.40 -11.65
C LYS A 119 -13.01 11.09 -12.94
N ASP A 120 -14.20 10.75 -13.43
CA ASP A 120 -14.71 11.33 -14.67
C ASP A 120 -15.11 12.80 -14.45
N GLY A 1 10.99 -9.58 -15.39
CA GLY A 1 11.70 -8.77 -14.36
C GLY A 1 12.08 -9.59 -13.13
N PRO A 2 13.10 -10.46 -13.25
CA PRO A 2 13.55 -11.29 -12.14
C PRO A 2 13.91 -10.47 -10.90
N VAL A 3 13.91 -11.12 -9.74
CA VAL A 3 14.24 -10.46 -8.49
C VAL A 3 13.33 -9.26 -8.25
N ASN A 4 12.15 -9.51 -7.70
CA ASN A 4 11.19 -8.45 -7.41
C ASN A 4 10.92 -8.34 -5.91
N PRO A 5 10.76 -7.11 -5.39
CA PRO A 5 10.50 -6.89 -3.96
C PRO A 5 9.25 -7.63 -3.48
N ALA A 6 8.22 -7.65 -4.31
CA ALA A 6 6.97 -8.31 -3.97
C ALA A 6 7.14 -9.83 -3.96
N GLU A 7 8.04 -10.32 -4.81
CA GLU A 7 8.29 -11.76 -4.91
C GLU A 7 9.06 -12.25 -3.70
N ASN A 8 10.18 -11.60 -3.39
CA ASN A 8 11.01 -11.98 -2.26
C ASN A 8 10.19 -11.95 -0.96
N PHE A 9 9.19 -11.08 -0.91
CA PHE A 9 8.34 -10.95 0.26
C PHE A 9 7.31 -12.07 0.29
N ARG A 10 6.67 -12.30 -0.85
CA ARG A 10 5.65 -13.35 -0.95
C ARG A 10 6.23 -14.71 -0.59
N VAL A 11 7.50 -14.93 -0.91
CA VAL A 11 8.15 -16.20 -0.62
C VAL A 11 8.60 -16.25 0.84
N LEU A 12 9.17 -15.16 1.33
CA LEU A 12 9.64 -15.07 2.71
C LEU A 12 8.48 -15.32 3.68
N VAL A 13 7.28 -14.89 3.29
CA VAL A 13 6.11 -15.07 4.14
C VAL A 13 5.44 -16.42 3.88
N LYS A 14 6.00 -17.17 2.94
CA LYS A 14 5.45 -18.48 2.59
C LYS A 14 6.54 -19.56 2.59
N GLN A 15 7.48 -19.48 3.53
CA GLN A 15 8.56 -20.47 3.61
C GLN A 15 8.48 -21.26 4.92
N LYS A 16 8.32 -20.54 6.03
CA LYS A 16 8.25 -21.17 7.34
C LYS A 16 7.90 -20.14 8.40
N LYS A 17 8.47 -18.94 8.27
CA LYS A 17 8.22 -17.87 9.20
C LYS A 17 7.91 -16.57 8.46
N ALA A 18 8.13 -15.45 9.12
CA ALA A 18 7.89 -14.12 8.54
C ALA A 18 6.42 -13.74 8.71
N SER A 19 5.53 -14.60 8.25
CA SER A 19 4.09 -14.38 8.35
C SER A 19 3.68 -12.99 7.86
N PHE A 20 3.84 -11.99 8.72
CA PHE A 20 3.48 -10.62 8.38
C PHE A 20 4.02 -9.62 9.42
N GLU A 21 5.17 -9.96 10.02
CA GLU A 21 5.79 -9.10 11.02
C GLU A 21 7.12 -8.56 10.52
N GLU A 22 8.15 -9.39 10.58
CA GLU A 22 9.49 -8.99 10.14
C GLU A 22 9.50 -8.69 8.64
N ALA A 23 8.81 -9.53 7.87
CA ALA A 23 8.73 -9.36 6.42
C ALA A 23 7.92 -8.12 6.06
N SER A 24 6.97 -7.76 6.93
CA SER A 24 6.13 -6.60 6.68
C SER A 24 6.93 -5.32 6.86
N ASN A 25 7.53 -5.15 8.04
CA ASN A 25 8.34 -3.98 8.33
C ASN A 25 9.42 -3.80 7.27
N GLN A 26 10.05 -4.90 6.90
CA GLN A 26 11.11 -4.87 5.89
C GLN A 26 10.56 -4.33 4.57
N LEU A 27 9.40 -4.84 4.16
CA LEU A 27 8.76 -4.40 2.93
C LEU A 27 8.51 -2.90 2.96
N ILE A 28 7.95 -2.41 4.07
CA ILE A 28 7.66 -0.99 4.21
C ILE A 28 8.95 -0.16 4.15
N ASN A 29 10.02 -0.72 4.70
CA ASN A 29 11.31 -0.05 4.71
C ASN A 29 11.82 0.12 3.28
N HIS A 30 11.71 -0.96 2.50
CA HIS A 30 12.14 -0.94 1.11
C HIS A 30 11.37 0.14 0.36
N ILE A 31 10.06 0.20 0.60
CA ILE A 31 9.21 1.19 -0.04
C ILE A 31 9.73 2.60 0.27
N GLU A 32 9.96 2.84 1.55
CA GLU A 32 10.47 4.14 2.00
C GLU A 32 11.74 4.50 1.25
N GLN A 33 12.64 3.53 1.13
CA GLN A 33 13.91 3.73 0.43
C GLN A 33 13.65 4.15 -1.01
N PHE A 34 12.73 3.43 -1.66
CA PHE A 34 12.38 3.73 -3.05
C PHE A 34 11.92 5.19 -3.19
N LEU A 35 11.31 5.72 -2.13
CA LEU A 35 10.84 7.10 -2.15
C LEU A 35 12.00 8.09 -2.01
N ASP A 36 13.14 7.59 -1.55
CA ASP A 36 14.32 8.43 -1.37
C ASP A 36 14.85 8.91 -2.72
N THR A 37 14.25 8.40 -3.80
CA THR A 37 14.64 8.78 -5.15
C THR A 37 13.44 9.25 -5.94
N ASN A 38 13.43 10.53 -6.29
CA ASN A 38 12.34 11.13 -7.05
C ASN A 38 12.45 10.78 -8.54
N GLU A 39 12.36 9.49 -8.84
CA GLU A 39 12.45 9.04 -10.23
C GLU A 39 11.16 8.31 -10.63
N THR A 40 10.75 8.49 -11.88
CA THR A 40 9.55 7.85 -12.39
C THR A 40 9.63 6.32 -12.29
N PRO A 41 10.73 5.70 -12.76
CA PRO A 41 10.89 4.24 -12.70
C PRO A 41 10.91 3.72 -11.26
N TYR A 42 11.11 4.63 -10.31
CA TYR A 42 11.16 4.27 -8.90
C TYR A 42 9.77 4.24 -8.29
N PHE A 43 8.91 5.15 -8.74
CA PHE A 43 7.55 5.22 -8.23
C PHE A 43 6.74 4.00 -8.67
N MET A 44 7.14 3.40 -9.79
CA MET A 44 6.47 2.22 -10.31
C MET A 44 6.67 1.04 -9.38
N LYS A 45 7.84 1.00 -8.75
CA LYS A 45 8.17 -0.08 -7.82
C LYS A 45 7.42 0.10 -6.50
N SER A 46 7.14 1.34 -6.15
CA SER A 46 6.42 1.65 -4.91
C SER A 46 5.00 1.13 -5.01
N ILE A 47 4.30 1.52 -6.08
CA ILE A 47 2.92 1.07 -6.28
C ILE A 47 2.87 -0.44 -6.33
N ASP A 48 3.83 -1.05 -7.01
CA ASP A 48 3.90 -2.49 -7.12
C ASP A 48 4.07 -3.13 -5.74
N CYS A 49 4.62 -2.35 -4.82
CA CYS A 49 4.84 -2.82 -3.46
C CYS A 49 3.56 -2.66 -2.65
N ILE A 50 2.86 -1.54 -2.83
CA ILE A 50 1.62 -1.28 -2.12
C ILE A 50 0.51 -2.20 -2.63
N ARG A 51 0.64 -2.64 -3.88
CA ARG A 51 -0.35 -3.52 -4.49
C ARG A 51 -0.16 -4.96 -4.03
N ALA A 52 1.09 -5.32 -3.71
CA ALA A 52 1.40 -6.66 -3.25
C ALA A 52 1.09 -6.79 -1.76
N PHE A 53 1.31 -5.69 -1.04
CA PHE A 53 1.06 -5.66 0.39
C PHE A 53 -0.44 -5.51 0.67
N ARG A 54 -1.07 -4.54 0.01
CA ARG A 54 -2.50 -4.29 0.19
C ARG A 54 -3.31 -5.57 -0.02
N GLU A 55 -2.98 -6.30 -1.07
CA GLU A 55 -3.69 -7.54 -1.39
C GLU A 55 -3.49 -8.59 -0.30
N GLU A 56 -2.24 -8.88 0.02
CA GLU A 56 -1.91 -9.88 1.02
C GLU A 56 -2.43 -9.47 2.41
N ALA A 57 -2.64 -8.17 2.60
CA ALA A 57 -3.11 -7.66 3.88
C ALA A 57 -4.64 -7.73 3.96
N ILE A 58 -5.31 -7.04 3.03
CA ILE A 58 -6.77 -7.02 3.01
C ILE A 58 -7.33 -8.43 2.93
N LYS A 59 -6.68 -9.27 2.13
CA LYS A 59 -7.11 -10.65 1.97
C LYS A 59 -7.26 -11.33 3.32
N PHE A 60 -6.20 -11.30 4.13
CA PHE A 60 -6.24 -11.91 5.46
C PHE A 60 -4.91 -11.71 6.18
N SER A 61 -4.77 -10.57 6.86
CA SER A 61 -3.55 -10.27 7.59
C SER A 61 -3.75 -9.07 8.51
N GLU A 62 -3.28 -7.91 8.08
CA GLU A 62 -3.40 -6.70 8.88
C GLU A 62 -3.97 -5.55 8.05
N GLU A 63 -5.21 -5.71 7.61
CA GLU A 63 -5.87 -4.69 6.80
C GLU A 63 -5.84 -3.34 7.51
N GLN A 64 -5.99 -3.35 8.83
CA GLN A 64 -6.00 -2.12 9.63
C GLN A 64 -4.65 -1.41 9.54
N ARG A 65 -3.60 -2.16 9.24
CA ARG A 65 -2.27 -1.60 9.11
C ARG A 65 -2.16 -0.78 7.82
N PHE A 66 -3.07 -1.07 6.88
CA PHE A 66 -3.08 -0.37 5.61
C PHE A 66 -3.94 0.89 5.69
N ASN A 67 -5.14 0.75 6.24
CA ASN A 67 -6.02 1.91 6.39
C ASN A 67 -5.36 2.90 7.34
N ASN A 68 -4.40 2.41 8.10
CA ASN A 68 -3.66 3.24 9.04
C ASN A 68 -2.63 4.08 8.30
N PHE A 69 -1.76 3.39 7.57
CA PHE A 69 -0.71 4.06 6.79
C PHE A 69 -1.32 4.87 5.65
N LEU A 70 -2.48 4.42 5.16
CA LEU A 70 -3.16 5.13 4.06
C LEU A 70 -3.65 6.49 4.52
N LYS A 71 -4.39 6.49 5.63
CA LYS A 71 -4.93 7.74 6.18
C LYS A 71 -3.81 8.74 6.44
N ALA A 72 -2.72 8.27 7.02
CA ALA A 72 -1.58 9.12 7.33
C ALA A 72 -0.87 9.58 6.06
N LEU A 73 -0.63 8.63 5.15
CA LEU A 73 0.04 8.92 3.89
C LEU A 73 -0.69 10.02 3.13
N GLN A 74 -1.99 9.84 2.93
CA GLN A 74 -2.80 10.80 2.21
C GLN A 74 -2.65 12.19 2.81
N GLU A 75 -2.89 12.30 4.11
CA GLU A 75 -2.79 13.58 4.81
C GLU A 75 -1.40 14.17 4.68
N LYS A 76 -0.38 13.32 4.85
CA LYS A 76 1.01 13.75 4.76
C LYS A 76 1.33 14.32 3.38
N VAL A 77 1.14 13.50 2.35
CA VAL A 77 1.43 13.92 0.98
C VAL A 77 0.51 15.06 0.56
N GLU A 78 -0.58 15.24 1.29
CA GLU A 78 -1.53 16.30 1.01
C GLU A 78 -0.96 17.65 1.42
N ILE A 79 -0.58 17.75 2.69
CA ILE A 79 -0.02 18.99 3.23
C ILE A 79 1.44 19.18 2.78
N LYS A 80 1.67 19.10 1.48
CA LYS A 80 3.01 19.30 0.91
C LYS A 80 3.94 18.12 1.23
N GLN A 81 4.27 17.38 0.18
CA GLN A 81 5.17 16.22 0.29
C GLN A 81 5.27 15.47 -1.04
N LEU A 82 4.31 14.59 -1.30
CA LEU A 82 4.30 13.82 -2.54
C LEU A 82 2.89 13.59 -3.05
N ASN A 83 2.26 14.65 -3.56
CA ASN A 83 0.91 14.57 -4.09
C ASN A 83 0.90 13.78 -5.39
N HIS A 84 2.08 13.59 -5.97
CA HIS A 84 2.22 12.85 -7.22
C HIS A 84 1.85 11.38 -7.03
N PHE A 85 2.33 10.78 -5.95
CA PHE A 85 2.05 9.38 -5.67
C PHE A 85 0.55 9.13 -5.62
N TRP A 86 -0.20 10.14 -5.21
CA TRP A 86 -1.65 10.03 -5.14
C TRP A 86 -2.28 10.21 -6.52
N GLU A 87 -1.77 11.19 -7.28
CA GLU A 87 -2.29 11.45 -8.61
C GLU A 87 -2.06 10.22 -9.49
N ILE A 88 -1.06 9.43 -9.11
CA ILE A 88 -0.73 8.21 -9.84
C ILE A 88 -1.60 7.06 -9.34
N VAL A 89 -1.51 6.80 -8.03
CA VAL A 89 -2.30 5.76 -7.40
C VAL A 89 -3.76 5.86 -7.84
N VAL A 90 -4.21 7.08 -8.08
CA VAL A 90 -5.58 7.32 -8.52
C VAL A 90 -5.65 7.25 -10.05
N GLN A 91 -4.62 7.77 -10.70
CA GLN A 91 -4.54 7.75 -12.16
C GLN A 91 -4.86 6.35 -12.67
N ASP A 92 -4.53 5.35 -11.87
CA ASP A 92 -4.81 3.97 -12.26
C ASP A 92 -6.20 3.58 -11.75
N GLY A 93 -6.48 3.93 -10.50
CA GLY A 93 -7.77 3.68 -9.92
C GLY A 93 -7.71 2.86 -8.65
N ILE A 94 -6.53 2.78 -8.05
CA ILE A 94 -6.36 2.02 -6.81
C ILE A 94 -7.36 2.51 -5.78
N THR A 95 -7.95 1.56 -5.06
CA THR A 95 -8.95 1.89 -4.03
C THR A 95 -8.36 1.87 -2.64
N LEU A 96 -9.24 1.91 -1.65
CA LEU A 96 -8.84 1.91 -0.25
C LEU A 96 -9.35 0.66 0.43
N ILE A 97 -9.11 0.56 1.72
CA ILE A 97 -9.57 -0.57 2.49
C ILE A 97 -11.06 -0.40 2.79
N THR A 98 -11.88 -1.26 2.19
CA THR A 98 -13.32 -1.18 2.39
C THR A 98 -13.88 -2.48 2.98
N LYS A 99 -15.07 -2.37 3.58
CA LYS A 99 -15.75 -3.51 4.19
C LYS A 99 -15.51 -4.80 3.40
N GLU A 100 -16.21 -4.94 2.29
CA GLU A 100 -16.09 -6.13 1.45
C GLU A 100 -14.69 -6.25 0.86
N GLU A 101 -13.96 -5.14 0.82
CA GLU A 101 -12.61 -5.13 0.28
C GLU A 101 -11.60 -5.75 1.24
N ALA A 102 -12.04 -6.01 2.47
CA ALA A 102 -11.15 -6.60 3.48
C ALA A 102 -11.93 -7.37 4.54
N SER A 103 -11.45 -8.57 4.84
CA SER A 103 -12.09 -9.42 5.84
C SER A 103 -13.58 -9.62 5.53
N GLY A 104 -14.31 -10.10 6.53
CA GLY A 104 -15.73 -10.33 6.37
C GLY A 104 -16.53 -9.04 6.43
N SER A 105 -16.43 -8.26 5.36
CA SER A 105 -17.14 -6.99 5.27
C SER A 105 -16.98 -6.16 6.54
N SER A 106 -15.74 -5.82 6.87
CA SER A 106 -15.48 -5.02 8.08
C SER A 106 -14.66 -3.77 7.79
N VAL A 107 -15.36 -2.63 7.64
CA VAL A 107 -14.74 -1.32 7.39
C VAL A 107 -15.70 -0.43 6.59
N THR A 108 -16.04 0.72 7.16
CA THR A 108 -16.95 1.65 6.50
C THR A 108 -16.40 2.09 5.14
N ALA A 109 -17.31 2.40 4.21
CA ALA A 109 -16.92 2.84 2.88
C ALA A 109 -16.50 4.31 2.91
N GLU A 110 -16.99 5.01 3.92
CA GLU A 110 -16.68 6.43 4.10
C GLU A 110 -15.20 6.72 3.85
N GLU A 111 -14.35 5.71 4.03
CA GLU A 111 -12.92 5.86 3.80
C GLU A 111 -12.59 5.68 2.33
N ALA A 112 -13.12 4.61 1.74
CA ALA A 112 -12.87 4.30 0.34
C ALA A 112 -13.58 5.27 -0.59
N LYS A 113 -14.62 5.92 -0.08
CA LYS A 113 -15.41 6.86 -0.88
C LYS A 113 -14.83 8.28 -0.82
N LYS A 114 -14.56 8.75 0.39
CA LYS A 114 -14.04 10.10 0.59
C LYS A 114 -12.61 10.26 0.06
N PHE A 115 -11.85 9.17 0.06
CA PHE A 115 -10.47 9.22 -0.41
C PHE A 115 -10.40 9.33 -1.94
N LEU A 116 -11.18 8.50 -2.64
CA LEU A 116 -11.19 8.52 -4.10
C LEU A 116 -11.98 9.71 -4.63
N ALA A 117 -12.98 10.15 -3.88
CA ALA A 117 -13.81 11.28 -4.28
C ALA A 117 -13.27 12.59 -3.72
N PRO A 118 -13.51 13.71 -4.41
CA PRO A 118 -13.04 15.03 -3.97
C PRO A 118 -13.81 15.54 -2.76
N LYS A 119 -13.37 16.68 -2.22
CA LYS A 119 -14.02 17.28 -1.06
C LYS A 119 -14.74 18.56 -1.44
N ASP A 120 -14.01 19.46 -2.09
CA ASP A 120 -14.58 20.74 -2.51
C ASP A 120 -14.57 20.87 -4.03
N GLY A 1 13.09 -16.83 -15.03
CA GLY A 1 12.74 -16.59 -13.60
C GLY A 1 13.22 -15.25 -13.10
N PRO A 2 12.58 -14.15 -13.52
CA PRO A 2 12.96 -12.80 -13.09
C PRO A 2 12.98 -12.64 -11.58
N VAL A 3 13.79 -11.71 -11.09
CA VAL A 3 13.89 -11.46 -9.65
C VAL A 3 13.14 -10.20 -9.26
N ASN A 4 12.08 -10.36 -8.48
CA ASN A 4 11.27 -9.24 -8.02
C ASN A 4 11.13 -9.25 -6.50
N PRO A 5 11.18 -8.08 -5.85
CA PRO A 5 11.05 -7.98 -4.39
C PRO A 5 9.72 -8.49 -3.89
N ALA A 6 8.67 -8.26 -4.67
CA ALA A 6 7.32 -8.71 -4.32
C ALA A 6 7.22 -10.23 -4.34
N GLU A 7 8.11 -10.86 -5.11
CA GLU A 7 8.13 -12.31 -5.21
C GLU A 7 8.94 -12.93 -4.09
N ASN A 8 10.10 -12.34 -3.80
CA ASN A 8 10.97 -12.83 -2.75
C ASN A 8 10.25 -12.82 -1.40
N PHE A 9 9.66 -11.68 -1.06
CA PHE A 9 8.94 -11.53 0.19
C PHE A 9 7.84 -12.58 0.31
N ARG A 10 7.07 -12.75 -0.75
CA ARG A 10 5.98 -13.72 -0.78
C ARG A 10 6.52 -15.14 -0.65
N VAL A 11 7.74 -15.35 -1.12
CA VAL A 11 8.36 -16.67 -1.06
C VAL A 11 8.82 -17.01 0.36
N LEU A 12 9.43 -16.04 1.05
CA LEU A 12 9.91 -16.26 2.40
C LEU A 12 8.75 -16.36 3.39
N VAL A 13 7.63 -15.71 3.07
CA VAL A 13 6.46 -15.74 3.94
C VAL A 13 5.49 -16.84 3.52
N LYS A 14 5.82 -17.53 2.44
CA LYS A 14 4.97 -18.60 1.92
C LYS A 14 4.85 -19.75 2.92
N GLN A 15 5.67 -19.73 3.97
CA GLN A 15 5.63 -20.79 4.97
C GLN A 15 5.21 -20.25 6.34
N LYS A 16 5.88 -19.17 6.76
CA LYS A 16 5.63 -18.49 8.05
C LYS A 16 6.95 -18.26 8.76
N LYS A 17 8.04 -18.59 8.09
CA LYS A 17 9.37 -18.44 8.66
C LYS A 17 9.74 -16.97 8.87
N ALA A 18 9.29 -16.12 7.94
CA ALA A 18 9.59 -14.69 8.02
C ALA A 18 8.47 -13.93 8.74
N SER A 19 7.34 -14.60 8.94
CA SER A 19 6.19 -14.00 9.60
C SER A 19 5.78 -12.67 8.96
N PHE A 20 4.49 -12.32 9.09
CA PHE A 20 3.98 -11.08 8.55
C PHE A 20 4.30 -9.91 9.49
N GLU A 21 5.56 -9.84 9.92
CA GLU A 21 6.00 -8.79 10.83
C GLU A 21 7.28 -8.14 10.32
N GLU A 22 8.37 -8.92 10.32
CA GLU A 22 9.66 -8.43 9.85
C GLU A 22 9.64 -8.20 8.35
N ALA A 23 9.02 -9.14 7.63
CA ALA A 23 8.93 -9.05 6.18
C ALA A 23 8.05 -7.87 5.76
N SER A 24 7.04 -7.58 6.57
CA SER A 24 6.13 -6.47 6.29
C SER A 24 6.80 -5.13 6.55
N ASN A 25 7.28 -4.96 7.78
CA ASN A 25 7.96 -3.72 8.16
C ASN A 25 9.08 -3.39 7.19
N GLN A 26 9.87 -4.40 6.84
CA GLN A 26 10.98 -4.21 5.91
C GLN A 26 10.47 -3.75 4.56
N LEU A 27 9.39 -4.39 4.09
CA LEU A 27 8.79 -4.05 2.80
C LEU A 27 8.38 -2.57 2.78
N ILE A 28 7.72 -2.13 3.84
CA ILE A 28 7.27 -0.74 3.94
C ILE A 28 8.47 0.20 3.99
N ASN A 29 9.55 -0.24 4.63
CA ASN A 29 10.75 0.57 4.74
C ASN A 29 11.36 0.77 3.36
N HIS A 30 11.44 -0.31 2.60
CA HIS A 30 11.99 -0.25 1.25
C HIS A 30 11.19 0.73 0.42
N ILE A 31 9.87 0.66 0.53
CA ILE A 31 8.99 1.55 -0.21
C ILE A 31 9.29 3.01 0.15
N GLU A 32 9.36 3.28 1.45
CA GLU A 32 9.64 4.63 1.93
C GLU A 32 10.94 5.15 1.32
N GLN A 33 11.97 4.30 1.31
CA GLN A 33 13.27 4.67 0.75
C GLN A 33 13.11 5.05 -0.72
N PHE A 34 12.38 4.23 -1.45
CA PHE A 34 12.14 4.48 -2.87
C PHE A 34 11.53 5.87 -3.07
N LEU A 35 10.73 6.31 -2.11
CA LEU A 35 10.09 7.62 -2.18
C LEU A 35 11.06 8.72 -1.79
N ASP A 36 12.14 8.34 -1.10
CA ASP A 36 13.15 9.29 -0.66
C ASP A 36 14.09 9.65 -1.81
N THR A 37 13.87 9.03 -2.97
CA THR A 37 14.69 9.27 -4.14
C THR A 37 13.83 9.60 -5.35
N ASN A 38 14.08 10.76 -5.94
CA ASN A 38 13.33 11.20 -7.11
C ASN A 38 13.72 10.39 -8.34
N GLU A 39 12.77 9.64 -8.87
CA GLU A 39 13.02 8.81 -10.05
C GLU A 39 11.71 8.35 -10.66
N THR A 40 11.73 8.05 -11.96
CA THR A 40 10.55 7.59 -12.67
C THR A 40 10.29 6.10 -12.45
N PRO A 41 11.31 5.24 -12.63
CA PRO A 41 11.16 3.79 -12.44
C PRO A 41 11.05 3.40 -10.97
N TYR A 42 11.13 4.40 -10.10
CA TYR A 42 11.04 4.15 -8.66
C TYR A 42 9.59 4.13 -8.18
N PHE A 43 8.82 5.13 -8.61
CA PHE A 43 7.41 5.21 -8.23
C PHE A 43 6.64 4.00 -8.74
N MET A 44 7.04 3.51 -9.91
CA MET A 44 6.38 2.35 -10.51
C MET A 44 6.61 1.11 -9.64
N LYS A 45 7.78 1.06 -8.99
CA LYS A 45 8.12 -0.05 -8.12
C LYS A 45 7.39 0.07 -6.79
N SER A 46 7.08 1.30 -6.39
CA SER A 46 6.39 1.54 -5.15
C SER A 46 4.97 0.99 -5.21
N ILE A 47 4.25 1.36 -6.27
CA ILE A 47 2.89 0.88 -6.48
C ILE A 47 2.88 -0.64 -6.59
N ASP A 48 3.87 -1.18 -7.29
CA ASP A 48 3.97 -2.63 -7.46
C ASP A 48 4.20 -3.28 -6.10
N CYS A 49 4.68 -2.50 -5.15
CA CYS A 49 4.93 -2.98 -3.80
C CYS A 49 3.65 -2.86 -2.97
N ILE A 50 3.00 -1.71 -3.04
CA ILE A 50 1.77 -1.47 -2.30
C ILE A 50 0.67 -2.41 -2.79
N ARG A 51 0.85 -2.93 -4.00
CA ARG A 51 -0.11 -3.84 -4.59
C ARG A 51 0.07 -5.23 -4.00
N ALA A 52 1.30 -5.74 -4.09
CA ALA A 52 1.62 -7.06 -3.56
C ALA A 52 1.37 -7.11 -2.07
N PHE A 53 1.57 -5.97 -1.41
CA PHE A 53 1.37 -5.86 0.03
C PHE A 53 -0.11 -5.87 0.38
N ARG A 54 -0.87 -4.97 -0.22
CA ARG A 54 -2.30 -4.87 0.03
C ARG A 54 -3.00 -6.20 -0.26
N GLU A 55 -2.60 -6.85 -1.35
CA GLU A 55 -3.20 -8.11 -1.74
C GLU A 55 -2.98 -9.18 -0.68
N GLU A 56 -1.72 -9.44 -0.35
CA GLU A 56 -1.36 -10.47 0.63
C GLU A 56 -1.81 -10.09 2.04
N ALA A 57 -1.89 -8.79 2.32
CA ALA A 57 -2.28 -8.32 3.65
C ALA A 57 -3.80 -8.21 3.81
N ILE A 58 -4.41 -7.34 3.00
CA ILE A 58 -5.86 -7.13 3.06
C ILE A 58 -6.63 -8.42 2.93
N LYS A 59 -6.17 -9.32 2.08
CA LYS A 59 -6.84 -10.60 1.86
C LYS A 59 -6.96 -11.38 3.17
N PHE A 60 -5.88 -11.40 3.95
CA PHE A 60 -5.89 -12.11 5.24
C PHE A 60 -4.62 -11.84 6.04
N SER A 61 -4.56 -10.68 6.68
CA SER A 61 -3.40 -10.33 7.50
C SER A 61 -3.60 -8.98 8.19
N GLU A 62 -2.90 -7.96 7.71
CA GLU A 62 -2.99 -6.63 8.30
C GLU A 62 -3.84 -5.70 7.46
N GLU A 63 -5.15 -5.79 7.66
CA GLU A 63 -6.10 -4.95 6.91
C GLU A 63 -6.21 -3.55 7.52
N GLN A 64 -6.42 -3.50 8.84
CA GLN A 64 -6.56 -2.22 9.54
C GLN A 64 -5.24 -1.45 9.59
N ARG A 65 -4.14 -2.18 9.42
CA ARG A 65 -2.81 -1.56 9.45
C ARG A 65 -2.58 -0.79 8.14
N PHE A 66 -3.36 -1.12 7.13
CA PHE A 66 -3.26 -0.48 5.83
C PHE A 66 -4.12 0.77 5.80
N ASN A 67 -5.36 0.65 6.28
CA ASN A 67 -6.26 1.81 6.31
C ASN A 67 -5.74 2.80 7.34
N ASN A 68 -4.89 2.30 8.23
CA ASN A 68 -4.30 3.14 9.26
C ASN A 68 -3.21 4.02 8.64
N PHE A 69 -2.23 3.38 8.04
CA PHE A 69 -1.13 4.09 7.39
C PHE A 69 -1.64 4.90 6.20
N LEU A 70 -2.71 4.41 5.58
CA LEU A 70 -3.30 5.09 4.43
C LEU A 70 -3.94 6.40 4.85
N LYS A 71 -4.72 6.36 5.93
CA LYS A 71 -5.37 7.55 6.46
C LYS A 71 -4.35 8.64 6.75
N ALA A 72 -3.23 8.24 7.34
CA ALA A 72 -2.18 9.20 7.68
C ALA A 72 -1.43 9.64 6.43
N LEU A 73 -1.11 8.70 5.57
CA LEU A 73 -0.39 8.99 4.34
C LEU A 73 -1.14 10.02 3.50
N GLN A 74 -2.43 9.78 3.31
CA GLN A 74 -3.28 10.69 2.53
C GLN A 74 -3.17 12.12 3.06
N GLU A 75 -3.33 12.25 4.38
CA GLU A 75 -3.24 13.56 5.01
C GLU A 75 -1.82 14.11 4.88
N LYS A 76 -0.85 13.20 4.81
CA LYS A 76 0.55 13.58 4.68
C LYS A 76 0.84 14.16 3.30
N VAL A 77 0.37 13.48 2.25
CA VAL A 77 0.59 13.95 0.89
C VAL A 77 -0.02 15.35 0.74
N GLU A 78 -1.10 15.61 1.47
CA GLU A 78 -1.74 16.91 1.43
C GLU A 78 -0.80 17.96 1.99
N ILE A 79 0.01 17.53 2.96
CA ILE A 79 0.99 18.42 3.59
C ILE A 79 2.08 18.80 2.58
N LYS A 80 1.97 18.26 1.37
CA LYS A 80 2.92 18.52 0.29
C LYS A 80 4.21 17.74 0.53
N GLN A 81 4.44 16.75 -0.33
CA GLN A 81 5.63 15.90 -0.24
C GLN A 81 5.58 14.80 -1.29
N LEU A 82 4.42 14.18 -1.44
CA LEU A 82 4.24 13.10 -2.41
C LEU A 82 2.87 13.19 -3.07
N ASN A 83 2.51 14.39 -3.52
CA ASN A 83 1.23 14.63 -4.18
C ASN A 83 1.16 13.87 -5.51
N HIS A 84 2.30 13.41 -5.97
CA HIS A 84 2.39 12.68 -7.24
C HIS A 84 1.93 11.23 -7.05
N PHE A 85 2.28 10.64 -5.91
CA PHE A 85 1.90 9.26 -5.62
C PHE A 85 0.39 9.12 -5.49
N TRP A 86 -0.27 10.21 -5.12
CA TRP A 86 -1.71 10.20 -4.97
C TRP A 86 -2.40 10.22 -6.33
N GLU A 87 -2.03 11.20 -7.16
CA GLU A 87 -2.61 11.31 -8.49
C GLU A 87 -2.27 10.07 -9.32
N ILE A 88 -1.27 9.33 -8.88
CA ILE A 88 -0.85 8.11 -9.54
C ILE A 88 -1.70 6.93 -9.07
N VAL A 89 -1.62 6.65 -7.77
CA VAL A 89 -2.38 5.56 -7.17
C VAL A 89 -3.85 5.62 -7.57
N VAL A 90 -4.36 6.82 -7.80
CA VAL A 90 -5.76 6.99 -8.20
C VAL A 90 -5.93 6.68 -9.68
N GLN A 91 -5.10 7.30 -10.50
CA GLN A 91 -5.14 7.08 -11.95
C GLN A 91 -5.06 5.59 -12.28
N ASP A 92 -4.28 4.85 -11.48
CA ASP A 92 -4.13 3.41 -11.70
C ASP A 92 -5.40 2.66 -11.33
N GLY A 93 -6.45 3.39 -11.01
CA GLY A 93 -7.71 2.78 -10.65
C GLY A 93 -7.71 2.18 -9.26
N ILE A 94 -6.57 2.27 -8.58
CA ILE A 94 -6.45 1.74 -7.22
C ILE A 94 -7.25 2.58 -6.23
N THR A 95 -7.95 1.93 -5.32
CA THR A 95 -8.75 2.64 -4.33
C THR A 95 -8.48 2.12 -2.92
N LEU A 96 -8.94 2.89 -1.93
CA LEU A 96 -8.76 2.54 -0.53
C LEU A 96 -9.36 1.17 -0.21
N ILE A 97 -9.19 0.75 1.04
CA ILE A 97 -9.71 -0.53 1.49
C ILE A 97 -11.22 -0.48 1.70
N THR A 98 -11.94 -1.39 1.04
CA THR A 98 -13.39 -1.44 1.16
C THR A 98 -13.84 -2.60 2.04
N LYS A 99 -14.92 -2.37 2.78
CA LYS A 99 -15.50 -3.37 3.68
C LYS A 99 -15.30 -4.80 3.18
N GLU A 100 -16.21 -5.26 2.33
CA GLU A 100 -16.15 -6.63 1.81
C GLU A 100 -14.87 -6.89 1.01
N GLU A 101 -14.13 -5.84 0.68
CA GLU A 101 -12.90 -6.00 -0.07
C GLU A 101 -11.80 -6.65 0.78
N ALA A 102 -12.21 -7.37 1.82
CA ALA A 102 -11.29 -8.06 2.70
C ALA A 102 -11.78 -9.47 3.01
N SER A 103 -12.97 -9.56 3.60
CA SER A 103 -13.57 -10.84 3.96
C SER A 103 -14.94 -10.64 4.59
N GLY A 104 -15.05 -9.61 5.42
CA GLY A 104 -16.31 -9.31 6.09
C GLY A 104 -16.12 -8.36 7.24
N SER A 105 -15.43 -7.26 6.98
CA SER A 105 -15.16 -6.24 8.00
C SER A 105 -15.67 -4.89 7.59
N SER A 106 -16.47 -4.30 8.47
CA SER A 106 -17.04 -2.99 8.22
C SER A 106 -15.94 -1.97 7.96
N VAL A 107 -16.19 -1.14 6.96
CA VAL A 107 -15.25 -0.09 6.60
C VAL A 107 -16.00 1.19 6.28
N THR A 108 -15.50 2.28 6.85
CA THR A 108 -16.11 3.58 6.68
C THR A 108 -16.26 3.97 5.21
N ALA A 109 -17.30 4.76 4.94
CA ALA A 109 -17.59 5.24 3.60
C ALA A 109 -16.71 6.45 3.29
N GLU A 110 -16.08 6.97 4.33
CA GLU A 110 -15.22 8.13 4.22
C GLU A 110 -13.82 7.71 3.81
N GLU A 111 -13.53 6.42 3.95
CA GLU A 111 -12.23 5.87 3.62
C GLU A 111 -12.12 5.64 2.12
N ALA A 112 -13.13 5.01 1.53
CA ALA A 112 -13.12 4.70 0.11
C ALA A 112 -13.65 5.83 -0.76
N LYS A 113 -14.79 6.40 -0.35
CA LYS A 113 -15.42 7.46 -1.14
C LYS A 113 -14.76 8.83 -0.96
N LYS A 114 -14.48 9.22 0.27
CA LYS A 114 -13.88 10.53 0.53
C LYS A 114 -12.47 10.62 -0.04
N PHE A 115 -11.69 9.56 0.10
CA PHE A 115 -10.32 9.55 -0.40
C PHE A 115 -10.26 9.73 -1.91
N LEU A 116 -11.10 8.98 -2.62
CA LEU A 116 -11.14 9.04 -4.08
C LEU A 116 -12.31 9.90 -4.56
N ALA A 117 -12.55 11.01 -3.87
CA ALA A 117 -13.65 11.91 -4.23
C ALA A 117 -13.31 12.72 -5.47
N PRO A 118 -14.32 13.12 -6.25
CA PRO A 118 -14.12 13.90 -7.48
C PRO A 118 -13.53 15.28 -7.19
N LYS A 119 -14.25 16.07 -6.40
CA LYS A 119 -13.80 17.41 -6.06
C LYS A 119 -12.73 17.37 -4.97
N ASP A 120 -11.88 18.39 -4.95
CA ASP A 120 -10.79 18.46 -3.96
C ASP A 120 -11.24 19.25 -2.73
N GLY A 1 12.75 -15.53 -14.51
CA GLY A 1 12.38 -15.30 -13.09
C GLY A 1 12.98 -14.03 -12.52
N PRO A 2 12.46 -12.86 -12.93
CA PRO A 2 12.97 -11.56 -12.46
C PRO A 2 12.94 -11.45 -10.94
N VAL A 3 13.84 -10.65 -10.39
CA VAL A 3 13.91 -10.46 -8.94
C VAL A 3 13.20 -9.18 -8.52
N ASN A 4 12.14 -9.34 -7.73
CA ASN A 4 11.36 -8.19 -7.26
C ASN A 4 11.24 -8.23 -5.73
N PRO A 5 11.28 -7.05 -5.08
CA PRO A 5 11.16 -6.95 -3.61
C PRO A 5 9.88 -7.60 -3.10
N ALA A 6 8.82 -7.53 -3.88
CA ALA A 6 7.54 -8.12 -3.49
C ALA A 6 7.58 -9.63 -3.59
N GLU A 7 8.47 -10.15 -4.43
CA GLU A 7 8.61 -11.59 -4.61
C GLU A 7 9.40 -12.21 -3.47
N ASN A 8 10.54 -11.61 -3.14
CA ASN A 8 11.39 -12.10 -2.06
C ASN A 8 10.65 -12.09 -0.73
N PHE A 9 9.68 -11.18 -0.61
CA PHE A 9 8.90 -11.06 0.62
C PHE A 9 7.77 -12.09 0.64
N ARG A 10 7.06 -12.21 -0.48
CA ARG A 10 5.96 -13.15 -0.59
C ARG A 10 6.43 -14.59 -0.42
N VAL A 11 7.66 -14.87 -0.85
CA VAL A 11 8.22 -16.21 -0.74
C VAL A 11 8.71 -16.49 0.68
N LEU A 12 9.38 -15.51 1.28
CA LEU A 12 9.90 -15.66 2.64
C LEU A 12 8.76 -15.86 3.64
N VAL A 13 7.60 -15.33 3.30
CA VAL A 13 6.43 -15.45 4.18
C VAL A 13 5.56 -16.64 3.78
N LYS A 14 5.96 -17.33 2.72
CA LYS A 14 5.22 -18.49 2.25
C LYS A 14 6.11 -19.73 2.19
N GLN A 15 6.93 -19.91 3.23
CA GLN A 15 7.82 -21.06 3.29
C GLN A 15 7.46 -21.97 4.47
N LYS A 16 7.26 -21.36 5.63
CA LYS A 16 6.91 -22.09 6.84
C LYS A 16 6.74 -21.14 8.02
N LYS A 17 7.64 -20.16 8.10
CA LYS A 17 7.61 -19.17 9.16
C LYS A 17 8.32 -17.90 8.69
N ALA A 18 7.92 -16.78 9.27
CA ALA A 18 8.49 -15.49 8.94
C ALA A 18 7.83 -14.38 9.75
N SER A 19 6.56 -14.60 10.10
CA SER A 19 5.79 -13.63 10.88
C SER A 19 5.60 -12.33 10.10
N PHE A 20 4.36 -11.86 10.04
CA PHE A 20 4.04 -10.62 9.32
C PHE A 20 4.45 -9.40 10.15
N GLU A 21 5.74 -9.32 10.47
CA GLU A 21 6.26 -8.21 11.26
C GLU A 21 7.54 -7.67 10.64
N GLU A 22 8.57 -8.52 10.58
CA GLU A 22 9.85 -8.13 10.01
C GLU A 22 9.73 -7.93 8.50
N ALA A 23 9.02 -8.84 7.84
CA ALA A 23 8.82 -8.76 6.40
C ALA A 23 7.96 -7.56 6.04
N SER A 24 7.05 -7.20 6.94
CA SER A 24 6.16 -6.07 6.71
C SER A 24 6.92 -4.76 6.89
N ASN A 25 7.50 -4.57 8.07
CA ASN A 25 8.27 -3.36 8.36
C ASN A 25 9.31 -3.10 7.28
N GLN A 26 9.98 -4.17 6.84
CA GLN A 26 11.00 -4.05 5.79
C GLN A 26 10.37 -3.58 4.49
N LEU A 27 9.23 -4.18 4.14
CA LEU A 27 8.51 -3.82 2.93
C LEU A 27 8.20 -2.32 2.91
N ILE A 28 7.70 -1.82 4.04
CA ILE A 28 7.37 -0.41 4.16
C ILE A 28 8.62 0.46 4.01
N ASN A 29 9.71 0.01 4.63
CA ASN A 29 10.97 0.74 4.56
C ASN A 29 11.43 0.86 3.11
N HIS A 30 11.32 -0.24 2.37
CA HIS A 30 11.70 -0.26 0.97
C HIS A 30 10.88 0.75 0.19
N ILE A 31 9.56 0.72 0.39
CA ILE A 31 8.67 1.65 -0.28
C ILE A 31 9.10 3.09 0.00
N GLU A 32 9.33 3.39 1.27
CA GLU A 32 9.76 4.73 1.68
C GLU A 32 11.01 5.14 0.92
N GLN A 33 11.97 4.21 0.84
CA GLN A 33 13.22 4.48 0.13
C GLN A 33 12.94 4.85 -1.32
N PHE A 34 12.06 4.07 -1.96
CA PHE A 34 11.69 4.33 -3.35
C PHE A 34 11.14 5.75 -3.51
N LEU A 35 10.50 6.25 -2.47
CA LEU A 35 9.94 7.61 -2.49
C LEU A 35 11.02 8.66 -2.31
N ASP A 36 12.18 8.23 -1.81
CA ASP A 36 13.30 9.13 -1.58
C ASP A 36 13.83 9.67 -2.92
N THR A 37 13.28 9.16 -4.01
CA THR A 37 13.68 9.57 -5.35
C THR A 37 12.46 9.94 -6.18
N ASN A 38 12.39 11.21 -6.57
CA ASN A 38 11.28 11.71 -7.37
C ASN A 38 11.41 11.30 -8.83
N GLU A 39 11.47 9.99 -9.07
CA GLU A 39 11.60 9.46 -10.42
C GLU A 39 10.41 8.56 -10.76
N THR A 40 9.87 8.71 -11.96
CA THR A 40 8.73 7.90 -12.40
C THR A 40 9.00 6.40 -12.25
N PRO A 41 10.15 5.91 -12.74
CA PRO A 41 10.49 4.48 -12.64
C PRO A 41 10.54 3.99 -11.20
N TYR A 42 10.72 4.92 -10.27
CA TYR A 42 10.78 4.59 -8.85
C TYR A 42 9.39 4.50 -8.24
N PHE A 43 8.49 5.36 -8.68
CA PHE A 43 7.12 5.38 -8.18
C PHE A 43 6.36 4.14 -8.65
N MET A 44 6.80 3.57 -9.77
CA MET A 44 6.15 2.38 -10.33
C MET A 44 6.40 1.18 -9.42
N LYS A 45 7.56 1.18 -8.76
CA LYS A 45 7.92 0.09 -7.85
C LYS A 45 7.13 0.20 -6.55
N SER A 46 6.79 1.43 -6.17
CA SER A 46 6.03 1.66 -4.95
C SER A 46 4.65 1.05 -5.07
N ILE A 47 3.95 1.37 -6.17
CA ILE A 47 2.64 0.82 -6.42
C ILE A 47 2.69 -0.70 -6.47
N ASP A 48 3.75 -1.21 -7.12
CA ASP A 48 3.94 -2.65 -7.23
C ASP A 48 4.08 -3.28 -5.85
N CYS A 49 4.55 -2.48 -4.90
CA CYS A 49 4.73 -2.93 -3.53
C CYS A 49 3.40 -2.89 -2.78
N ILE A 50 2.64 -1.82 -3.01
CA ILE A 50 1.34 -1.67 -2.37
C ILE A 50 0.33 -2.69 -2.90
N ARG A 51 0.55 -3.11 -4.14
CA ARG A 51 -0.33 -4.08 -4.79
C ARG A 51 -0.05 -5.48 -4.27
N ALA A 52 1.20 -5.74 -3.92
CA ALA A 52 1.61 -7.05 -3.41
C ALA A 52 1.28 -7.16 -1.94
N PHE A 53 1.45 -6.06 -1.21
CA PHE A 53 1.16 -6.02 0.22
C PHE A 53 -0.36 -6.05 0.46
N ARG A 54 -1.08 -5.19 -0.25
CA ARG A 54 -2.53 -5.12 -0.12
C ARG A 54 -3.17 -6.50 -0.27
N GLU A 55 -2.75 -7.23 -1.30
CA GLU A 55 -3.30 -8.56 -1.54
C GLU A 55 -2.98 -9.52 -0.39
N GLU A 56 -1.74 -9.50 0.07
CA GLU A 56 -1.29 -10.38 1.14
C GLU A 56 -1.98 -10.06 2.47
N ALA A 57 -2.24 -8.78 2.73
CA ALA A 57 -2.86 -8.36 3.97
C ALA A 57 -4.40 -8.41 3.88
N ILE A 58 -4.93 -7.73 2.87
CA ILE A 58 -6.37 -7.68 2.67
C ILE A 58 -6.98 -9.08 2.65
N LYS A 59 -6.35 -9.99 1.91
CA LYS A 59 -6.83 -11.35 1.82
C LYS A 59 -7.07 -11.94 3.20
N PHE A 60 -6.10 -11.77 4.10
CA PHE A 60 -6.22 -12.27 5.46
C PHE A 60 -4.98 -11.94 6.29
N SER A 61 -5.06 -10.84 7.04
CA SER A 61 -3.94 -10.42 7.88
C SER A 61 -4.28 -9.15 8.65
N GLU A 62 -3.80 -8.01 8.16
CA GLU A 62 -4.05 -6.74 8.82
C GLU A 62 -4.54 -5.69 7.83
N GLU A 63 -5.70 -5.94 7.23
CA GLU A 63 -6.28 -4.99 6.28
C GLU A 63 -6.44 -3.60 6.90
N GLN A 64 -6.68 -3.57 8.21
CA GLN A 64 -6.85 -2.31 8.93
C GLN A 64 -5.53 -1.58 9.07
N ARG A 65 -4.43 -2.33 8.97
CA ARG A 65 -3.10 -1.74 9.06
C ARG A 65 -2.80 -0.95 7.80
N PHE A 66 -3.55 -1.25 6.74
CA PHE A 66 -3.38 -0.57 5.46
C PHE A 66 -4.20 0.70 5.42
N ASN A 67 -5.44 0.62 5.90
CA ASN A 67 -6.30 1.80 5.92
C ASN A 67 -5.76 2.77 6.97
N ASN A 68 -4.94 2.23 7.86
CA ASN A 68 -4.32 3.03 8.91
C ASN A 68 -3.13 3.79 8.33
N PHE A 69 -2.17 3.03 7.80
CA PHE A 69 -0.99 3.63 7.17
C PHE A 69 -1.39 4.55 6.02
N LEU A 70 -2.51 4.24 5.39
CA LEU A 70 -3.01 5.04 4.28
C LEU A 70 -3.64 6.32 4.82
N LYS A 71 -4.41 6.17 5.91
CA LYS A 71 -5.04 7.32 6.54
C LYS A 71 -4.01 8.40 6.84
N ALA A 72 -2.87 7.97 7.37
CA ALA A 72 -1.79 8.89 7.68
C ALA A 72 -1.10 9.35 6.41
N LEU A 73 -0.87 8.41 5.49
CA LEU A 73 -0.25 8.71 4.21
C LEU A 73 -0.93 9.90 3.55
N GLN A 74 -2.25 9.92 3.62
CA GLN A 74 -3.03 11.01 3.05
C GLN A 74 -2.69 12.33 3.75
N GLU A 75 -2.69 12.30 5.07
CA GLU A 75 -2.38 13.48 5.86
C GLU A 75 -0.92 13.90 5.66
N LYS A 76 -0.08 12.94 5.25
CA LYS A 76 1.33 13.19 5.03
C LYS A 76 1.55 13.81 3.66
N VAL A 77 0.99 13.16 2.64
CA VAL A 77 1.11 13.65 1.28
C VAL A 77 0.53 15.05 1.17
N GLU A 78 -0.44 15.36 2.04
CA GLU A 78 -1.06 16.67 2.05
C GLU A 78 0.00 17.71 2.39
N ILE A 79 0.80 17.41 3.41
CA ILE A 79 1.87 18.30 3.82
C ILE A 79 2.84 18.56 2.65
N LYS A 80 2.64 17.80 1.57
CA LYS A 80 3.45 17.91 0.37
C LYS A 80 4.79 17.21 0.53
N GLN A 81 4.99 16.17 -0.29
CA GLN A 81 6.22 15.38 -0.27
C GLN A 81 6.10 14.21 -1.23
N LEU A 82 4.89 13.67 -1.35
CA LEU A 82 4.62 12.55 -2.24
C LEU A 82 3.32 12.76 -3.01
N ASN A 83 3.09 13.99 -3.45
CA ASN A 83 1.88 14.34 -4.19
C ASN A 83 1.84 13.59 -5.52
N HIS A 84 2.97 13.03 -5.92
CA HIS A 84 3.08 12.29 -7.17
C HIS A 84 2.45 10.90 -7.04
N PHE A 85 2.64 10.28 -5.88
CA PHE A 85 2.10 8.95 -5.63
C PHE A 85 0.58 8.97 -5.60
N TRP A 86 0.01 10.13 -5.27
CA TRP A 86 -1.43 10.28 -5.20
C TRP A 86 -2.04 10.39 -6.60
N GLU A 87 -1.57 11.37 -7.37
CA GLU A 87 -2.06 11.57 -8.72
C GLU A 87 -1.77 10.35 -9.60
N ILE A 88 -0.84 9.53 -9.14
CA ILE A 88 -0.46 8.32 -9.88
C ILE A 88 -1.40 7.18 -9.52
N VAL A 89 -1.43 6.81 -8.24
CA VAL A 89 -2.29 5.75 -7.75
C VAL A 89 -3.71 5.92 -8.29
N VAL A 90 -4.11 7.18 -8.49
CA VAL A 90 -5.42 7.49 -9.01
C VAL A 90 -5.40 7.49 -10.53
N GLN A 91 -4.33 8.04 -11.09
CA GLN A 91 -4.15 8.07 -12.55
C GLN A 91 -4.46 6.71 -13.15
N ASP A 92 -4.24 5.66 -12.37
CA ASP A 92 -4.52 4.31 -12.83
C ASP A 92 -5.95 3.93 -12.48
N GLY A 93 -6.34 4.24 -11.24
CA GLY A 93 -7.68 3.98 -10.79
C GLY A 93 -7.74 3.05 -9.59
N ILE A 94 -6.77 3.17 -8.70
CA ILE A 94 -6.73 2.34 -7.50
C ILE A 94 -7.49 3.02 -6.37
N THR A 95 -8.01 2.21 -5.44
CA THR A 95 -8.76 2.75 -4.32
C THR A 95 -8.36 2.07 -3.02
N LEU A 96 -8.91 2.55 -1.91
CA LEU A 96 -8.60 1.99 -0.60
C LEU A 96 -9.34 0.69 -0.39
N ILE A 97 -9.28 0.20 0.85
CA ILE A 97 -9.94 -1.03 1.22
C ILE A 97 -11.46 -0.83 1.25
N THR A 98 -12.18 -1.55 0.39
CA THR A 98 -13.64 -1.42 0.33
C THR A 98 -14.34 -2.59 1.00
N LYS A 99 -15.55 -2.32 1.49
CA LYS A 99 -16.40 -3.29 2.17
C LYS A 99 -16.02 -4.75 1.86
N GLU A 100 -16.74 -5.36 0.94
CA GLU A 100 -16.49 -6.76 0.57
C GLU A 100 -15.18 -6.92 -0.19
N GLU A 101 -14.51 -5.81 -0.46
CA GLU A 101 -13.23 -5.85 -1.16
C GLU A 101 -12.12 -6.24 -0.19
N ALA A 102 -12.52 -6.51 1.04
CA ALA A 102 -11.58 -6.90 2.08
C ALA A 102 -12.02 -8.19 2.77
N SER A 103 -12.98 -8.07 3.68
CA SER A 103 -13.50 -9.21 4.44
C SER A 103 -14.31 -8.75 5.64
N GLY A 104 -13.89 -7.62 6.22
CA GLY A 104 -14.57 -7.08 7.39
C GLY A 104 -16.00 -6.64 7.12
N SER A 105 -16.54 -6.98 5.96
CA SER A 105 -17.91 -6.62 5.62
C SER A 105 -18.07 -5.11 5.46
N SER A 106 -18.61 -4.45 6.48
CA SER A 106 -18.81 -3.02 6.41
C SER A 106 -17.50 -2.25 6.45
N VAL A 107 -17.35 -1.33 5.52
CA VAL A 107 -16.18 -0.47 5.44
C VAL A 107 -16.63 0.97 5.28
N THR A 108 -15.98 1.85 6.02
CA THR A 108 -16.33 3.27 5.98
C THR A 108 -16.41 3.81 4.55
N ALA A 109 -17.30 4.76 4.36
CA ALA A 109 -17.49 5.41 3.07
C ALA A 109 -16.49 6.54 2.88
N GLU A 110 -15.87 6.92 3.99
CA GLU A 110 -14.90 8.01 3.98
C GLU A 110 -13.52 7.51 3.59
N GLU A 111 -13.33 6.20 3.69
CA GLU A 111 -12.06 5.58 3.37
C GLU A 111 -11.92 5.35 1.87
N ALA A 112 -12.94 4.76 1.27
CA ALA A 112 -12.92 4.45 -0.16
C ALA A 112 -13.41 5.60 -1.04
N LYS A 113 -14.46 6.28 -0.62
CA LYS A 113 -15.04 7.36 -1.42
C LYS A 113 -14.40 8.72 -1.17
N LYS A 114 -14.21 9.09 0.09
CA LYS A 114 -13.66 10.39 0.42
C LYS A 114 -12.21 10.54 -0.06
N PHE A 115 -11.43 9.48 0.09
CA PHE A 115 -10.03 9.52 -0.33
C PHE A 115 -9.88 9.83 -1.81
N LEU A 116 -10.77 9.27 -2.63
CA LEU A 116 -10.72 9.48 -4.07
C LEU A 116 -11.65 10.62 -4.50
N ALA A 117 -12.10 11.41 -3.53
CA ALA A 117 -12.99 12.53 -3.81
C ALA A 117 -12.38 13.86 -3.33
N PRO A 118 -12.61 14.96 -4.07
CA PRO A 118 -12.09 16.28 -3.71
C PRO A 118 -12.93 16.95 -2.62
N LYS A 119 -12.26 17.73 -1.76
CA LYS A 119 -12.94 18.43 -0.68
C LYS A 119 -13.37 19.82 -1.13
N ASP A 120 -14.67 20.08 -1.07
CA ASP A 120 -15.22 21.38 -1.47
C ASP A 120 -15.04 22.40 -0.36
N GLY A 1 16.45 -4.73 -12.48
CA GLY A 1 15.92 -5.30 -11.21
C GLY A 1 15.85 -6.81 -11.24
N PRO A 2 17.00 -7.50 -11.18
CA PRO A 2 17.06 -8.97 -11.20
C PRO A 2 16.25 -9.59 -10.06
N VAL A 3 15.93 -8.79 -9.05
CA VAL A 3 15.18 -9.25 -7.90
C VAL A 3 13.97 -8.35 -7.61
N ASN A 4 12.88 -8.96 -7.17
CA ASN A 4 11.67 -8.21 -6.86
C ASN A 4 11.34 -8.31 -5.37
N PRO A 5 11.23 -7.16 -4.68
CA PRO A 5 10.91 -7.12 -3.24
C PRO A 5 9.56 -7.76 -2.92
N ALA A 6 8.60 -7.59 -3.84
CA ALA A 6 7.27 -8.15 -3.65
C ALA A 6 7.28 -9.67 -3.76
N GLU A 7 8.20 -10.19 -4.58
CA GLU A 7 8.32 -11.64 -4.78
C GLU A 7 9.11 -12.28 -3.65
N ASN A 8 10.22 -11.65 -3.27
CA ASN A 8 11.07 -12.16 -2.20
C ASN A 8 10.32 -12.18 -0.87
N PHE A 9 9.36 -11.28 -0.73
CA PHE A 9 8.57 -11.18 0.49
C PHE A 9 7.44 -12.21 0.49
N ARG A 10 6.73 -12.30 -0.65
CA ARG A 10 5.63 -13.23 -0.78
C ARG A 10 6.11 -14.68 -0.65
N VAL A 11 7.34 -14.94 -1.07
CA VAL A 11 7.90 -16.28 -1.01
C VAL A 11 8.37 -16.62 0.41
N LEU A 12 8.98 -15.64 1.07
CA LEU A 12 9.48 -15.84 2.43
C LEU A 12 8.32 -16.06 3.39
N VAL A 13 7.16 -15.52 3.04
CA VAL A 13 5.97 -15.64 3.87
C VAL A 13 5.08 -16.80 3.42
N LYS A 14 5.48 -17.46 2.33
CA LYS A 14 4.70 -18.58 1.80
C LYS A 14 5.34 -19.92 2.15
N GLN A 15 6.65 -20.03 1.96
CA GLN A 15 7.37 -21.25 2.25
C GLN A 15 7.74 -21.32 3.72
N LYS A 16 7.37 -20.31 4.47
CA LYS A 16 7.69 -20.26 5.87
C LYS A 16 6.93 -19.13 6.55
N LYS A 17 6.25 -19.45 7.63
CA LYS A 17 5.48 -18.44 8.34
C LYS A 17 6.38 -17.66 9.29
N ALA A 18 7.09 -16.68 8.74
CA ALA A 18 7.99 -15.85 9.53
C ALA A 18 7.24 -14.69 10.17
N SER A 19 5.92 -14.85 10.32
CA SER A 19 5.08 -13.81 10.91
C SER A 19 5.04 -12.56 10.05
N PHE A 20 3.86 -11.98 9.90
CA PHE A 20 3.69 -10.77 9.11
C PHE A 20 4.13 -9.54 9.91
N GLU A 21 5.38 -9.55 10.35
CA GLU A 21 5.93 -8.44 11.12
C GLU A 21 7.23 -7.93 10.52
N GLU A 22 8.28 -8.75 10.60
CA GLU A 22 9.59 -8.38 10.06
C GLU A 22 9.51 -8.14 8.55
N ALA A 23 8.85 -9.05 7.85
CA ALA A 23 8.70 -8.94 6.41
C ALA A 23 7.96 -7.67 6.01
N SER A 24 6.90 -7.36 6.76
CA SER A 24 6.09 -6.18 6.49
C SER A 24 6.91 -4.91 6.73
N ASN A 25 7.49 -4.80 7.92
CA ASN A 25 8.31 -3.65 8.28
C ASN A 25 9.38 -3.38 7.22
N GLN A 26 10.10 -4.44 6.85
CA GLN A 26 11.15 -4.32 5.85
C GLN A 26 10.58 -3.76 4.55
N LEU A 27 9.46 -4.31 4.12
CA LEU A 27 8.79 -3.85 2.90
C LEU A 27 8.51 -2.36 2.97
N ILE A 28 7.90 -1.93 4.07
CA ILE A 28 7.58 -0.51 4.27
C ILE A 28 8.83 0.36 4.17
N ASN A 29 9.92 -0.09 4.79
CA ASN A 29 11.17 0.65 4.75
C ASN A 29 11.65 0.80 3.33
N HIS A 30 11.61 -0.29 2.57
CA HIS A 30 12.04 -0.27 1.18
C HIS A 30 11.25 0.79 0.42
N ILE A 31 9.94 0.79 0.61
CA ILE A 31 9.07 1.76 -0.02
C ILE A 31 9.53 3.18 0.32
N GLU A 32 9.73 3.43 1.61
CA GLU A 32 10.17 4.73 2.08
C GLU A 32 11.45 5.15 1.36
N GLN A 33 12.40 4.23 1.24
CA GLN A 33 13.67 4.51 0.58
C GLN A 33 13.40 4.92 -0.87
N PHE A 34 12.56 4.15 -1.55
CA PHE A 34 12.21 4.43 -2.94
C PHE A 34 11.68 5.86 -3.09
N LEU A 35 11.02 6.35 -2.05
CA LEU A 35 10.46 7.71 -2.08
C LEU A 35 11.57 8.76 -2.00
N ASP A 36 12.74 8.35 -1.55
CA ASP A 36 13.88 9.26 -1.42
C ASP A 36 14.38 9.69 -2.80
N THR A 37 13.87 9.03 -3.83
CA THR A 37 14.25 9.35 -5.21
C THR A 37 13.03 9.68 -6.05
N ASN A 38 12.90 10.96 -6.40
CA ASN A 38 11.78 11.42 -7.20
C ASN A 38 11.94 11.03 -8.67
N GLU A 39 11.98 9.73 -8.93
CA GLU A 39 12.12 9.22 -10.29
C GLU A 39 10.93 8.34 -10.66
N THR A 40 10.75 8.12 -11.95
CA THR A 40 9.64 7.29 -12.44
C THR A 40 9.87 5.81 -12.14
N PRO A 41 11.07 5.27 -12.47
CA PRO A 41 11.38 3.85 -12.23
C PRO A 41 11.35 3.49 -10.74
N TYR A 42 11.50 4.50 -9.89
CA TYR A 42 11.49 4.29 -8.45
C TYR A 42 10.07 4.30 -7.90
N PHE A 43 9.31 5.34 -8.24
CA PHE A 43 7.93 5.45 -7.77
C PHE A 43 7.08 4.31 -8.33
N MET A 44 7.48 3.82 -9.50
CA MET A 44 6.76 2.72 -10.13
C MET A 44 6.79 1.48 -9.24
N LYS A 45 7.80 1.42 -8.38
CA LYS A 45 7.97 0.30 -7.46
C LYS A 45 7.00 0.44 -6.30
N SER A 46 7.08 1.59 -5.61
CA SER A 46 6.18 1.87 -4.48
C SER A 46 4.76 1.45 -4.81
N ILE A 47 4.26 1.87 -5.97
CA ILE A 47 2.91 1.49 -6.40
C ILE A 47 2.77 -0.03 -6.40
N ASP A 48 3.73 -0.70 -7.02
CA ASP A 48 3.72 -2.16 -7.09
C ASP A 48 3.89 -2.76 -5.69
N CYS A 49 4.40 -1.93 -4.78
CA CYS A 49 4.60 -2.36 -3.40
C CYS A 49 3.30 -2.27 -2.62
N ILE A 50 2.62 -1.13 -2.75
CA ILE A 50 1.34 -0.92 -2.07
C ILE A 50 0.32 -1.94 -2.55
N ARG A 51 0.57 -2.46 -3.75
CA ARG A 51 -0.31 -3.47 -4.34
C ARG A 51 -0.07 -4.83 -3.71
N ALA A 52 1.18 -5.27 -3.74
CA ALA A 52 1.55 -6.55 -3.17
C ALA A 52 1.23 -6.61 -1.68
N PHE A 53 1.35 -5.47 -1.02
CA PHE A 53 1.09 -5.39 0.41
C PHE A 53 -0.41 -5.39 0.72
N ARG A 54 -1.14 -4.45 0.13
CA ARG A 54 -2.58 -4.34 0.35
C ARG A 54 -3.29 -5.65 0.04
N GLU A 55 -2.76 -6.40 -0.92
CA GLU A 55 -3.37 -7.67 -1.31
C GLU A 55 -3.13 -8.74 -0.24
N GLU A 56 -1.87 -8.94 0.12
CA GLU A 56 -1.52 -9.94 1.12
C GLU A 56 -2.10 -9.58 2.47
N ALA A 57 -2.43 -8.31 2.65
CA ALA A 57 -3.00 -7.82 3.90
C ALA A 57 -4.50 -8.06 3.95
N ILE A 58 -5.22 -7.45 3.00
CA ILE A 58 -6.67 -7.60 2.95
C ILE A 58 -7.05 -9.07 2.84
N LYS A 59 -6.26 -9.82 2.09
CA LYS A 59 -6.49 -11.24 1.91
C LYS A 59 -6.67 -11.93 3.26
N PHE A 60 -5.68 -11.78 4.15
CA PHE A 60 -5.75 -12.38 5.48
C PHE A 60 -4.49 -12.09 6.29
N SER A 61 -4.28 -10.83 6.63
CA SER A 61 -3.12 -10.44 7.41
C SER A 61 -3.34 -9.11 8.12
N GLU A 62 -2.61 -8.08 7.69
CA GLU A 62 -2.72 -6.76 8.32
C GLU A 62 -3.53 -5.81 7.45
N GLU A 63 -4.84 -5.92 7.50
CA GLU A 63 -5.73 -5.06 6.73
C GLU A 63 -5.89 -3.71 7.41
N GLN A 64 -6.11 -3.73 8.72
CA GLN A 64 -6.29 -2.50 9.48
C GLN A 64 -5.00 -1.70 9.54
N ARG A 65 -3.88 -2.39 9.37
CA ARG A 65 -2.57 -1.75 9.39
C ARG A 65 -2.38 -0.96 8.10
N PHE A 66 -3.16 -1.31 7.09
CA PHE A 66 -3.08 -0.64 5.80
C PHE A 66 -3.98 0.58 5.78
N ASN A 67 -5.21 0.43 6.28
CA ASN A 67 -6.14 1.56 6.33
C ASN A 67 -5.59 2.61 7.30
N ASN A 68 -4.66 2.15 8.15
CA ASN A 68 -4.03 3.03 9.11
C ASN A 68 -2.94 3.85 8.41
N PHE A 69 -1.99 3.14 7.82
CA PHE A 69 -0.89 3.79 7.09
C PHE A 69 -1.43 4.59 5.91
N LEU A 70 -2.51 4.11 5.32
CA LEU A 70 -3.15 4.79 4.19
C LEU A 70 -3.71 6.13 4.63
N LYS A 71 -4.41 6.12 5.75
CA LYS A 71 -5.00 7.34 6.30
C LYS A 71 -3.93 8.41 6.50
N ALA A 72 -2.81 8.00 7.10
CA ALA A 72 -1.71 8.93 7.34
C ALA A 72 -1.01 9.32 6.04
N LEU A 73 -0.78 8.33 5.19
CA LEU A 73 -0.14 8.55 3.90
C LEU A 73 -0.86 9.63 3.11
N GLN A 74 -2.17 9.47 2.98
CA GLN A 74 -3.01 10.43 2.26
C GLN A 74 -2.72 11.84 2.74
N GLU A 75 -2.70 12.01 4.06
CA GLU A 75 -2.42 13.32 4.65
C GLU A 75 -0.99 13.75 4.34
N LYS A 76 -0.10 12.76 4.23
CA LYS A 76 1.30 13.02 3.93
C LYS A 76 1.46 13.54 2.51
N VAL A 77 0.76 12.92 1.56
CA VAL A 77 0.86 13.34 0.16
C VAL A 77 0.22 14.72 -0.02
N GLU A 78 -0.76 15.02 0.84
CA GLU A 78 -1.45 16.29 0.78
C GLU A 78 -0.59 17.42 1.37
N ILE A 79 0.44 17.03 2.11
CA ILE A 79 1.33 18.02 2.75
C ILE A 79 2.78 17.89 2.29
N LYS A 80 3.38 16.73 2.57
CA LYS A 80 4.78 16.46 2.23
C LYS A 80 5.22 17.11 0.92
N GLN A 81 4.72 16.58 -0.21
CA GLN A 81 5.09 17.08 -1.54
C GLN A 81 4.80 16.04 -2.62
N LEU A 82 4.71 14.78 -2.21
CA LEU A 82 4.43 13.68 -3.14
C LEU A 82 2.96 13.68 -3.56
N ASN A 83 2.43 14.88 -3.83
CA ASN A 83 1.04 15.03 -4.24
C ASN A 83 0.79 14.32 -5.57
N HIS A 84 1.86 14.06 -6.32
CA HIS A 84 1.76 13.38 -7.60
C HIS A 84 1.47 11.91 -7.40
N PHE A 85 1.86 11.37 -6.25
CA PHE A 85 1.64 9.97 -5.93
C PHE A 85 0.15 9.65 -5.92
N TRP A 86 -0.64 10.53 -5.29
CA TRP A 86 -2.08 10.34 -5.21
C TRP A 86 -2.66 10.13 -6.60
N GLU A 87 -2.27 10.99 -7.53
CA GLU A 87 -2.73 10.86 -8.91
C GLU A 87 -2.22 9.56 -9.50
N ILE A 88 -1.02 9.17 -9.08
CA ILE A 88 -0.39 7.93 -9.52
C ILE A 88 -1.06 6.73 -8.85
N VAL A 89 -1.76 7.00 -7.75
CA VAL A 89 -2.43 5.95 -7.00
C VAL A 89 -3.82 5.70 -7.56
N VAL A 90 -4.46 6.77 -8.02
CA VAL A 90 -5.79 6.67 -8.59
C VAL A 90 -5.69 6.25 -10.06
N GLN A 91 -4.66 6.74 -10.73
CA GLN A 91 -4.43 6.41 -12.13
C GLN A 91 -4.27 4.90 -12.28
N ASP A 92 -3.47 4.30 -11.41
CA ASP A 92 -3.24 2.86 -11.43
C ASP A 92 -4.51 2.11 -11.05
N GLY A 93 -5.56 2.86 -10.73
CA GLY A 93 -6.81 2.25 -10.35
C GLY A 93 -6.82 1.70 -8.94
N ILE A 94 -5.76 1.99 -8.18
CA ILE A 94 -5.67 1.52 -6.81
C ILE A 94 -6.73 2.16 -5.93
N THR A 95 -7.46 1.34 -5.19
CA THR A 95 -8.52 1.83 -4.31
C THR A 95 -8.27 1.43 -2.86
N LEU A 96 -8.73 2.28 -1.95
CA LEU A 96 -8.58 2.03 -0.52
C LEU A 96 -9.16 0.68 -0.13
N ILE A 97 -9.02 0.34 1.15
CA ILE A 97 -9.51 -0.92 1.66
C ILE A 97 -11.03 -0.88 1.81
N THR A 98 -11.71 -1.80 1.13
CA THR A 98 -13.18 -1.86 1.18
C THR A 98 -13.66 -2.97 2.11
N LYS A 99 -14.74 -2.69 2.83
CA LYS A 99 -15.33 -3.65 3.77
C LYS A 99 -15.25 -5.09 3.27
N GLU A 100 -16.23 -5.48 2.46
CA GLU A 100 -16.29 -6.84 1.92
C GLU A 100 -14.98 -7.23 1.23
N GLU A 101 -14.17 -6.24 0.89
CA GLU A 101 -12.89 -6.49 0.25
C GLU A 101 -11.84 -6.89 1.28
N ALA A 102 -12.29 -7.20 2.49
CA ALA A 102 -11.40 -7.59 3.57
C ALA A 102 -11.83 -8.94 4.18
N SER A 103 -12.59 -9.70 3.41
CA SER A 103 -13.08 -11.02 3.85
C SER A 103 -13.94 -10.91 5.10
N GLY A 104 -15.18 -10.45 4.94
CA GLY A 104 -16.09 -10.34 6.07
C GLY A 104 -15.65 -9.32 7.09
N SER A 105 -15.05 -8.23 6.63
CA SER A 105 -14.59 -7.18 7.53
C SER A 105 -15.12 -5.83 7.11
N SER A 106 -15.98 -5.27 7.95
CA SER A 106 -16.58 -3.99 7.67
C SER A 106 -15.54 -2.88 7.67
N VAL A 107 -15.75 -1.92 6.79
CA VAL A 107 -14.87 -0.78 6.66
C VAL A 107 -15.67 0.48 6.38
N THR A 108 -15.25 1.59 6.96
CA THR A 108 -15.92 2.86 6.78
C THR A 108 -16.08 3.25 5.32
N ALA A 109 -17.15 3.97 5.02
CA ALA A 109 -17.43 4.44 3.66
C ALA A 109 -16.64 5.71 3.37
N GLU A 110 -16.09 6.29 4.43
CA GLU A 110 -15.30 7.52 4.34
C GLU A 110 -13.86 7.19 3.97
N GLU A 111 -13.50 5.93 4.13
CA GLU A 111 -12.16 5.47 3.85
C GLU A 111 -11.97 5.25 2.35
N ALA A 112 -12.91 4.57 1.73
CA ALA A 112 -12.82 4.27 0.31
C ALA A 112 -13.42 5.38 -0.58
N LYS A 113 -14.62 5.83 -0.23
CA LYS A 113 -15.32 6.84 -1.03
C LYS A 113 -14.67 8.22 -0.92
N LYS A 114 -14.35 8.66 0.29
CA LYS A 114 -13.77 9.97 0.49
C LYS A 114 -12.38 10.09 -0.12
N PHE A 115 -11.61 9.00 -0.06
CA PHE A 115 -10.25 9.00 -0.58
C PHE A 115 -10.25 9.07 -2.12
N LEU A 116 -11.07 8.25 -2.76
CA LEU A 116 -11.14 8.22 -4.22
C LEU A 116 -12.03 9.33 -4.76
N ALA A 117 -12.33 10.31 -3.91
CA ALA A 117 -13.18 11.43 -4.32
C ALA A 117 -12.36 12.50 -5.05
N PRO A 118 -12.95 13.14 -6.08
CA PRO A 118 -12.26 14.17 -6.86
C PRO A 118 -12.11 15.48 -6.09
N LYS A 119 -11.12 16.29 -6.48
CA LYS A 119 -10.87 17.57 -5.84
C LYS A 119 -10.74 17.40 -4.33
N ASP A 120 -9.59 16.90 -3.90
CA ASP A 120 -9.33 16.69 -2.47
C ASP A 120 -10.41 15.84 -1.84
N GLY A 1 13.74 -6.94 -13.66
CA GLY A 1 14.10 -8.33 -14.04
C GLY A 1 13.21 -9.36 -13.36
N PRO A 2 13.47 -10.66 -13.57
CA PRO A 2 12.69 -11.74 -12.96
C PRO A 2 12.62 -11.63 -11.44
N VAL A 3 13.70 -11.14 -10.84
CA VAL A 3 13.77 -10.98 -9.39
C VAL A 3 13.02 -9.73 -8.95
N ASN A 4 11.97 -9.93 -8.15
CA ASN A 4 11.17 -8.81 -7.64
C ASN A 4 10.95 -8.94 -6.13
N PRO A 5 10.98 -7.82 -5.40
CA PRO A 5 10.78 -7.82 -3.95
C PRO A 5 9.45 -8.42 -3.55
N ALA A 6 8.45 -8.30 -4.43
CA ALA A 6 7.13 -8.86 -4.17
C ALA A 6 7.14 -10.37 -4.18
N GLU A 7 8.07 -10.94 -4.95
CA GLU A 7 8.19 -12.39 -5.05
C GLU A 7 8.93 -12.96 -3.85
N ASN A 8 10.06 -12.35 -3.51
CA ASN A 8 10.87 -12.79 -2.38
C ASN A 8 10.11 -12.63 -1.07
N PHE A 9 9.20 -11.66 -1.04
CA PHE A 9 8.40 -11.40 0.15
C PHE A 9 7.31 -12.46 0.33
N ARG A 10 6.54 -12.69 -0.73
CA ARG A 10 5.47 -13.68 -0.68
C ARG A 10 6.00 -15.07 -0.38
N VAL A 11 7.25 -15.31 -0.77
CA VAL A 11 7.88 -16.61 -0.54
C VAL A 11 8.46 -16.70 0.87
N LEU A 12 9.19 -15.65 1.27
CA LEU A 12 9.79 -15.61 2.59
C LEU A 12 8.76 -15.78 3.69
N VAL A 13 7.51 -15.45 3.39
CA VAL A 13 6.44 -15.58 4.37
C VAL A 13 5.71 -16.92 4.25
N LYS A 14 5.36 -17.29 3.02
CA LYS A 14 4.66 -18.54 2.78
C LYS A 14 5.65 -19.70 2.61
N GLN A 15 6.55 -19.84 3.58
CA GLN A 15 7.54 -20.92 3.53
C GLN A 15 7.35 -21.88 4.70
N LYS A 16 7.21 -21.33 5.91
CA LYS A 16 7.03 -22.14 7.11
C LYS A 16 7.08 -21.26 8.36
N LYS A 17 7.91 -20.24 8.32
CA LYS A 17 8.07 -19.32 9.44
C LYS A 17 8.85 -18.09 9.01
N ALA A 18 8.48 -16.95 9.56
CA ALA A 18 9.12 -15.68 9.23
C ALA A 18 8.41 -14.51 9.91
N SER A 19 7.11 -14.70 10.19
CA SER A 19 6.29 -13.67 10.83
C SER A 19 6.05 -12.51 9.86
N PHE A 20 4.77 -12.26 9.58
CA PHE A 20 4.39 -11.20 8.67
C PHE A 20 4.94 -9.85 9.13
N GLU A 21 4.96 -9.64 10.44
CA GLU A 21 5.47 -8.40 11.01
C GLU A 21 6.82 -8.00 10.43
N GLU A 22 7.82 -8.86 10.61
CA GLU A 22 9.17 -8.58 10.10
C GLU A 22 9.17 -8.30 8.60
N ALA A 23 8.54 -9.19 7.84
CA ALA A 23 8.48 -9.03 6.39
C ALA A 23 7.73 -7.77 5.99
N SER A 24 6.75 -7.38 6.79
CA SER A 24 5.96 -6.20 6.52
C SER A 24 6.79 -4.94 6.72
N ASN A 25 7.39 -4.82 7.90
CA ASN A 25 8.24 -3.68 8.22
C ASN A 25 9.33 -3.51 7.17
N GLN A 26 9.98 -4.62 6.81
CA GLN A 26 11.04 -4.58 5.81
C GLN A 26 10.51 -4.05 4.49
N LEU A 27 9.39 -4.60 4.04
CA LEU A 27 8.77 -4.19 2.78
C LEU A 27 8.48 -2.69 2.78
N ILE A 28 7.85 -2.21 3.85
CA ILE A 28 7.52 -0.79 3.96
C ILE A 28 8.78 0.07 3.94
N ASN A 29 9.85 -0.43 4.55
CA ASN A 29 11.11 0.30 4.59
C ASN A 29 11.67 0.45 3.18
N HIS A 30 11.65 -0.65 2.44
CA HIS A 30 12.15 -0.64 1.06
C HIS A 30 11.37 0.38 0.24
N ILE A 31 10.05 0.38 0.42
CA ILE A 31 9.18 1.32 -0.28
C ILE A 31 9.61 2.75 0.02
N GLU A 32 9.76 3.05 1.31
CA GLU A 32 10.18 4.38 1.73
C GLU A 32 11.48 4.79 1.05
N GLN A 33 12.42 3.87 0.99
CA GLN A 33 13.70 4.12 0.35
C GLN A 33 13.49 4.48 -1.11
N PHE A 34 12.66 3.69 -1.79
CA PHE A 34 12.35 3.94 -3.20
C PHE A 34 11.84 5.37 -3.40
N LEU A 35 11.16 5.90 -2.39
CA LEU A 35 10.61 7.25 -2.46
C LEU A 35 11.71 8.29 -2.26
N ASP A 36 12.84 7.87 -1.69
CA ASP A 36 13.97 8.76 -1.44
C ASP A 36 14.57 9.23 -2.76
N THR A 37 14.08 8.69 -3.87
CA THR A 37 14.56 9.06 -5.19
C THR A 37 13.40 9.53 -6.07
N ASN A 38 13.40 10.83 -6.36
CA ASN A 38 12.35 11.42 -7.19
C ASN A 38 12.55 11.10 -8.66
N GLU A 39 12.51 9.81 -9.00
CA GLU A 39 12.68 9.37 -10.38
C GLU A 39 11.36 8.89 -10.96
N THR A 40 11.35 8.65 -12.27
CA THR A 40 10.14 8.20 -12.95
C THR A 40 9.93 6.69 -12.79
N PRO A 41 10.96 5.87 -13.05
CA PRO A 41 10.85 4.40 -12.93
C PRO A 41 10.94 3.92 -11.49
N TYR A 42 11.10 4.86 -10.56
CA TYR A 42 11.19 4.52 -9.15
C TYR A 42 9.81 4.42 -8.50
N PHE A 43 8.87 5.20 -9.01
CA PHE A 43 7.51 5.19 -8.48
C PHE A 43 6.76 3.96 -8.97
N MET A 44 7.21 3.40 -10.09
CA MET A 44 6.58 2.21 -10.65
C MET A 44 6.80 1.01 -9.73
N LYS A 45 7.94 0.99 -9.07
CA LYS A 45 8.27 -0.10 -8.14
C LYS A 45 7.49 0.06 -6.84
N SER A 46 7.18 1.31 -6.49
CA SER A 46 6.43 1.59 -5.27
C SER A 46 5.02 1.04 -5.38
N ILE A 47 4.34 1.38 -6.46
CA ILE A 47 2.99 0.90 -6.70
C ILE A 47 2.97 -0.63 -6.75
N ASP A 48 3.97 -1.19 -7.42
CA ASP A 48 4.08 -2.65 -7.53
C ASP A 48 4.23 -3.26 -6.15
N CYS A 49 4.72 -2.45 -5.22
CA CYS A 49 4.92 -2.90 -3.85
C CYS A 49 3.63 -2.75 -3.04
N ILE A 50 2.99 -1.59 -3.18
CA ILE A 50 1.74 -1.33 -2.48
C ILE A 50 0.65 -2.28 -2.96
N ARG A 51 0.85 -2.83 -4.15
CA ARG A 51 -0.09 -3.77 -4.73
C ARG A 51 0.07 -5.14 -4.09
N ALA A 52 1.29 -5.66 -4.11
CA ALA A 52 1.58 -6.95 -3.52
C ALA A 52 1.33 -6.93 -2.01
N PHE A 53 1.56 -5.78 -1.41
CA PHE A 53 1.37 -5.60 0.03
C PHE A 53 -0.11 -5.54 0.38
N ARG A 54 -0.82 -4.59 -0.23
CA ARG A 54 -2.25 -4.43 0.01
C ARG A 54 -3.00 -5.73 -0.24
N GLU A 55 -2.54 -6.49 -1.22
CA GLU A 55 -3.18 -7.76 -1.57
C GLU A 55 -2.99 -8.80 -0.48
N GLU A 56 -1.74 -9.08 -0.12
CA GLU A 56 -1.44 -10.08 0.90
C GLU A 56 -1.96 -9.66 2.26
N ALA A 57 -2.13 -8.35 2.47
CA ALA A 57 -2.61 -7.84 3.74
C ALA A 57 -4.14 -7.82 3.81
N ILE A 58 -4.75 -7.07 2.90
CA ILE A 58 -6.21 -6.96 2.87
C ILE A 58 -6.88 -8.32 2.73
N LYS A 59 -6.31 -9.18 1.90
CA LYS A 59 -6.86 -10.51 1.69
C LYS A 59 -7.04 -11.25 3.02
N PHE A 60 -6.01 -11.21 3.86
CA PHE A 60 -6.08 -11.87 5.16
C PHE A 60 -4.83 -11.57 5.99
N SER A 61 -4.89 -10.49 6.78
CA SER A 61 -3.77 -10.11 7.62
C SER A 61 -4.10 -8.89 8.48
N GLU A 62 -3.67 -7.72 8.02
CA GLU A 62 -3.92 -6.49 8.75
C GLU A 62 -4.43 -5.40 7.81
N GLU A 63 -5.61 -5.63 7.26
CA GLU A 63 -6.23 -4.67 6.34
C GLU A 63 -6.27 -3.26 6.94
N GLN A 64 -6.43 -3.19 8.27
CA GLN A 64 -6.49 -1.89 8.95
C GLN A 64 -5.10 -1.29 9.12
N ARG A 65 -4.08 -2.14 9.11
CA ARG A 65 -2.71 -1.66 9.24
C ARG A 65 -2.34 -0.81 8.03
N PHE A 66 -3.04 -1.08 6.93
CA PHE A 66 -2.81 -0.34 5.69
C PHE A 66 -3.70 0.89 5.63
N ASN A 67 -4.97 0.71 6.03
CA ASN A 67 -5.92 1.81 6.03
C ASN A 67 -5.51 2.84 7.08
N ASN A 68 -4.65 2.39 7.99
CA ASN A 68 -4.14 3.25 9.04
C ASN A 68 -3.05 4.15 8.46
N PHE A 69 -2.03 3.53 7.90
CA PHE A 69 -0.93 4.27 7.28
C PHE A 69 -1.44 5.06 6.06
N LEU A 70 -2.50 4.56 5.45
CA LEU A 70 -3.09 5.22 4.29
C LEU A 70 -3.75 6.53 4.70
N LYS A 71 -4.57 6.48 5.74
CA LYS A 71 -5.25 7.66 6.24
C LYS A 71 -4.25 8.77 6.56
N ALA A 72 -3.11 8.38 7.13
CA ALA A 72 -2.08 9.34 7.49
C ALA A 72 -1.27 9.78 6.26
N LEU A 73 -0.91 8.81 5.43
CA LEU A 73 -0.14 9.08 4.22
C LEU A 73 -0.88 10.07 3.32
N GLN A 74 -2.17 9.83 3.10
CA GLN A 74 -3.00 10.69 2.27
C GLN A 74 -2.97 12.13 2.77
N GLU A 75 -3.32 12.31 4.03
CA GLU A 75 -3.35 13.65 4.63
C GLU A 75 -1.96 14.26 4.67
N LYS A 76 -0.94 13.42 4.87
CA LYS A 76 0.43 13.89 4.95
C LYS A 76 0.89 14.45 3.60
N VAL A 77 0.82 13.62 2.56
CA VAL A 77 1.24 14.04 1.23
C VAL A 77 0.33 15.13 0.70
N GLU A 78 -0.85 15.24 1.30
CA GLU A 78 -1.82 16.26 0.90
C GLU A 78 -1.35 17.63 1.32
N ILE A 79 -1.10 17.79 2.62
CA ILE A 79 -0.64 19.07 3.16
C ILE A 79 0.85 19.31 2.86
N LYS A 80 1.21 19.28 1.59
CA LYS A 80 2.59 19.52 1.16
C LYS A 80 3.51 18.37 1.54
N GLN A 81 4.02 17.69 0.50
CA GLN A 81 4.93 16.56 0.67
C GLN A 81 5.14 15.83 -0.66
N LEU A 82 4.24 14.91 -0.97
CA LEU A 82 4.31 14.15 -2.21
C LEU A 82 2.92 13.84 -2.75
N ASN A 83 2.26 14.87 -3.29
CA ASN A 83 0.93 14.71 -3.84
C ASN A 83 0.96 13.93 -5.14
N HIS A 84 2.15 13.81 -5.72
CA HIS A 84 2.33 13.09 -6.97
C HIS A 84 2.03 11.60 -6.79
N PHE A 85 2.48 11.03 -5.68
CA PHE A 85 2.23 9.62 -5.40
C PHE A 85 0.75 9.34 -5.26
N TRP A 86 -0.01 10.38 -4.89
CA TRP A 86 -1.44 10.24 -4.72
C TRP A 86 -2.14 10.25 -6.08
N GLU A 87 -1.80 11.22 -6.92
CA GLU A 87 -2.39 11.33 -8.25
C GLU A 87 -2.02 10.11 -9.08
N ILE A 88 -0.97 9.44 -8.65
CA ILE A 88 -0.50 8.23 -9.33
C ILE A 88 -1.27 7.02 -8.82
N VAL A 89 -1.13 6.76 -7.52
CA VAL A 89 -1.82 5.64 -6.88
C VAL A 89 -3.30 5.60 -7.25
N VAL A 90 -3.89 6.78 -7.47
CA VAL A 90 -5.30 6.86 -7.83
C VAL A 90 -5.51 6.51 -9.30
N GLN A 91 -4.71 7.13 -10.16
CA GLN A 91 -4.77 6.88 -11.59
C GLN A 91 -4.62 5.40 -11.89
N ASP A 92 -3.76 4.73 -11.11
CA ASP A 92 -3.52 3.30 -11.28
C ASP A 92 -4.75 2.48 -10.93
N GLY A 93 -5.84 3.16 -10.61
CA GLY A 93 -7.08 2.48 -10.25
C GLY A 93 -7.08 1.93 -8.84
N ILE A 94 -5.98 2.11 -8.12
CA ILE A 94 -5.90 1.62 -6.74
C ILE A 94 -6.94 2.29 -5.86
N THR A 95 -7.67 1.49 -5.11
CA THR A 95 -8.71 2.01 -4.23
C THR A 95 -8.43 1.67 -2.77
N LEU A 96 -8.79 2.57 -1.88
CA LEU A 96 -8.60 2.38 -0.44
C LEU A 96 -9.10 1.00 0.01
N ILE A 97 -8.82 0.67 1.26
CA ILE A 97 -9.22 -0.60 1.83
C ILE A 97 -10.75 -0.67 1.93
N THR A 98 -11.36 -1.51 1.09
CA THR A 98 -12.80 -1.67 1.08
C THR A 98 -13.25 -2.78 2.03
N LYS A 99 -14.29 -2.49 2.80
CA LYS A 99 -14.85 -3.45 3.75
C LYS A 99 -15.04 -4.83 3.11
N GLU A 100 -15.73 -4.86 1.97
CA GLU A 100 -15.98 -6.11 1.27
C GLU A 100 -14.68 -6.77 0.81
N GLU A 101 -13.65 -5.97 0.60
CA GLU A 101 -12.36 -6.48 0.15
C GLU A 101 -11.59 -7.13 1.30
N ALA A 102 -12.02 -6.86 2.53
CA ALA A 102 -11.36 -7.41 3.70
C ALA A 102 -12.05 -8.70 4.17
N SER A 103 -12.89 -9.26 3.31
CA SER A 103 -13.63 -10.48 3.61
C SER A 103 -14.32 -10.41 4.97
N GLY A 104 -14.44 -9.20 5.51
CA GLY A 104 -15.08 -9.03 6.80
C GLY A 104 -16.10 -7.91 6.79
N SER A 105 -16.16 -7.17 5.69
CA SER A 105 -17.10 -6.05 5.56
C SER A 105 -16.95 -5.07 6.72
N SER A 106 -15.71 -4.70 7.03
CA SER A 106 -15.44 -3.77 8.12
C SER A 106 -14.67 -2.54 7.64
N VAL A 107 -15.40 -1.52 7.21
CA VAL A 107 -14.79 -0.28 6.73
C VAL A 107 -15.87 0.78 6.48
N THR A 108 -15.51 2.04 6.67
CA THR A 108 -16.46 3.14 6.48
C THR A 108 -16.41 3.68 5.04
N ALA A 109 -17.53 4.26 4.62
CA ALA A 109 -17.66 4.84 3.29
C ALA A 109 -16.76 6.06 3.15
N GLU A 110 -16.26 6.55 4.28
CA GLU A 110 -15.41 7.72 4.31
C GLU A 110 -13.98 7.35 3.96
N GLU A 111 -13.67 6.06 4.04
CA GLU A 111 -12.33 5.57 3.75
C GLU A 111 -12.16 5.29 2.25
N ALA A 112 -13.10 4.57 1.66
CA ALA A 112 -13.01 4.22 0.25
C ALA A 112 -13.60 5.27 -0.68
N LYS A 113 -14.69 5.91 -0.27
CA LYS A 113 -15.35 6.91 -1.10
C LYS A 113 -14.76 8.30 -0.95
N LYS A 114 -14.58 8.74 0.29
CA LYS A 114 -14.05 10.08 0.56
C LYS A 114 -12.63 10.24 0.02
N PHE A 115 -11.86 9.16 0.04
CA PHE A 115 -10.48 9.20 -0.44
C PHE A 115 -10.42 9.32 -1.96
N LEU A 116 -11.21 8.51 -2.65
CA LEU A 116 -11.23 8.52 -4.11
C LEU A 116 -12.16 9.61 -4.63
N ALA A 117 -12.46 10.59 -3.78
CA ALA A 117 -13.35 11.69 -4.17
C ALA A 117 -12.64 12.64 -5.13
N PRO A 118 -13.39 13.31 -6.02
CA PRO A 118 -12.82 14.25 -6.99
C PRO A 118 -12.27 15.50 -6.33
N LYS A 119 -11.39 16.21 -7.04
CA LYS A 119 -10.79 17.42 -6.52
C LYS A 119 -10.61 18.46 -7.63
N ASP A 120 -10.81 19.73 -7.28
CA ASP A 120 -10.66 20.81 -8.25
C ASP A 120 -9.30 21.47 -8.13
N GLY A 1 20.17 -14.04 -6.41
CA GLY A 1 18.94 -14.62 -5.79
C GLY A 1 17.80 -13.63 -5.76
N PRO A 2 17.84 -12.62 -4.87
CA PRO A 2 16.78 -11.61 -4.76
C PRO A 2 16.54 -10.88 -6.07
N VAL A 3 15.27 -10.73 -6.44
CA VAL A 3 14.91 -10.06 -7.68
C VAL A 3 13.92 -8.92 -7.41
N ASN A 4 12.74 -9.28 -6.90
CA ASN A 4 11.71 -8.30 -6.60
C ASN A 4 11.29 -8.40 -5.12
N PRO A 5 11.03 -7.25 -4.47
CA PRO A 5 10.61 -7.23 -3.07
C PRO A 5 9.33 -8.00 -2.82
N ALA A 6 8.42 -7.95 -3.79
CA ALA A 6 7.14 -8.65 -3.68
C ALA A 6 7.34 -10.16 -3.72
N GLU A 7 8.28 -10.61 -4.56
CA GLU A 7 8.55 -12.03 -4.69
C GLU A 7 9.23 -12.58 -3.44
N ASN A 8 10.27 -11.89 -2.98
CA ASN A 8 11.01 -12.31 -1.79
C ASN A 8 10.08 -12.40 -0.58
N PHE A 9 9.11 -11.49 -0.53
CA PHE A 9 8.15 -11.47 0.57
C PHE A 9 7.15 -12.61 0.46
N ARG A 10 6.62 -12.81 -0.75
CA ARG A 10 5.66 -13.86 -1.01
C ARG A 10 6.23 -15.23 -0.68
N VAL A 11 7.50 -15.44 -1.01
CA VAL A 11 8.15 -16.73 -0.75
C VAL A 11 8.49 -16.89 0.73
N LEU A 12 9.01 -15.82 1.33
CA LEU A 12 9.38 -15.85 2.74
C LEU A 12 8.19 -16.24 3.62
N VAL A 13 7.00 -15.83 3.19
CA VAL A 13 5.78 -16.14 3.94
C VAL A 13 5.09 -17.38 3.38
N LYS A 14 5.51 -17.80 2.19
CA LYS A 14 4.93 -18.97 1.54
C LYS A 14 5.19 -20.25 2.32
N GLN A 15 6.38 -20.36 2.92
CA GLN A 15 6.72 -21.56 3.68
C GLN A 15 6.43 -21.38 5.16
N LYS A 16 6.92 -20.27 5.73
CA LYS A 16 6.73 -19.91 7.16
C LYS A 16 8.04 -19.41 7.75
N LYS A 17 8.89 -18.84 6.90
CA LYS A 17 10.18 -18.34 7.34
C LYS A 17 10.02 -17.36 8.50
N ALA A 18 9.70 -16.11 8.18
CA ALA A 18 9.53 -15.08 9.20
C ALA A 18 8.14 -15.15 9.82
N SER A 19 7.14 -14.63 9.10
CA SER A 19 5.75 -14.60 9.56
C SER A 19 4.94 -13.61 8.74
N PHE A 20 5.23 -12.34 8.95
CA PHE A 20 4.53 -11.25 8.24
C PHE A 20 5.01 -9.89 8.74
N GLU A 21 4.99 -9.71 10.06
CA GLU A 21 5.42 -8.46 10.67
C GLU A 21 6.79 -8.00 10.17
N GLU A 22 7.80 -8.84 10.36
CA GLU A 22 9.16 -8.52 9.94
C GLU A 22 9.21 -8.18 8.45
N ALA A 23 8.63 -9.04 7.62
CA ALA A 23 8.61 -8.82 6.18
C ALA A 23 7.84 -7.56 5.82
N SER A 24 6.82 -7.26 6.62
CA SER A 24 6.00 -6.08 6.39
C SER A 24 6.80 -4.81 6.65
N ASN A 25 7.39 -4.73 7.83
CA ASN A 25 8.20 -3.57 8.20
C ASN A 25 9.27 -3.32 7.15
N GLN A 26 9.94 -4.39 6.73
CA GLN A 26 10.99 -4.29 5.72
C GLN A 26 10.43 -3.75 4.41
N LEU A 27 9.30 -4.29 3.98
CA LEU A 27 8.66 -3.87 2.74
C LEU A 27 8.33 -2.38 2.79
N ILE A 28 7.74 -1.93 3.90
CA ILE A 28 7.38 -0.53 4.05
C ILE A 28 8.64 0.36 4.08
N ASN A 29 9.71 -0.17 4.66
CA ASN A 29 10.97 0.57 4.74
C ASN A 29 11.53 0.78 3.35
N HIS A 30 11.52 -0.28 2.54
CA HIS A 30 12.01 -0.21 1.17
C HIS A 30 11.23 0.84 0.40
N ILE A 31 9.91 0.81 0.55
CA ILE A 31 9.04 1.77 -0.13
C ILE A 31 9.43 3.19 0.26
N GLU A 32 9.56 3.43 1.56
CA GLU A 32 9.95 4.74 2.06
C GLU A 32 11.23 5.22 1.40
N GLN A 33 12.22 4.32 1.30
CA GLN A 33 13.49 4.64 0.68
C GLN A 33 13.27 5.07 -0.76
N PHE A 34 12.45 4.30 -1.48
CA PHE A 34 12.15 4.60 -2.87
C PHE A 34 11.60 6.02 -3.00
N LEU A 35 10.91 6.49 -1.96
CA LEU A 35 10.35 7.84 -1.96
C LEU A 35 11.41 8.87 -1.58
N ASP A 36 12.47 8.40 -0.94
CA ASP A 36 13.55 9.28 -0.52
C ASP A 36 14.40 9.72 -1.71
N THR A 37 14.04 9.23 -2.90
CA THR A 37 14.76 9.58 -4.11
C THR A 37 13.78 9.84 -5.25
N ASN A 38 13.96 10.98 -5.90
CA ASN A 38 13.11 11.37 -7.01
C ASN A 38 13.48 10.60 -8.27
N GLU A 39 12.54 9.81 -8.79
CA GLU A 39 12.77 9.01 -9.99
C GLU A 39 11.45 8.47 -10.54
N THR A 40 11.42 8.23 -11.84
CA THR A 40 10.23 7.71 -12.50
C THR A 40 10.09 6.20 -12.32
N PRO A 41 11.17 5.42 -12.61
CA PRO A 41 11.13 3.96 -12.48
C PRO A 41 11.11 3.51 -11.03
N TYR A 42 11.30 4.47 -10.11
CA TYR A 42 11.30 4.16 -8.69
C TYR A 42 9.88 4.14 -8.13
N PHE A 43 9.07 5.10 -8.52
CA PHE A 43 7.69 5.19 -8.05
C PHE A 43 6.89 3.98 -8.53
N MET A 44 7.28 3.44 -9.69
CA MET A 44 6.60 2.27 -10.25
C MET A 44 6.81 1.05 -9.36
N LYS A 45 7.97 1.00 -8.71
CA LYS A 45 8.30 -0.10 -7.81
C LYS A 45 7.55 0.04 -6.49
N SER A 46 7.23 1.27 -6.14
CA SER A 46 6.51 1.55 -4.89
C SER A 46 5.08 1.02 -5.00
N ILE A 47 4.38 1.40 -6.06
CA ILE A 47 3.02 0.95 -6.29
C ILE A 47 2.99 -0.57 -6.40
N ASP A 48 3.98 -1.12 -7.10
CA ASP A 48 4.07 -2.58 -7.26
C ASP A 48 4.22 -3.23 -5.90
N CYS A 49 4.75 -2.48 -4.95
CA CYS A 49 4.95 -2.96 -3.59
C CYS A 49 3.67 -2.82 -2.78
N ILE A 50 3.07 -1.64 -2.83
CA ILE A 50 1.83 -1.38 -2.09
C ILE A 50 0.72 -2.30 -2.57
N ARG A 51 0.87 -2.79 -3.80
CA ARG A 51 -0.12 -3.69 -4.37
C ARG A 51 0.04 -5.09 -3.77
N ALA A 52 1.25 -5.63 -3.86
CA ALA A 52 1.52 -6.94 -3.30
C ALA A 52 1.28 -6.96 -1.79
N PHE A 53 1.48 -5.82 -1.16
CA PHE A 53 1.29 -5.68 0.28
C PHE A 53 -0.19 -5.69 0.64
N ARG A 54 -0.94 -4.76 0.07
CA ARG A 54 -2.38 -4.66 0.35
C ARG A 54 -3.11 -5.94 -0.04
N GLU A 55 -2.63 -6.60 -1.08
CA GLU A 55 -3.26 -7.85 -1.53
C GLU A 55 -3.09 -8.95 -0.50
N GLU A 56 -1.84 -9.25 -0.17
CA GLU A 56 -1.53 -10.30 0.79
C GLU A 56 -1.98 -9.95 2.20
N ALA A 57 -2.12 -8.65 2.48
CA ALA A 57 -2.53 -8.19 3.81
C ALA A 57 -4.05 -8.14 3.94
N ILE A 58 -4.68 -7.30 3.11
CA ILE A 58 -6.12 -7.14 3.15
C ILE A 58 -6.84 -8.48 3.00
N LYS A 59 -6.32 -9.32 2.11
CA LYS A 59 -6.92 -10.63 1.87
C LYS A 59 -7.08 -11.40 3.18
N PHE A 60 -6.01 -11.42 3.99
CA PHE A 60 -6.05 -12.12 5.27
C PHE A 60 -4.80 -11.86 6.10
N SER A 61 -4.78 -10.76 6.83
CA SER A 61 -3.64 -10.41 7.66
C SER A 61 -3.94 -9.21 8.55
N GLU A 62 -3.48 -8.04 8.13
CA GLU A 62 -3.70 -6.82 8.90
C GLU A 62 -4.27 -5.71 8.03
N GLU A 63 -5.50 -5.92 7.58
CA GLU A 63 -6.19 -4.92 6.75
C GLU A 63 -6.16 -3.53 7.39
N GLN A 64 -6.25 -3.48 8.72
CA GLN A 64 -6.25 -2.22 9.45
C GLN A 64 -4.90 -1.51 9.30
N ARG A 65 -3.88 -2.26 8.93
CA ARG A 65 -2.54 -1.70 8.76
C ARG A 65 -2.48 -0.90 7.47
N PHE A 66 -3.40 -1.19 6.56
CA PHE A 66 -3.45 -0.50 5.28
C PHE A 66 -4.27 0.77 5.40
N ASN A 67 -5.46 0.66 6.00
CA ASN A 67 -6.30 1.83 6.20
C ASN A 67 -5.59 2.81 7.13
N ASN A 68 -4.60 2.28 7.84
CA ASN A 68 -3.81 3.09 8.76
C ASN A 68 -2.81 3.92 7.97
N PHE A 69 -1.97 3.24 7.21
CA PHE A 69 -0.96 3.90 6.38
C PHE A 69 -1.61 4.79 5.33
N LEU A 70 -2.77 4.38 4.83
CA LEU A 70 -3.49 5.16 3.82
C LEU A 70 -3.95 6.49 4.39
N LYS A 71 -4.64 6.43 5.54
CA LYS A 71 -5.13 7.64 6.20
C LYS A 71 -4.00 8.64 6.41
N ALA A 72 -2.85 8.14 6.87
CA ALA A 72 -1.69 9.00 7.10
C ALA A 72 -1.14 9.51 5.78
N LEU A 73 -1.05 8.61 4.80
CA LEU A 73 -0.56 8.96 3.47
C LEU A 73 -1.27 10.19 2.94
N GLN A 74 -2.58 10.24 3.15
CA GLN A 74 -3.38 11.37 2.71
C GLN A 74 -2.98 12.63 3.46
N GLU A 75 -2.91 12.51 4.79
CA GLU A 75 -2.53 13.64 5.64
C GLU A 75 -1.12 14.12 5.32
N LYS A 76 -0.28 13.21 4.83
CA LYS A 76 1.11 13.54 4.50
C LYS A 76 1.19 14.19 3.13
N VAL A 77 0.62 13.51 2.13
CA VAL A 77 0.62 14.00 0.77
C VAL A 77 0.04 15.40 0.72
N GLU A 78 -0.87 15.70 1.65
CA GLU A 78 -1.49 17.01 1.71
C GLU A 78 -0.42 18.05 2.01
N ILE A 79 0.40 17.77 3.02
CA ILE A 79 1.49 18.67 3.38
C ILE A 79 2.43 18.90 2.20
N LYS A 80 2.20 18.14 1.12
CA LYS A 80 2.99 18.24 -0.10
C LYS A 80 4.32 17.48 0.03
N GLN A 81 4.44 16.43 -0.76
CA GLN A 81 5.65 15.60 -0.77
C GLN A 81 5.49 14.46 -1.77
N LEU A 82 4.28 13.91 -1.84
CA LEU A 82 3.98 12.81 -2.76
C LEU A 82 2.69 13.07 -3.52
N ASN A 83 2.50 14.31 -3.96
CA ASN A 83 1.31 14.69 -4.71
C ASN A 83 1.18 13.86 -5.98
N HIS A 84 2.28 13.23 -6.38
CA HIS A 84 2.29 12.42 -7.59
C HIS A 84 1.82 11.00 -7.30
N PHE A 85 2.21 10.47 -6.13
CA PHE A 85 1.82 9.12 -5.74
C PHE A 85 0.31 9.00 -5.60
N TRP A 86 -0.35 10.11 -5.28
CA TRP A 86 -1.80 10.11 -5.12
C TRP A 86 -2.49 10.19 -6.47
N GLU A 87 -2.07 11.14 -7.31
CA GLU A 87 -2.66 11.30 -8.63
C GLU A 87 -2.41 10.05 -9.47
N ILE A 88 -1.40 9.28 -9.08
CA ILE A 88 -1.06 8.05 -9.78
C ILE A 88 -1.89 6.90 -9.23
N VAL A 89 -1.74 6.66 -7.93
CA VAL A 89 -2.47 5.59 -7.25
C VAL A 89 -3.96 5.64 -7.59
N VAL A 90 -4.49 6.85 -7.80
CA VAL A 90 -5.90 7.00 -8.14
C VAL A 90 -6.13 6.67 -9.61
N GLN A 91 -5.29 7.24 -10.47
CA GLN A 91 -5.37 7.00 -11.90
C GLN A 91 -5.33 5.50 -12.20
N ASP A 92 -4.51 4.78 -11.45
CA ASP A 92 -4.37 3.33 -11.62
C ASP A 92 -5.64 2.60 -11.19
N GLY A 93 -6.63 3.37 -10.73
CA GLY A 93 -7.88 2.79 -10.28
C GLY A 93 -7.80 2.17 -8.91
N ILE A 94 -6.68 2.36 -8.22
CA ILE A 94 -6.51 1.80 -6.88
C ILE A 94 -7.45 2.47 -5.89
N THR A 95 -8.17 1.65 -5.13
CA THR A 95 -9.12 2.16 -4.15
C THR A 95 -8.53 2.27 -2.75
N LEU A 96 -9.40 2.44 -1.77
CA LEU A 96 -8.99 2.57 -0.38
C LEU A 96 -9.37 1.33 0.40
N ILE A 97 -9.82 0.31 -0.33
CA ILE A 97 -10.22 -0.97 0.25
C ILE A 97 -11.65 -0.88 0.78
N THR A 98 -12.48 -1.84 0.37
CA THR A 98 -13.88 -1.86 0.80
C THR A 98 -14.15 -3.02 1.76
N LYS A 99 -15.07 -2.79 2.68
CA LYS A 99 -15.46 -3.79 3.67
C LYS A 99 -15.48 -5.21 3.12
N GLU A 100 -16.41 -5.48 2.21
CA GLU A 100 -16.57 -6.81 1.63
C GLU A 100 -15.30 -7.35 0.95
N GLU A 101 -14.33 -6.47 0.70
CA GLU A 101 -13.08 -6.91 0.07
C GLU A 101 -12.38 -7.95 0.94
N ALA A 102 -12.94 -8.21 2.11
CA ALA A 102 -12.39 -9.19 3.04
C ALA A 102 -13.38 -10.32 3.27
N SER A 103 -13.21 -11.05 4.38
CA SER A 103 -14.10 -12.15 4.71
C SER A 103 -15.41 -11.64 5.30
N GLY A 104 -15.51 -10.32 5.42
CA GLY A 104 -16.71 -9.72 5.97
C GLY A 104 -16.39 -8.76 7.12
N SER A 105 -15.72 -7.67 6.79
CA SER A 105 -15.34 -6.69 7.80
C SER A 105 -15.81 -5.30 7.44
N SER A 106 -16.54 -4.69 8.37
CA SER A 106 -17.07 -3.35 8.16
C SER A 106 -15.94 -2.36 7.86
N VAL A 107 -16.21 -1.50 6.91
CA VAL A 107 -15.27 -0.47 6.51
C VAL A 107 -16.01 0.82 6.20
N THR A 108 -15.69 1.86 6.96
CA THR A 108 -16.33 3.16 6.81
C THR A 108 -16.40 3.63 5.36
N ALA A 109 -17.43 4.42 5.06
CA ALA A 109 -17.64 4.98 3.73
C ALA A 109 -16.76 6.19 3.53
N GLU A 110 -16.17 6.66 4.61
CA GLU A 110 -15.30 7.83 4.60
C GLU A 110 -13.91 7.43 4.10
N GLU A 111 -13.65 6.13 4.12
CA GLU A 111 -12.36 5.60 3.69
C GLU A 111 -12.28 5.50 2.18
N ALA A 112 -13.28 4.86 1.58
CA ALA A 112 -13.30 4.66 0.13
C ALA A 112 -13.92 5.83 -0.63
N LYS A 113 -14.99 6.40 -0.11
CA LYS A 113 -15.68 7.49 -0.79
C LYS A 113 -15.01 8.84 -0.58
N LYS A 114 -14.70 9.18 0.67
CA LYS A 114 -14.08 10.47 0.97
C LYS A 114 -12.70 10.63 0.34
N PHE A 115 -11.96 9.54 0.24
CA PHE A 115 -10.61 9.59 -0.32
C PHE A 115 -10.62 9.73 -1.84
N LEU A 116 -11.42 8.91 -2.52
CA LEU A 116 -11.49 8.95 -3.98
C LEU A 116 -12.28 10.16 -4.48
N ALA A 117 -13.31 10.55 -3.73
CA ALA A 117 -14.14 11.68 -4.11
C ALA A 117 -13.69 12.96 -3.38
N PRO A 118 -13.78 14.12 -4.06
CA PRO A 118 -13.38 15.40 -3.48
C PRO A 118 -14.39 15.92 -2.47
N LYS A 119 -14.33 17.21 -2.19
CA LYS A 119 -15.25 17.84 -1.24
C LYS A 119 -15.96 19.03 -1.88
N ASP A 120 -15.19 20.06 -2.22
CA ASP A 120 -15.75 21.26 -2.84
C ASP A 120 -15.48 21.27 -4.35
N GLY A 1 18.43 -4.62 -7.61
CA GLY A 1 17.95 -4.71 -9.03
C GLY A 1 17.33 -6.06 -9.35
N PRO A 2 18.15 -7.11 -9.48
CA PRO A 2 17.66 -8.46 -9.78
C PRO A 2 16.64 -8.94 -8.77
N VAL A 3 16.69 -8.40 -7.56
CA VAL A 3 15.78 -8.77 -6.49
C VAL A 3 14.63 -7.77 -6.37
N ASN A 4 13.44 -8.27 -6.06
CA ASN A 4 12.26 -7.42 -5.91
C ASN A 4 11.68 -7.54 -4.51
N PRO A 5 11.25 -6.42 -3.90
CA PRO A 5 10.67 -6.40 -2.56
C PRO A 5 9.44 -7.30 -2.43
N ALA A 6 8.67 -7.38 -3.52
CA ALA A 6 7.46 -8.20 -3.54
C ALA A 6 7.79 -9.65 -3.87
N GLU A 7 8.97 -9.88 -4.44
CA GLU A 7 9.40 -11.22 -4.81
C GLU A 7 10.05 -11.94 -3.62
N ASN A 8 10.78 -11.19 -2.82
CA ASN A 8 11.47 -11.76 -1.66
C ASN A 8 10.54 -11.81 -0.44
N PHE A 9 9.59 -10.87 -0.38
CA PHE A 9 8.65 -10.81 0.73
C PHE A 9 7.58 -11.90 0.62
N ARG A 10 7.02 -12.03 -0.58
CA ARG A 10 5.96 -13.01 -0.83
C ARG A 10 6.48 -14.44 -0.64
N VAL A 11 7.69 -14.69 -1.11
CA VAL A 11 8.28 -16.03 -1.00
C VAL A 11 8.60 -16.41 0.45
N LEU A 12 9.05 -15.45 1.24
CA LEU A 12 9.39 -15.73 2.64
C LEU A 12 8.14 -15.86 3.53
N VAL A 13 7.06 -15.21 3.12
CA VAL A 13 5.82 -15.27 3.90
C VAL A 13 4.88 -16.37 3.39
N LYS A 14 5.21 -16.94 2.24
CA LYS A 14 4.39 -18.01 1.66
C LYS A 14 4.98 -19.39 1.93
N GLN A 15 6.29 -19.43 2.17
CA GLN A 15 6.97 -20.69 2.44
C GLN A 15 6.32 -21.42 3.61
N LYS A 16 5.80 -20.66 4.57
CA LYS A 16 5.15 -21.24 5.73
C LYS A 16 4.42 -20.16 6.53
N LYS A 17 5.16 -19.16 6.99
CA LYS A 17 4.61 -18.07 7.78
C LYS A 17 5.70 -17.11 8.26
N ALA A 18 6.94 -17.60 8.32
CA ALA A 18 8.08 -16.81 8.76
C ALA A 18 7.70 -15.85 9.88
N SER A 19 7.43 -14.60 9.53
CA SER A 19 7.06 -13.58 10.51
C SER A 19 6.62 -12.29 9.82
N PHE A 20 5.32 -12.00 9.89
CA PHE A 20 4.77 -10.80 9.28
C PHE A 20 5.11 -9.55 10.09
N GLU A 21 6.40 -9.38 10.38
CA GLU A 21 6.86 -8.24 11.16
C GLU A 21 8.13 -7.65 10.54
N GLU A 22 9.16 -8.48 10.42
CA GLU A 22 10.42 -8.05 9.84
C GLU A 22 10.28 -7.88 8.33
N ALA A 23 9.56 -8.81 7.71
CA ALA A 23 9.34 -8.77 6.27
C ALA A 23 8.50 -7.57 5.89
N SER A 24 7.58 -7.19 6.76
CA SER A 24 6.70 -6.05 6.51
C SER A 24 7.45 -4.74 6.74
N ASN A 25 8.01 -4.60 7.93
CA ASN A 25 8.78 -3.40 8.28
C ASN A 25 9.84 -3.11 7.21
N GLN A 26 10.54 -4.16 6.80
CA GLN A 26 11.58 -4.02 5.78
C GLN A 26 10.97 -3.57 4.46
N LEU A 27 9.83 -4.15 4.10
CA LEU A 27 9.15 -3.79 2.87
C LEU A 27 8.83 -2.30 2.85
N ILE A 28 8.28 -1.80 3.95
CA ILE A 28 7.94 -0.39 4.04
C ILE A 28 9.20 0.47 3.96
N ASN A 29 10.29 -0.04 4.51
CA ASN A 29 11.56 0.67 4.49
C ASN A 29 12.05 0.81 3.05
N HIS A 30 11.95 -0.28 2.30
CA HIS A 30 12.36 -0.28 0.90
C HIS A 30 11.53 0.75 0.13
N ILE A 31 10.23 0.75 0.37
CA ILE A 31 9.34 1.70 -0.29
C ILE A 31 9.80 3.13 -0.01
N GLU A 32 10.04 3.42 1.26
CA GLU A 32 10.50 4.75 1.66
C GLU A 32 11.77 5.13 0.90
N GLN A 33 12.69 4.18 0.79
CA GLN A 33 13.94 4.41 0.08
C GLN A 33 13.66 4.78 -1.37
N PHE A 34 12.75 4.04 -1.99
CA PHE A 34 12.37 4.30 -3.38
C PHE A 34 11.89 5.73 -3.54
N LEU A 35 11.28 6.27 -2.49
CA LEU A 35 10.77 7.64 -2.53
C LEU A 35 11.92 8.65 -2.45
N ASP A 36 13.08 8.19 -1.99
CA ASP A 36 14.25 9.05 -1.86
C ASP A 36 14.74 9.50 -3.23
N THR A 37 14.16 8.91 -4.28
CA THR A 37 14.53 9.24 -5.65
C THR A 37 13.29 9.58 -6.46
N ASN A 38 13.19 10.83 -6.88
CA ASN A 38 12.05 11.30 -7.66
C ASN A 38 12.14 10.84 -9.11
N GLU A 39 12.16 9.52 -9.32
CA GLU A 39 12.24 8.96 -10.65
C GLU A 39 11.00 8.11 -10.95
N THR A 40 10.51 8.19 -12.18
CA THR A 40 9.32 7.44 -12.59
C THR A 40 9.51 5.93 -12.40
N PRO A 41 10.63 5.36 -12.89
CA PRO A 41 10.91 3.92 -12.76
C PRO A 41 10.96 3.47 -11.31
N TYR A 42 11.16 4.42 -10.40
CA TYR A 42 11.23 4.11 -8.98
C TYR A 42 9.84 4.09 -8.34
N PHE A 43 8.99 5.01 -8.77
CA PHE A 43 7.63 5.09 -8.24
C PHE A 43 6.81 3.88 -8.67
N MET A 44 7.21 3.25 -9.77
CA MET A 44 6.51 2.08 -10.27
C MET A 44 6.73 0.89 -9.35
N LYS A 45 7.90 0.87 -8.70
CA LYS A 45 8.24 -0.20 -7.77
C LYS A 45 7.49 -0.04 -6.46
N SER A 46 7.19 1.21 -6.10
CA SER A 46 6.49 1.49 -4.86
C SER A 46 5.05 0.99 -4.96
N ILE A 47 4.36 1.38 -6.02
CA ILE A 47 2.99 0.95 -6.24
C ILE A 47 2.92 -0.57 -6.30
N ASP A 48 3.91 -1.18 -6.97
CA ASP A 48 3.97 -2.62 -7.08
C ASP A 48 4.17 -3.25 -5.70
N CYS A 49 4.73 -2.47 -4.79
CA CYS A 49 4.97 -2.92 -3.43
C CYS A 49 3.68 -2.84 -2.61
N ILE A 50 2.92 -1.79 -2.85
CA ILE A 50 1.65 -1.59 -2.15
C ILE A 50 0.60 -2.57 -2.67
N ARG A 51 0.78 -3.01 -3.91
CA ARG A 51 -0.15 -3.94 -4.54
C ARG A 51 0.10 -5.36 -4.04
N ALA A 52 1.35 -5.65 -3.70
CA ALA A 52 1.72 -6.96 -3.20
C ALA A 52 1.40 -7.07 -1.72
N PHE A 53 1.56 -5.96 -1.01
CA PHE A 53 1.28 -5.91 0.42
C PHE A 53 -0.23 -5.91 0.67
N ARG A 54 -0.94 -5.04 -0.05
CA ARG A 54 -2.40 -4.94 0.08
C ARG A 54 -3.06 -6.30 -0.10
N GLU A 55 -2.59 -7.06 -1.07
CA GLU A 55 -3.15 -8.37 -1.36
C GLU A 55 -2.87 -9.35 -0.22
N GLU A 56 -1.61 -9.42 0.20
CA GLU A 56 -1.20 -10.34 1.27
C GLU A 56 -1.84 -9.96 2.61
N ALA A 57 -2.09 -8.68 2.83
CA ALA A 57 -2.67 -8.21 4.07
C ALA A 57 -4.19 -8.28 4.06
N ILE A 58 -4.81 -7.62 3.09
CA ILE A 58 -6.26 -7.61 2.97
C ILE A 58 -6.83 -9.02 2.91
N LYS A 59 -6.19 -9.89 2.13
CA LYS A 59 -6.64 -11.26 1.99
C LYS A 59 -6.85 -11.90 3.35
N PHE A 60 -5.85 -11.79 4.24
CA PHE A 60 -5.95 -12.37 5.57
C PHE A 60 -4.74 -12.02 6.43
N SER A 61 -4.80 -10.86 7.07
CA SER A 61 -3.70 -10.42 7.93
C SER A 61 -4.08 -9.19 8.74
N GLU A 62 -3.68 -8.03 8.26
CA GLU A 62 -3.97 -6.78 8.96
C GLU A 62 -4.49 -5.72 8.01
N GLU A 63 -5.65 -5.99 7.43
CA GLU A 63 -6.27 -5.05 6.48
C GLU A 63 -6.42 -3.65 7.11
N GLN A 64 -6.68 -3.61 8.41
CA GLN A 64 -6.86 -2.35 9.11
C GLN A 64 -5.53 -1.59 9.27
N ARG A 65 -4.42 -2.33 9.21
CA ARG A 65 -3.11 -1.71 9.34
C ARG A 65 -2.77 -0.94 8.07
N PHE A 66 -3.50 -1.26 7.00
CA PHE A 66 -3.30 -0.60 5.72
C PHE A 66 -4.14 0.66 5.63
N ASN A 67 -5.39 0.56 6.04
CA ASN A 67 -6.28 1.72 6.01
C ASN A 67 -5.86 2.69 7.11
N ASN A 68 -5.13 2.15 8.08
CA ASN A 68 -4.61 2.96 9.17
C ASN A 68 -3.53 3.89 8.64
N PHE A 69 -2.50 3.30 8.05
CA PHE A 69 -1.40 4.07 7.47
C PHE A 69 -1.87 4.82 6.23
N LEU A 70 -2.90 4.30 5.57
CA LEU A 70 -3.45 4.94 4.37
C LEU A 70 -4.08 6.28 4.73
N LYS A 71 -4.89 6.28 5.77
CA LYS A 71 -5.55 7.51 6.22
C LYS A 71 -4.53 8.57 6.57
N ALA A 72 -3.44 8.17 7.22
CA ALA A 72 -2.39 9.10 7.61
C ALA A 72 -1.55 9.53 6.40
N LEU A 73 -1.17 8.56 5.60
CA LEU A 73 -0.37 8.81 4.40
C LEU A 73 -1.06 9.80 3.47
N GLN A 74 -2.32 9.52 3.15
CA GLN A 74 -3.11 10.37 2.27
C GLN A 74 -3.07 11.82 2.72
N GLU A 75 -3.37 12.04 4.00
CA GLU A 75 -3.38 13.39 4.56
C GLU A 75 -1.98 14.01 4.52
N LYS A 76 -0.98 13.23 4.91
CA LYS A 76 0.40 13.68 4.93
C LYS A 76 0.85 14.15 3.55
N VAL A 77 0.71 13.27 2.56
CA VAL A 77 1.13 13.60 1.20
C VAL A 77 0.23 14.68 0.61
N GLU A 78 -1.01 14.74 1.09
CA GLU A 78 -1.95 15.75 0.63
C GLU A 78 -1.37 17.14 0.85
N ILE A 79 -0.92 17.39 2.07
CA ILE A 79 -0.33 18.68 2.42
C ILE A 79 0.96 18.92 1.62
N LYS A 80 2.06 18.35 2.10
CA LYS A 80 3.35 18.50 1.43
C LYS A 80 4.25 17.31 1.74
N GLN A 81 4.47 16.47 0.73
CA GLN A 81 5.32 15.29 0.88
C GLN A 81 5.45 14.56 -0.46
N LEU A 82 4.43 13.77 -0.79
CA LEU A 82 4.41 13.01 -2.04
C LEU A 82 3.01 12.96 -2.62
N ASN A 83 2.54 14.11 -3.13
CA ASN A 83 1.22 14.20 -3.73
C ASN A 83 1.18 13.45 -5.05
N HIS A 84 2.34 13.32 -5.69
CA HIS A 84 2.45 12.63 -6.97
C HIS A 84 2.06 11.16 -6.82
N PHE A 85 2.47 10.55 -5.71
CA PHE A 85 2.16 9.15 -5.45
C PHE A 85 0.65 8.96 -5.32
N TRP A 86 -0.05 10.02 -4.94
CA TRP A 86 -1.48 9.97 -4.77
C TRP A 86 -2.19 10.06 -6.12
N GLU A 87 -1.82 11.04 -6.93
CA GLU A 87 -2.42 11.22 -8.25
C GLU A 87 -2.08 10.02 -9.12
N ILE A 88 -1.07 9.28 -8.72
CA ILE A 88 -0.65 8.09 -9.45
C ILE A 88 -1.46 6.89 -9.00
N VAL A 89 -1.34 6.55 -7.73
CA VAL A 89 -2.08 5.42 -7.15
C VAL A 89 -3.57 5.48 -7.48
N VAL A 90 -4.08 6.70 -7.67
CA VAL A 90 -5.49 6.88 -7.99
C VAL A 90 -5.73 6.67 -9.48
N GLN A 91 -4.93 7.34 -10.31
CA GLN A 91 -5.04 7.22 -11.75
C GLN A 91 -4.98 5.76 -12.18
N ASP A 92 -4.25 4.95 -11.43
CA ASP A 92 -4.11 3.53 -11.73
C ASP A 92 -5.39 2.76 -11.41
N GLY A 93 -6.46 3.49 -11.12
CA GLY A 93 -7.73 2.86 -10.81
C GLY A 93 -7.75 2.27 -9.41
N ILE A 94 -6.61 2.26 -8.74
CA ILE A 94 -6.52 1.71 -7.39
C ILE A 94 -7.31 2.57 -6.41
N THR A 95 -8.02 1.92 -5.50
CA THR A 95 -8.82 2.62 -4.50
C THR A 95 -8.55 2.10 -3.10
N LEU A 96 -8.99 2.88 -2.10
CA LEU A 96 -8.80 2.51 -0.70
C LEU A 96 -9.42 1.16 -0.39
N ILE A 97 -9.24 0.70 0.84
CA ILE A 97 -9.77 -0.58 1.28
C ILE A 97 -11.29 -0.50 1.43
N THR A 98 -12.00 -1.35 0.69
CA THR A 98 -13.46 -1.38 0.75
C THR A 98 -13.96 -2.59 1.53
N LYS A 99 -15.09 -2.40 2.22
CA LYS A 99 -15.71 -3.45 3.02
C LYS A 99 -15.66 -4.81 2.32
N GLU A 100 -16.58 -5.02 1.38
CA GLU A 100 -16.67 -6.28 0.65
C GLU A 100 -15.36 -6.64 -0.05
N GLU A 101 -14.51 -5.64 -0.29
CA GLU A 101 -13.22 -5.88 -0.94
C GLU A 101 -12.35 -6.83 -0.12
N ALA A 102 -12.90 -7.34 0.98
CA ALA A 102 -12.19 -8.27 1.84
C ALA A 102 -13.15 -9.31 2.41
N SER A 103 -14.27 -8.82 2.95
CA SER A 103 -15.29 -9.69 3.54
C SER A 103 -16.46 -8.85 4.03
N GLY A 104 -17.43 -9.51 4.68
CA GLY A 104 -18.58 -8.79 5.21
C GLY A 104 -18.23 -7.96 6.43
N SER A 105 -17.26 -7.06 6.26
CA SER A 105 -16.82 -6.20 7.34
C SER A 105 -17.12 -4.76 7.03
N SER A 106 -17.77 -4.08 7.95
CA SER A 106 -18.13 -2.69 7.77
C SER A 106 -16.89 -1.82 7.55
N VAL A 107 -16.95 -1.03 6.49
CA VAL A 107 -15.87 -0.12 6.15
C VAL A 107 -16.45 1.25 5.82
N THR A 108 -15.93 2.25 6.52
CA THR A 108 -16.38 3.62 6.36
C THR A 108 -16.48 4.05 4.90
N ALA A 109 -17.44 4.93 4.63
CA ALA A 109 -17.68 5.47 3.30
C ALA A 109 -16.73 6.63 3.03
N GLU A 110 -16.10 7.09 4.10
CA GLU A 110 -15.18 8.22 4.04
C GLU A 110 -13.78 7.75 3.63
N GLU A 111 -13.56 6.45 3.76
CA GLU A 111 -12.27 5.87 3.43
C GLU A 111 -12.16 5.60 1.93
N ALA A 112 -13.19 5.00 1.35
CA ALA A 112 -13.18 4.67 -0.07
C ALA A 112 -13.69 5.80 -0.96
N LYS A 113 -14.75 6.47 -0.54
CA LYS A 113 -15.35 7.53 -1.34
C LYS A 113 -14.66 8.89 -1.15
N LYS A 114 -14.42 9.28 0.10
CA LYS A 114 -13.80 10.57 0.39
C LYS A 114 -12.38 10.66 -0.17
N PHE A 115 -11.63 9.57 -0.07
CA PHE A 115 -10.26 9.55 -0.56
C PHE A 115 -10.19 9.72 -2.06
N LEU A 116 -11.02 8.98 -2.78
CA LEU A 116 -11.05 9.04 -4.24
C LEU A 116 -12.14 10.01 -4.73
N ALA A 117 -12.35 11.08 -3.98
CA ALA A 117 -13.35 12.08 -4.35
C ALA A 117 -12.86 12.95 -5.50
N PRO A 118 -13.79 13.47 -6.33
CA PRO A 118 -13.44 14.32 -7.47
C PRO A 118 -12.88 15.67 -7.04
N LYS A 119 -12.05 16.27 -7.89
CA LYS A 119 -11.44 17.56 -7.60
C LYS A 119 -11.93 18.62 -8.59
N ASP A 120 -11.54 18.48 -9.84
CA ASP A 120 -11.93 19.42 -10.88
C ASP A 120 -13.24 18.99 -11.55
N GLY A 1 15.04 -5.84 -9.12
CA GLY A 1 14.76 -6.44 -10.46
C GLY A 1 14.92 -7.94 -10.46
N PRO A 2 16.17 -8.45 -10.52
CA PRO A 2 16.44 -9.89 -10.53
C PRO A 2 15.89 -10.59 -9.31
N VAL A 3 15.72 -9.84 -8.22
CA VAL A 3 15.19 -10.38 -6.98
C VAL A 3 13.76 -9.92 -6.73
N ASN A 4 13.52 -8.64 -6.92
CA ASN A 4 12.19 -8.05 -6.72
C ASN A 4 11.73 -8.24 -5.27
N PRO A 5 11.83 -7.17 -4.45
CA PRO A 5 11.43 -7.23 -3.04
C PRO A 5 10.03 -7.81 -2.85
N ALA A 6 9.16 -7.58 -3.82
CA ALA A 6 7.78 -8.08 -3.76
C ALA A 6 7.76 -9.60 -3.84
N GLU A 7 8.61 -10.17 -4.69
CA GLU A 7 8.68 -11.61 -4.87
C GLU A 7 9.41 -12.27 -3.71
N ASN A 8 10.53 -11.67 -3.29
CA ASN A 8 11.33 -12.19 -2.19
C ASN A 8 10.53 -12.22 -0.90
N PHE A 9 9.64 -11.25 -0.73
CA PHE A 9 8.81 -11.16 0.46
C PHE A 9 7.67 -12.18 0.39
N ARG A 10 7.04 -12.27 -0.77
CA ARG A 10 5.93 -13.19 -0.97
C ARG A 10 6.36 -14.64 -0.79
N VAL A 11 7.59 -14.95 -1.17
CA VAL A 11 8.12 -16.30 -1.05
C VAL A 11 8.59 -16.59 0.37
N LEU A 12 9.24 -15.61 1.00
CA LEU A 12 9.74 -15.76 2.35
C LEU A 12 8.60 -15.98 3.34
N VAL A 13 7.43 -15.46 3.00
CA VAL A 13 6.25 -15.59 3.86
C VAL A 13 5.39 -16.77 3.43
N LYS A 14 5.77 -17.42 2.34
CA LYS A 14 5.02 -18.57 1.83
C LYS A 14 5.90 -19.82 1.78
N GLN A 15 6.65 -20.06 2.85
CA GLN A 15 7.52 -21.23 2.92
C GLN A 15 7.07 -22.16 4.04
N LYS A 16 6.83 -21.59 5.22
CA LYS A 16 6.39 -22.34 6.39
C LYS A 16 6.28 -21.44 7.60
N LYS A 17 7.20 -20.47 7.67
CA LYS A 17 7.22 -19.51 8.77
C LYS A 17 7.95 -18.26 8.33
N ALA A 18 7.58 -17.13 8.93
CA ALA A 18 8.18 -15.85 8.61
C ALA A 18 7.56 -14.73 9.44
N SER A 19 6.30 -14.93 9.82
CA SER A 19 5.56 -13.96 10.61
C SER A 19 5.38 -12.65 9.84
N PHE A 20 4.14 -12.16 9.79
CA PHE A 20 3.84 -10.91 9.10
C PHE A 20 4.22 -9.71 9.97
N GLU A 21 5.49 -9.62 10.33
CA GLU A 21 5.99 -8.53 11.16
C GLU A 21 7.27 -7.95 10.58
N GLU A 22 8.33 -8.76 10.56
CA GLU A 22 9.61 -8.33 10.04
C GLU A 22 9.56 -8.12 8.53
N ALA A 23 8.88 -9.04 7.83
CA ALA A 23 8.75 -8.95 6.39
C ALA A 23 7.88 -7.77 5.98
N SER A 24 6.92 -7.43 6.84
CA SER A 24 6.02 -6.31 6.57
C SER A 24 6.72 -4.98 6.82
N ASN A 25 7.21 -4.80 8.05
CA ASN A 25 7.90 -3.57 8.43
C ASN A 25 9.01 -3.25 7.44
N GLN A 26 9.80 -4.28 7.09
CA GLN A 26 10.90 -4.10 6.16
C GLN A 26 10.39 -3.65 4.80
N LEU A 27 9.30 -4.26 4.35
CA LEU A 27 8.71 -3.91 3.06
C LEU A 27 8.33 -2.44 3.04
N ILE A 28 7.68 -1.97 4.10
CA ILE A 28 7.27 -0.58 4.19
C ILE A 28 8.47 0.35 4.17
N ASN A 29 9.52 -0.03 4.90
CA ASN A 29 10.74 0.76 4.96
C ASN A 29 11.35 0.91 3.57
N HIS A 30 11.40 -0.21 2.84
CA HIS A 30 11.95 -0.21 1.50
C HIS A 30 11.19 0.78 0.63
N ILE A 31 9.87 0.72 0.70
CA ILE A 31 9.02 1.62 -0.07
C ILE A 31 9.34 3.08 0.27
N GLU A 32 9.40 3.36 1.57
CA GLU A 32 9.71 4.70 2.04
C GLU A 32 11.01 5.20 1.42
N GLN A 33 12.03 4.34 1.42
CA GLN A 33 13.32 4.69 0.85
C GLN A 33 13.17 5.06 -0.62
N PHE A 34 12.40 4.23 -1.34
CA PHE A 34 12.16 4.46 -2.76
C PHE A 34 11.54 5.85 -2.98
N LEU A 35 10.82 6.34 -1.97
CA LEU A 35 10.19 7.64 -2.06
C LEU A 35 11.19 8.75 -1.71
N ASP A 36 12.27 8.36 -1.05
CA ASP A 36 13.31 9.30 -0.66
C ASP A 36 14.16 9.71 -1.85
N THR A 37 13.84 9.16 -3.02
CA THR A 37 14.57 9.46 -4.23
C THR A 37 13.62 9.74 -5.39
N ASN A 38 13.80 10.88 -6.02
CA ASN A 38 12.96 11.27 -7.15
C ASN A 38 13.41 10.57 -8.42
N GLU A 39 12.53 9.75 -8.98
CA GLU A 39 12.83 9.01 -10.20
C GLU A 39 11.55 8.44 -10.82
N THR A 40 11.60 8.14 -12.11
CA THR A 40 10.45 7.59 -12.81
C THR A 40 10.31 6.08 -12.57
N PRO A 41 11.39 5.29 -12.74
CA PRO A 41 11.36 3.84 -12.54
C PRO A 41 11.32 3.46 -11.06
N TYR A 42 11.44 4.46 -10.19
CA TYR A 42 11.42 4.23 -8.75
C TYR A 42 9.99 4.15 -8.23
N PHE A 43 9.14 5.04 -8.71
CA PHE A 43 7.74 5.08 -8.29
C PHE A 43 6.98 3.87 -8.83
N MET A 44 7.36 3.44 -10.03
CA MET A 44 6.71 2.29 -10.66
C MET A 44 6.88 1.05 -9.78
N LYS A 45 8.01 0.98 -9.10
CA LYS A 45 8.30 -0.13 -8.21
C LYS A 45 7.57 0.02 -6.89
N SER A 46 7.27 1.28 -6.53
CA SER A 46 6.55 1.56 -5.29
C SER A 46 5.15 1.00 -5.37
N ILE A 47 4.45 1.33 -6.45
CA ILE A 47 3.09 0.84 -6.67
C ILE A 47 3.09 -0.69 -6.71
N ASP A 48 4.11 -1.25 -7.37
CA ASP A 48 4.24 -2.69 -7.48
C ASP A 48 4.41 -3.29 -6.09
N CYS A 49 4.90 -2.48 -5.16
CA CYS A 49 5.09 -2.92 -3.79
C CYS A 49 3.80 -2.78 -3.00
N ILE A 50 3.14 -1.62 -3.13
CA ILE A 50 1.88 -1.37 -2.44
C ILE A 50 0.82 -2.35 -2.90
N ARG A 51 1.01 -2.88 -4.10
CA ARG A 51 0.07 -3.85 -4.67
C ARG A 51 0.27 -5.21 -4.02
N ALA A 52 1.50 -5.70 -4.07
CA ALA A 52 1.84 -6.99 -3.50
C ALA A 52 1.52 -7.01 -2.00
N PHE A 53 1.67 -5.86 -1.36
CA PHE A 53 1.40 -5.73 0.07
C PHE A 53 -0.10 -5.64 0.35
N ARG A 54 -0.76 -4.66 -0.26
CA ARG A 54 -2.18 -4.46 -0.07
C ARG A 54 -2.96 -5.76 -0.32
N GLU A 55 -2.49 -6.54 -1.28
CA GLU A 55 -3.14 -7.80 -1.62
C GLU A 55 -2.96 -8.84 -0.53
N GLU A 56 -1.70 -9.14 -0.20
CA GLU A 56 -1.40 -10.13 0.82
C GLU A 56 -1.92 -9.74 2.19
N ALA A 57 -2.13 -8.43 2.40
CA ALA A 57 -2.62 -7.94 3.68
C ALA A 57 -4.15 -7.94 3.74
N ILE A 58 -4.75 -7.20 2.82
CA ILE A 58 -6.21 -7.09 2.75
C ILE A 58 -6.86 -8.47 2.64
N LYS A 59 -6.30 -9.32 1.79
CA LYS A 59 -6.82 -10.67 1.59
C LYS A 59 -7.01 -11.38 2.93
N PHE A 60 -5.99 -11.31 3.79
CA PHE A 60 -6.04 -11.94 5.10
C PHE A 60 -4.78 -11.66 5.91
N SER A 61 -4.82 -10.60 6.70
CA SER A 61 -3.67 -10.23 7.54
C SER A 61 -3.99 -9.01 8.40
N GLU A 62 -3.55 -7.84 7.94
CA GLU A 62 -3.78 -6.61 8.69
C GLU A 62 -4.32 -5.52 7.77
N GLU A 63 -5.51 -5.74 7.26
CA GLU A 63 -6.17 -4.78 6.36
C GLU A 63 -6.20 -3.37 6.97
N GLN A 64 -6.31 -3.31 8.29
CA GLN A 64 -6.36 -2.02 8.99
C GLN A 64 -4.97 -1.42 9.14
N ARG A 65 -3.94 -2.27 9.09
CA ARG A 65 -2.57 -1.79 9.21
C ARG A 65 -2.24 -0.93 8.00
N PHE A 66 -2.96 -1.17 6.91
CA PHE A 66 -2.76 -0.41 5.69
C PHE A 66 -3.66 0.83 5.66
N ASN A 67 -4.90 0.65 6.10
CA ASN A 67 -5.87 1.75 6.15
C ASN A 67 -5.42 2.75 7.20
N ASN A 68 -4.55 2.28 8.08
CA ASN A 68 -4.00 3.12 9.15
C ASN A 68 -2.93 4.03 8.56
N PHE A 69 -1.93 3.40 7.95
CA PHE A 69 -0.85 4.15 7.30
C PHE A 69 -1.40 4.99 6.14
N LEU A 70 -2.51 4.52 5.57
CA LEU A 70 -3.14 5.21 4.46
C LEU A 70 -3.76 6.51 4.95
N LYS A 71 -4.51 6.42 6.05
CA LYS A 71 -5.14 7.59 6.64
C LYS A 71 -4.10 8.67 6.88
N ALA A 72 -2.94 8.27 7.37
CA ALA A 72 -1.85 9.20 7.64
C ALA A 72 -1.21 9.66 6.33
N LEU A 73 -1.00 8.71 5.43
CA LEU A 73 -0.40 8.99 4.14
C LEU A 73 -1.13 10.14 3.45
N GLN A 74 -2.46 10.13 3.55
CA GLN A 74 -3.28 11.17 2.97
C GLN A 74 -2.95 12.52 3.60
N GLU A 75 -2.95 12.53 4.93
CA GLU A 75 -2.64 13.75 5.68
C GLU A 75 -1.22 14.23 5.38
N LYS A 76 -0.36 13.29 5.01
CA LYS A 76 1.04 13.61 4.71
C LYS A 76 1.17 14.17 3.29
N VAL A 77 0.64 13.40 2.34
CA VAL A 77 0.69 13.80 0.95
C VAL A 77 -0.01 15.13 0.75
N GLU A 78 -0.97 15.43 1.64
CA GLU A 78 -1.69 16.69 1.57
C GLU A 78 -0.71 17.84 1.75
N ILE A 79 0.11 17.75 2.80
CA ILE A 79 1.10 18.77 3.08
C ILE A 79 2.04 18.98 1.87
N LYS A 80 1.83 18.18 0.83
CA LYS A 80 2.63 18.26 -0.40
C LYS A 80 3.98 17.57 -0.24
N GLN A 81 4.18 16.53 -1.04
CA GLN A 81 5.42 15.75 -1.03
C GLN A 81 5.33 14.61 -2.03
N LEU A 82 4.15 14.02 -2.14
CA LEU A 82 3.92 12.91 -3.05
C LEU A 82 2.54 13.01 -3.71
N ASN A 83 2.19 14.21 -4.15
CA ASN A 83 0.90 14.45 -4.79
C ASN A 83 0.75 13.61 -6.06
N HIS A 84 1.89 13.32 -6.70
CA HIS A 84 1.88 12.53 -7.92
C HIS A 84 1.55 11.07 -7.61
N PHE A 85 2.01 10.58 -6.47
CA PHE A 85 1.75 9.20 -6.07
C PHE A 85 0.25 8.99 -5.85
N TRP A 86 -0.45 10.07 -5.51
CA TRP A 86 -1.88 10.00 -5.27
C TRP A 86 -2.64 9.95 -6.59
N GLU A 87 -2.33 10.90 -7.48
CA GLU A 87 -2.98 10.95 -8.79
C GLU A 87 -2.66 9.70 -9.59
N ILE A 88 -1.61 9.00 -9.17
CA ILE A 88 -1.20 7.77 -9.82
C ILE A 88 -1.98 6.59 -9.26
N VAL A 89 -1.83 6.36 -7.96
CA VAL A 89 -2.52 5.27 -7.29
C VAL A 89 -4.02 5.29 -7.59
N VAL A 90 -4.57 6.49 -7.78
CA VAL A 90 -5.99 6.62 -8.09
C VAL A 90 -6.26 6.29 -9.55
N GLN A 91 -5.48 6.89 -10.44
CA GLN A 91 -5.59 6.64 -11.88
C GLN A 91 -5.55 5.14 -12.18
N ASP A 92 -4.78 4.40 -11.39
CA ASP A 92 -4.66 2.96 -11.57
C ASP A 92 -5.92 2.24 -11.13
N GLY A 93 -6.94 3.01 -10.78
CA GLY A 93 -8.21 2.44 -10.35
C GLY A 93 -8.15 1.86 -8.95
N ILE A 94 -7.03 2.05 -8.26
CA ILE A 94 -6.88 1.54 -6.91
C ILE A 94 -7.66 2.39 -5.91
N THR A 95 -8.35 1.73 -4.98
CA THR A 95 -9.13 2.42 -3.98
C THR A 95 -8.73 2.00 -2.57
N LEU A 96 -9.07 2.82 -1.59
CA LEU A 96 -8.76 2.55 -0.19
C LEU A 96 -9.24 1.18 0.23
N ILE A 97 -8.92 0.81 1.46
CA ILE A 97 -9.32 -0.48 2.01
C ILE A 97 -10.84 -0.54 2.22
N THR A 98 -11.49 -1.44 1.48
CA THR A 98 -12.94 -1.59 1.58
C THR A 98 -13.31 -2.86 2.36
N LYS A 99 -14.40 -2.78 3.12
CA LYS A 99 -14.86 -3.91 3.92
C LYS A 99 -15.06 -5.16 3.05
N GLU A 100 -15.72 -4.99 1.92
CA GLU A 100 -15.96 -6.11 1.01
C GLU A 100 -14.66 -6.84 0.68
N GLU A 101 -13.57 -6.08 0.63
CA GLU A 101 -12.26 -6.64 0.33
C GLU A 101 -11.65 -7.32 1.55
N ALA A 102 -11.98 -6.83 2.75
CA ALA A 102 -11.45 -7.41 3.97
C ALA A 102 -12.35 -7.13 5.17
N SER A 103 -12.45 -8.13 6.05
CA SER A 103 -13.25 -8.07 7.28
C SER A 103 -14.67 -8.56 7.03
N GLY A 104 -15.44 -7.79 6.27
CA GLY A 104 -16.81 -8.19 5.98
C GLY A 104 -17.83 -7.13 6.36
N SER A 105 -18.05 -6.18 5.45
CA SER A 105 -19.00 -5.10 5.68
C SER A 105 -18.56 -4.20 6.84
N SER A 106 -17.31 -4.35 7.25
CA SER A 106 -16.77 -3.55 8.35
C SER A 106 -15.71 -2.56 7.85
N VAL A 107 -16.15 -1.34 7.57
CA VAL A 107 -15.27 -0.28 7.09
C VAL A 107 -16.06 1.02 6.93
N THR A 108 -15.40 2.14 7.18
CA THR A 108 -16.05 3.45 7.07
C THR A 108 -16.20 3.88 5.62
N ALA A 109 -17.25 4.66 5.37
CA ALA A 109 -17.53 5.19 4.03
C ALA A 109 -16.67 6.41 3.75
N GLU A 110 -16.05 6.93 4.81
CA GLU A 110 -15.21 8.10 4.72
C GLU A 110 -13.80 7.71 4.30
N GLU A 111 -13.49 6.43 4.43
CA GLU A 111 -12.18 5.93 4.09
C GLU A 111 -12.06 5.66 2.59
N ALA A 112 -13.06 4.99 2.02
CA ALA A 112 -13.04 4.66 0.61
C ALA A 112 -13.62 5.76 -0.28
N LYS A 113 -14.74 6.34 0.13
CA LYS A 113 -15.40 7.37 -0.65
C LYS A 113 -14.76 8.76 -0.51
N LYS A 114 -14.49 9.18 0.72
CA LYS A 114 -13.91 10.50 0.95
C LYS A 114 -12.52 10.63 0.34
N PHE A 115 -11.77 9.53 0.34
CA PHE A 115 -10.42 9.53 -0.21
C PHE A 115 -10.43 9.68 -1.73
N LEU A 116 -11.28 8.90 -2.39
CA LEU A 116 -11.38 8.96 -3.85
C LEU A 116 -12.34 10.06 -4.30
N ALA A 117 -12.74 10.90 -3.35
CA ALA A 117 -13.65 12.00 -3.66
C ALA A 117 -12.90 13.21 -4.17
N PRO A 118 -13.57 14.08 -4.95
CA PRO A 118 -12.94 15.29 -5.51
C PRO A 118 -12.57 16.30 -4.43
N LYS A 119 -13.16 16.13 -3.24
CA LYS A 119 -12.89 17.03 -2.12
C LYS A 119 -13.19 18.48 -2.49
N ASP A 120 -12.73 19.40 -1.67
CA ASP A 120 -12.95 20.83 -1.91
C ASP A 120 -11.90 21.67 -1.21
N GLY A 1 13.72 -6.13 -10.09
CA GLY A 1 13.48 -6.88 -11.35
C GLY A 1 13.84 -8.35 -11.23
N PRO A 2 15.16 -8.68 -11.20
CA PRO A 2 15.62 -10.07 -11.08
C PRO A 2 15.07 -10.76 -9.85
N VAL A 3 15.04 -10.04 -8.73
CA VAL A 3 14.53 -10.59 -7.49
C VAL A 3 13.13 -10.05 -7.17
N ASN A 4 12.96 -8.74 -7.34
CA ASN A 4 11.68 -8.08 -7.09
C ASN A 4 11.30 -8.20 -5.61
N PRO A 5 11.37 -7.09 -4.85
CA PRO A 5 11.02 -7.08 -3.42
C PRO A 5 9.65 -7.70 -3.15
N ALA A 6 8.72 -7.49 -4.07
CA ALA A 6 7.38 -8.04 -3.92
C ALA A 6 7.39 -9.56 -3.98
N GLU A 7 8.25 -10.12 -4.81
CA GLU A 7 8.37 -11.56 -4.96
C GLU A 7 9.09 -12.17 -3.76
N ASN A 8 10.20 -11.56 -3.36
CA ASN A 8 10.98 -12.05 -2.23
C ASN A 8 10.14 -12.03 -0.94
N PHE A 9 9.24 -11.06 -0.85
CA PHE A 9 8.38 -10.94 0.32
C PHE A 9 7.26 -11.98 0.29
N ARG A 10 6.60 -12.08 -0.87
CA ARG A 10 5.50 -13.03 -1.04
C ARG A 10 5.96 -14.46 -0.76
N VAL A 11 7.20 -14.77 -1.15
CA VAL A 11 7.74 -16.10 -0.94
C VAL A 11 8.23 -16.29 0.50
N LEU A 12 8.86 -15.26 1.04
CA LEU A 12 9.38 -15.30 2.41
C LEU A 12 8.26 -15.58 3.40
N VAL A 13 7.06 -15.10 3.09
CA VAL A 13 5.91 -15.30 3.97
C VAL A 13 5.10 -16.52 3.57
N LYS A 14 5.48 -17.13 2.45
CA LYS A 14 4.78 -18.32 1.95
C LYS A 14 5.72 -19.53 1.90
N GLN A 15 6.60 -19.64 2.89
CA GLN A 15 7.55 -20.75 2.94
C GLN A 15 7.30 -21.60 4.18
N LYS A 16 6.97 -20.94 5.29
CA LYS A 16 6.71 -21.65 6.55
C LYS A 16 5.96 -20.75 7.52
N LYS A 17 6.66 -19.75 8.07
CA LYS A 17 6.06 -18.82 9.02
C LYS A 17 7.06 -17.73 9.38
N ALA A 18 7.26 -16.78 8.46
CA ALA A 18 8.19 -15.68 8.70
C ALA A 18 7.53 -14.57 9.51
N SER A 19 6.27 -14.79 9.89
CA SER A 19 5.53 -13.80 10.67
C SER A 19 5.34 -12.49 9.90
N PHE A 20 4.12 -11.98 9.92
CA PHE A 20 3.81 -10.72 9.23
C PHE A 20 4.30 -9.52 10.05
N GLU A 21 5.62 -9.44 10.24
CA GLU A 21 6.20 -8.36 11.01
C GLU A 21 7.53 -7.91 10.38
N GLU A 22 8.50 -8.82 10.34
CA GLU A 22 9.80 -8.51 9.76
C GLU A 22 9.69 -8.24 8.27
N ALA A 23 8.94 -9.08 7.57
CA ALA A 23 8.75 -8.92 6.13
C ALA A 23 7.86 -7.73 5.83
N SER A 24 6.99 -7.39 6.77
CA SER A 24 6.08 -6.25 6.61
C SER A 24 6.83 -4.94 6.78
N ASN A 25 7.43 -4.76 7.95
CA ASN A 25 8.18 -3.55 8.26
C ASN A 25 9.26 -3.30 7.20
N GLN A 26 9.91 -4.37 6.77
CA GLN A 26 10.96 -4.27 5.77
C GLN A 26 10.39 -3.76 4.45
N LEU A 27 9.26 -4.32 4.04
CA LEU A 27 8.60 -3.92 2.80
C LEU A 27 8.29 -2.42 2.82
N ILE A 28 7.78 -1.95 3.95
CA ILE A 28 7.43 -0.53 4.09
C ILE A 28 8.69 0.33 4.02
N ASN A 29 9.76 -0.12 4.70
CA ASN A 29 11.01 0.60 4.71
C ASN A 29 11.57 0.74 3.30
N HIS A 30 11.51 -0.35 2.55
CA HIS A 30 12.00 -0.36 1.17
C HIS A 30 11.25 0.68 0.35
N ILE A 31 9.92 0.66 0.45
CA ILE A 31 9.09 1.62 -0.28
C ILE A 31 9.54 3.04 0.02
N GLU A 32 9.77 3.33 1.29
CA GLU A 32 10.22 4.65 1.71
C GLU A 32 11.67 4.88 1.28
N GLN A 33 12.42 3.79 1.17
CA GLN A 33 13.82 3.86 0.76
C GLN A 33 13.92 4.32 -0.68
N PHE A 34 12.90 4.02 -1.47
CA PHE A 34 12.87 4.40 -2.87
C PHE A 34 12.40 5.85 -3.00
N LEU A 35 11.61 6.29 -2.03
CA LEU A 35 11.09 7.66 -2.02
C LEU A 35 12.21 8.65 -1.73
N ASP A 36 13.31 8.14 -1.17
CA ASP A 36 14.46 8.97 -0.83
C ASP A 36 15.22 9.38 -2.09
N THR A 37 14.76 8.89 -3.24
CA THR A 37 15.39 9.20 -4.52
C THR A 37 14.34 9.49 -5.57
N ASN A 38 14.50 10.63 -6.23
CA ASN A 38 13.56 11.05 -7.27
C ASN A 38 13.86 10.31 -8.58
N GLU A 39 12.86 9.58 -9.08
CA GLU A 39 13.02 8.82 -10.32
C GLU A 39 11.66 8.38 -10.84
N THR A 40 11.53 8.27 -12.16
CA THR A 40 10.28 7.85 -12.78
C THR A 40 10.08 6.34 -12.65
N PRO A 41 11.09 5.52 -13.00
CA PRO A 41 10.98 4.06 -12.93
C PRO A 41 10.99 3.56 -11.48
N TYR A 42 11.19 4.49 -10.54
CA TYR A 42 11.22 4.13 -9.12
C TYR A 42 9.81 4.13 -8.54
N PHE A 43 9.00 5.11 -8.92
CA PHE A 43 7.63 5.22 -8.43
C PHE A 43 6.82 4.00 -8.84
N MET A 44 7.18 3.40 -9.96
CA MET A 44 6.49 2.22 -10.46
C MET A 44 6.73 1.03 -9.53
N LYS A 45 7.91 1.00 -8.93
CA LYS A 45 8.28 -0.06 -8.01
C LYS A 45 7.55 0.10 -6.68
N SER A 46 7.24 1.34 -6.33
CA SER A 46 6.53 1.63 -5.09
C SER A 46 5.09 1.14 -5.17
N ILE A 47 4.40 1.55 -6.23
CA ILE A 47 3.01 1.13 -6.45
C ILE A 47 2.93 -0.38 -6.54
N ASP A 48 3.88 -0.98 -7.26
CA ASP A 48 3.91 -2.43 -7.41
C ASP A 48 4.08 -3.10 -6.05
N CYS A 49 4.66 -2.35 -5.11
CA CYS A 49 4.88 -2.84 -3.76
C CYS A 49 3.63 -2.67 -2.93
N ILE A 50 3.03 -1.48 -2.99
CA ILE A 50 1.80 -1.21 -2.24
C ILE A 50 0.68 -2.13 -2.69
N ARG A 51 0.78 -2.60 -3.92
CA ARG A 51 -0.23 -3.51 -4.48
C ARG A 51 -0.04 -4.90 -3.90
N ALA A 52 1.18 -5.44 -4.05
CA ALA A 52 1.49 -6.77 -3.54
C ALA A 52 1.19 -6.86 -2.05
N PHE A 53 1.44 -5.76 -1.34
CA PHE A 53 1.19 -5.72 0.10
C PHE A 53 -0.30 -5.59 0.40
N ARG A 54 -0.94 -4.61 -0.23
CA ARG A 54 -2.37 -4.38 -0.05
C ARG A 54 -3.16 -5.69 -0.12
N GLU A 55 -2.81 -6.51 -1.10
CA GLU A 55 -3.49 -7.79 -1.31
C GLU A 55 -3.14 -8.80 -0.19
N GLU A 56 -1.86 -8.89 0.13
CA GLU A 56 -1.40 -9.82 1.16
C GLU A 56 -1.98 -9.47 2.52
N ALA A 57 -2.30 -8.20 2.73
CA ALA A 57 -2.84 -7.74 4.00
C ALA A 57 -4.36 -7.89 4.02
N ILE A 58 -5.03 -7.30 3.04
CA ILE A 58 -6.49 -7.38 2.96
C ILE A 58 -6.94 -8.83 2.96
N LYS A 59 -6.23 -9.67 2.21
CA LYS A 59 -6.55 -11.09 2.13
C LYS A 59 -6.70 -11.68 3.53
N PHE A 60 -5.65 -11.56 4.35
CA PHE A 60 -5.69 -12.10 5.71
C PHE A 60 -4.42 -11.78 6.48
N SER A 61 -4.36 -10.58 7.05
CA SER A 61 -3.19 -10.16 7.81
C SER A 61 -3.51 -8.96 8.70
N GLU A 62 -3.21 -7.77 8.21
CA GLU A 62 -3.45 -6.54 8.98
C GLU A 62 -4.11 -5.48 8.09
N GLU A 63 -5.26 -5.83 7.54
CA GLU A 63 -6.00 -4.91 6.67
C GLU A 63 -6.23 -3.56 7.34
N GLN A 64 -6.59 -3.59 8.63
CA GLN A 64 -6.86 -2.35 9.38
C GLN A 64 -5.59 -1.55 9.62
N ARG A 65 -4.44 -2.17 9.40
CA ARG A 65 -3.18 -1.46 9.55
C ARG A 65 -2.87 -0.64 8.31
N PHE A 66 -2.77 -1.32 7.17
CA PHE A 66 -2.49 -0.66 5.90
C PHE A 66 -3.36 0.58 5.67
N ASN A 67 -4.67 0.45 5.91
CA ASN A 67 -5.57 1.59 5.74
C ASN A 67 -5.23 2.67 6.74
N ASN A 68 -5.17 2.28 8.02
CA ASN A 68 -4.80 3.21 9.09
C ASN A 68 -3.64 4.10 8.65
N PHE A 69 -2.58 3.46 8.14
CA PHE A 69 -1.40 4.18 7.67
C PHE A 69 -1.71 4.90 6.36
N LEU A 70 -2.61 4.30 5.57
CA LEU A 70 -3.02 4.88 4.29
C LEU A 70 -3.65 6.26 4.50
N LYS A 71 -4.41 6.39 5.59
CA LYS A 71 -5.06 7.65 5.91
C LYS A 71 -4.01 8.68 6.30
N ALA A 72 -2.97 8.23 6.98
CA ALA A 72 -1.88 9.10 7.40
C ALA A 72 -1.06 9.50 6.19
N LEU A 73 -0.80 8.54 5.31
CA LEU A 73 -0.03 8.76 4.10
C LEU A 73 -0.75 9.75 3.19
N GLN A 74 -2.04 9.50 2.95
CA GLN A 74 -2.84 10.35 2.08
C GLN A 74 -2.81 11.80 2.55
N GLU A 75 -3.10 12.01 3.83
CA GLU A 75 -3.11 13.35 4.41
C GLU A 75 -1.73 13.99 4.33
N LYS A 76 -0.71 13.24 4.73
CA LYS A 76 0.66 13.72 4.72
C LYS A 76 1.07 14.21 3.33
N VAL A 77 0.99 13.32 2.35
CA VAL A 77 1.37 13.66 0.98
C VAL A 77 0.43 14.72 0.42
N GLU A 78 -0.80 14.75 0.92
CA GLU A 78 -1.78 15.73 0.48
C GLU A 78 -1.27 17.14 0.70
N ILE A 79 -0.82 17.41 1.93
CA ILE A 79 -0.30 18.73 2.28
C ILE A 79 0.88 19.10 1.37
N LYS A 80 2.08 18.68 1.77
CA LYS A 80 3.28 18.96 0.99
C LYS A 80 4.32 17.86 1.17
N GLN A 81 4.38 16.95 0.20
CA GLN A 81 5.33 15.84 0.25
C GLN A 81 5.40 15.15 -1.12
N LEU A 82 4.47 14.25 -1.37
CA LEU A 82 4.42 13.51 -2.63
C LEU A 82 2.98 13.41 -3.14
N ASN A 83 2.47 14.54 -3.64
CA ASN A 83 1.10 14.57 -4.17
C ASN A 83 1.03 13.84 -5.50
N HIS A 84 2.19 13.59 -6.10
CA HIS A 84 2.25 12.88 -7.38
C HIS A 84 1.88 11.41 -7.20
N PHE A 85 2.41 10.79 -6.15
CA PHE A 85 2.13 9.40 -5.87
C PHE A 85 0.63 9.14 -5.78
N TRP A 86 -0.10 10.13 -5.24
CA TRP A 86 -1.55 10.01 -5.09
C TRP A 86 -2.25 10.27 -6.42
N GLU A 87 -1.79 11.30 -7.13
CA GLU A 87 -2.39 11.64 -8.43
C GLU A 87 -2.17 10.50 -9.42
N ILE A 88 -1.15 9.70 -9.14
CA ILE A 88 -0.81 8.56 -9.98
C ILE A 88 -1.64 7.35 -9.57
N VAL A 89 -1.44 6.89 -8.34
CA VAL A 89 -2.17 5.74 -7.82
C VAL A 89 -3.68 5.89 -8.03
N VAL A 90 -4.17 7.12 -8.05
CA VAL A 90 -5.59 7.36 -8.24
C VAL A 90 -5.99 7.01 -9.67
N GLN A 91 -5.25 7.57 -10.63
CA GLN A 91 -5.49 7.29 -12.03
C GLN A 91 -5.34 5.80 -12.31
N ASP A 92 -4.34 5.18 -11.68
CA ASP A 92 -4.09 3.75 -11.85
C ASP A 92 -5.24 2.91 -11.32
N GLY A 93 -6.21 3.57 -10.68
CA GLY A 93 -7.35 2.85 -10.14
C GLY A 93 -7.10 2.25 -8.76
N ILE A 94 -6.25 2.90 -7.97
CA ILE A 94 -5.94 2.41 -6.63
C ILE A 94 -7.01 2.86 -5.65
N THR A 95 -7.69 1.90 -5.03
CA THR A 95 -8.74 2.18 -4.08
C THR A 95 -8.26 2.02 -2.64
N LEU A 96 -9.21 2.00 -1.71
CA LEU A 96 -8.90 1.86 -0.30
C LEU A 96 -9.35 0.51 0.22
N ILE A 97 -8.94 0.17 1.43
CA ILE A 97 -9.33 -1.10 2.04
C ILE A 97 -10.84 -1.16 2.25
N THR A 98 -11.53 -1.89 1.38
CA THR A 98 -12.98 -2.03 1.48
C THR A 98 -13.37 -3.36 2.12
N LYS A 99 -14.46 -3.32 2.90
CA LYS A 99 -14.96 -4.51 3.58
C LYS A 99 -14.96 -5.73 2.66
N GLU A 100 -15.77 -5.70 1.62
CA GLU A 100 -15.87 -6.80 0.67
C GLU A 100 -14.50 -7.23 0.16
N GLU A 101 -13.56 -6.29 0.14
CA GLU A 101 -12.20 -6.58 -0.33
C GLU A 101 -11.38 -7.32 0.72
N ALA A 102 -11.61 -7.00 2.00
CA ALA A 102 -10.87 -7.64 3.08
C ALA A 102 -11.81 -8.26 4.11
N SER A 103 -12.42 -7.43 4.94
CA SER A 103 -13.33 -7.91 5.97
C SER A 103 -14.77 -7.55 5.65
N GLY A 104 -15.45 -8.46 4.96
CA GLY A 104 -16.85 -8.24 4.57
C GLY A 104 -17.67 -7.44 5.56
N SER A 105 -18.38 -6.46 5.04
CA SER A 105 -19.25 -5.59 5.85
C SER A 105 -18.49 -4.77 6.89
N SER A 106 -17.26 -5.16 7.22
CA SER A 106 -16.49 -4.44 8.23
C SER A 106 -15.50 -3.45 7.60
N VAL A 107 -15.98 -2.22 7.39
CA VAL A 107 -15.16 -1.14 6.83
C VAL A 107 -16.02 0.11 6.67
N THR A 108 -15.47 1.25 7.05
CA THR A 108 -16.20 2.50 6.97
C THR A 108 -16.31 3.03 5.54
N ALA A 109 -17.39 3.75 5.27
CA ALA A 109 -17.65 4.33 3.95
C ALA A 109 -16.78 5.56 3.74
N GLU A 110 -16.18 6.04 4.81
CA GLU A 110 -15.33 7.23 4.76
C GLU A 110 -13.92 6.86 4.32
N GLU A 111 -13.60 5.59 4.40
CA GLU A 111 -12.28 5.11 4.02
C GLU A 111 -12.20 4.83 2.53
N ALA A 112 -13.18 4.10 2.00
CA ALA A 112 -13.18 3.74 0.60
C ALA A 112 -13.84 4.79 -0.31
N LYS A 113 -14.91 5.40 0.17
CA LYS A 113 -15.64 6.39 -0.64
C LYS A 113 -15.08 7.81 -0.50
N LYS A 114 -14.85 8.23 0.74
CA LYS A 114 -14.35 9.59 0.98
C LYS A 114 -12.96 9.81 0.41
N PHE A 115 -12.17 8.74 0.31
CA PHE A 115 -10.81 8.84 -0.21
C PHE A 115 -10.79 9.07 -1.71
N LEU A 116 -11.57 8.28 -2.45
CA LEU A 116 -11.62 8.40 -3.90
C LEU A 116 -12.51 9.56 -4.34
N ALA A 117 -13.41 9.98 -3.45
CA ALA A 117 -14.31 11.08 -3.75
C ALA A 117 -13.69 12.43 -3.37
N PRO A 118 -14.05 13.50 -4.09
CA PRO A 118 -13.52 14.84 -3.81
C PRO A 118 -14.12 15.46 -2.56
N LYS A 119 -13.83 16.73 -2.33
CA LYS A 119 -14.33 17.45 -1.15
C LYS A 119 -15.34 18.52 -1.56
N ASP A 120 -14.92 19.42 -2.44
CA ASP A 120 -15.79 20.49 -2.91
C ASP A 120 -16.42 20.14 -4.25
N GLY A 1 19.36 -10.79 -14.52
CA GLY A 1 18.36 -11.39 -13.58
C GLY A 1 17.89 -10.39 -12.54
N PRO A 2 17.05 -9.41 -12.94
CA PRO A 2 16.53 -8.39 -12.01
C PRO A 2 15.81 -9.01 -10.82
N VAL A 3 15.67 -8.22 -9.75
CA VAL A 3 14.99 -8.69 -8.54
C VAL A 3 13.81 -7.80 -8.20
N ASN A 4 12.72 -8.43 -7.77
CA ASN A 4 11.51 -7.69 -7.40
C ASN A 4 11.20 -7.86 -5.91
N PRO A 5 11.07 -6.74 -5.17
CA PRO A 5 10.78 -6.78 -3.74
C PRO A 5 9.50 -7.57 -3.42
N ALA A 6 8.58 -7.59 -4.38
CA ALA A 6 7.33 -8.32 -4.20
C ALA A 6 7.55 -9.82 -4.20
N GLU A 7 8.52 -10.28 -4.99
CA GLU A 7 8.83 -11.69 -5.09
C GLU A 7 9.54 -12.19 -3.83
N ASN A 8 10.63 -11.52 -3.46
CA ASN A 8 11.38 -11.90 -2.27
C ASN A 8 10.53 -11.79 -1.02
N PHE A 9 9.53 -10.93 -1.07
CA PHE A 9 8.62 -10.73 0.07
C PHE A 9 7.67 -11.92 0.19
N ARG A 10 7.01 -12.25 -0.92
CA ARG A 10 6.07 -13.37 -0.94
C ARG A 10 6.76 -14.66 -0.52
N VAL A 11 8.02 -14.81 -0.92
CA VAL A 11 8.79 -15.99 -0.57
C VAL A 11 9.18 -15.98 0.89
N LEU A 12 9.68 -14.83 1.36
CA LEU A 12 10.08 -14.66 2.75
C LEU A 12 8.96 -15.03 3.71
N VAL A 13 7.71 -14.80 3.28
CA VAL A 13 6.56 -15.12 4.12
C VAL A 13 6.01 -16.50 3.79
N LYS A 14 6.63 -17.17 2.82
CA LYS A 14 6.21 -18.51 2.42
C LYS A 14 7.35 -19.51 2.51
N GLN A 15 8.16 -19.40 3.58
CA GLN A 15 9.28 -20.32 3.78
C GLN A 15 9.08 -21.17 5.02
N LYS A 16 8.70 -20.50 6.11
CA LYS A 16 8.50 -21.19 7.39
C LYS A 16 7.37 -20.53 8.17
N LYS A 17 7.67 -19.36 8.75
CA LYS A 17 6.67 -18.64 9.53
C LYS A 17 7.09 -17.19 9.74
N ALA A 18 6.69 -16.32 8.81
CA ALA A 18 7.02 -14.90 8.90
C ALA A 18 5.82 -14.09 9.36
N SER A 19 4.67 -14.74 9.41
CA SER A 19 3.43 -14.09 9.84
C SER A 19 3.14 -12.85 9.01
N PHE A 20 3.60 -11.69 9.49
CA PHE A 20 3.39 -10.42 8.82
C PHE A 20 3.93 -9.25 9.65
N GLU A 21 5.18 -9.38 10.09
CA GLU A 21 5.81 -8.34 10.90
C GLU A 21 7.15 -7.92 10.31
N GLU A 22 8.14 -8.80 10.41
CA GLU A 22 9.46 -8.52 9.89
C GLU A 22 9.43 -8.26 8.38
N ALA A 23 8.71 -9.11 7.66
CA ALA A 23 8.59 -8.98 6.21
C ALA A 23 7.73 -7.77 5.84
N SER A 24 6.83 -7.39 6.74
CA SER A 24 5.94 -6.25 6.50
C SER A 24 6.71 -4.94 6.64
N ASN A 25 7.29 -4.72 7.82
CA ASN A 25 8.05 -3.50 8.09
C ASN A 25 9.15 -3.32 7.04
N GLN A 26 9.82 -4.42 6.69
CA GLN A 26 10.89 -4.38 5.71
C GLN A 26 10.37 -3.88 4.37
N LEU A 27 9.24 -4.45 3.93
CA LEU A 27 8.62 -4.06 2.67
C LEU A 27 8.32 -2.57 2.67
N ILE A 28 7.70 -2.08 3.75
CA ILE A 28 7.36 -0.67 3.86
C ILE A 28 8.62 0.19 3.83
N ASN A 29 9.69 -0.34 4.40
CA ASN A 29 10.97 0.37 4.44
C ASN A 29 11.51 0.54 3.02
N HIS A 30 11.45 -0.54 2.25
CA HIS A 30 11.91 -0.51 0.86
C HIS A 30 11.10 0.50 0.08
N ILE A 31 9.79 0.50 0.29
CA ILE A 31 8.90 1.43 -0.38
C ILE A 31 9.34 2.86 -0.09
N GLU A 32 9.54 3.16 1.18
CA GLU A 32 9.98 4.50 1.60
C GLU A 32 11.25 4.89 0.85
N GLN A 33 12.18 3.95 0.75
CA GLN A 33 13.44 4.19 0.06
C GLN A 33 13.16 4.56 -1.40
N PHE A 34 12.27 3.80 -2.03
CA PHE A 34 11.90 4.06 -3.42
C PHE A 34 11.43 5.51 -3.58
N LEU A 35 10.82 6.05 -2.53
CA LEU A 35 10.35 7.43 -2.56
C LEU A 35 11.49 8.41 -2.32
N ASP A 36 12.53 7.93 -1.65
CA ASP A 36 13.70 8.76 -1.36
C ASP A 36 14.31 9.28 -2.66
N THR A 37 14.47 8.39 -3.62
CA THR A 37 15.05 8.75 -4.91
C THR A 37 14.22 9.85 -5.57
N ASN A 38 13.01 9.51 -6.02
CA ASN A 38 12.09 10.44 -6.68
C ASN A 38 12.27 10.43 -8.19
N GLU A 39 12.05 9.27 -8.79
CA GLU A 39 12.18 9.11 -10.24
C GLU A 39 10.91 8.49 -10.82
N THR A 40 10.90 8.30 -12.15
CA THR A 40 9.74 7.73 -12.82
C THR A 40 9.71 6.20 -12.70
N PRO A 41 10.83 5.50 -12.99
CA PRO A 41 10.89 4.04 -12.92
C PRO A 41 10.89 3.53 -11.48
N TYR A 42 11.04 4.45 -10.53
CA TYR A 42 11.06 4.09 -9.12
C TYR A 42 9.65 4.07 -8.54
N PHE A 43 8.80 4.98 -8.99
CA PHE A 43 7.43 5.05 -8.51
C PHE A 43 6.63 3.84 -8.98
N MET A 44 7.07 3.25 -10.09
CA MET A 44 6.41 2.07 -10.64
C MET A 44 6.60 0.88 -9.73
N LYS A 45 7.74 0.86 -9.05
CA LYS A 45 8.06 -0.22 -8.11
C LYS A 45 7.29 -0.05 -6.81
N SER A 46 6.97 1.20 -6.48
CA SER A 46 6.22 1.50 -5.27
C SER A 46 4.82 0.92 -5.34
N ILE A 47 4.12 1.23 -6.42
CA ILE A 47 2.78 0.71 -6.64
C ILE A 47 2.80 -0.81 -6.71
N ASP A 48 3.83 -1.35 -7.36
CA ASP A 48 3.98 -2.78 -7.48
C ASP A 48 4.12 -3.42 -6.10
N CYS A 49 4.62 -2.63 -5.16
CA CYS A 49 4.80 -3.10 -3.79
C CYS A 49 3.51 -2.96 -3.00
N ILE A 50 2.86 -1.79 -3.12
CA ILE A 50 1.61 -1.53 -2.42
C ILE A 50 0.52 -2.47 -2.92
N ARG A 51 0.72 -3.00 -4.13
CA ARG A 51 -0.24 -3.92 -4.72
C ARG A 51 -0.10 -5.29 -4.08
N ALA A 52 1.12 -5.82 -4.09
CA ALA A 52 1.39 -7.12 -3.49
C ALA A 52 1.11 -7.11 -2.00
N PHE A 53 1.33 -5.95 -1.37
CA PHE A 53 1.10 -5.81 0.06
C PHE A 53 -0.39 -5.73 0.38
N ARG A 54 -1.07 -4.77 -0.25
CA ARG A 54 -2.51 -4.59 -0.03
C ARG A 54 -3.25 -5.91 -0.17
N GLU A 55 -2.90 -6.69 -1.18
CA GLU A 55 -3.54 -7.97 -1.43
C GLU A 55 -3.25 -8.98 -0.32
N GLU A 56 -1.98 -9.09 0.07
CA GLU A 56 -1.58 -10.02 1.11
C GLU A 56 -2.20 -9.65 2.45
N ALA A 57 -2.48 -8.37 2.64
CA ALA A 57 -3.06 -7.88 3.88
C ALA A 57 -4.57 -8.07 3.87
N ILE A 58 -5.23 -7.48 2.87
CA ILE A 58 -6.68 -7.58 2.76
C ILE A 58 -7.11 -9.04 2.73
N LYS A 59 -6.33 -9.86 2.04
CA LYS A 59 -6.63 -11.28 1.94
C LYS A 59 -6.87 -11.87 3.32
N PHE A 60 -5.89 -11.71 4.22
CA PHE A 60 -6.03 -12.24 5.58
C PHE A 60 -4.80 -11.92 6.43
N SER A 61 -4.64 -10.64 6.77
CA SER A 61 -3.51 -10.23 7.59
C SER A 61 -3.84 -9.00 8.43
N GLU A 62 -3.39 -7.84 8.00
CA GLU A 62 -3.64 -6.61 8.75
C GLU A 62 -4.19 -5.50 7.85
N GLU A 63 -5.38 -5.73 7.30
CA GLU A 63 -6.01 -4.75 6.43
C GLU A 63 -6.13 -3.39 7.12
N GLN A 64 -6.37 -3.41 8.43
CA GLN A 64 -6.51 -2.19 9.21
C GLN A 64 -5.17 -1.46 9.35
N ARG A 65 -4.08 -2.23 9.24
CA ARG A 65 -2.75 -1.66 9.33
C ARG A 65 -2.46 -0.84 8.07
N PHE A 66 -3.23 -1.11 7.02
CA PHE A 66 -3.06 -0.41 5.76
C PHE A 66 -3.89 0.87 5.75
N ASN A 67 -5.15 0.77 6.19
CA ASN A 67 -6.01 1.94 6.23
C ASN A 67 -5.51 2.89 7.30
N ASN A 68 -4.69 2.36 8.20
CA ASN A 68 -4.11 3.16 9.27
C ASN A 68 -2.98 4.02 8.70
N PHE A 69 -2.00 3.35 8.09
CA PHE A 69 -0.87 4.05 7.48
C PHE A 69 -1.35 4.91 6.32
N LEU A 70 -2.43 4.49 5.67
CA LEU A 70 -2.98 5.22 4.54
C LEU A 70 -3.62 6.52 5.01
N LYS A 71 -4.43 6.43 6.07
CA LYS A 71 -5.09 7.61 6.62
C LYS A 71 -4.06 8.70 6.94
N ALA A 72 -2.91 8.28 7.48
CA ALA A 72 -1.85 9.21 7.83
C ALA A 72 -1.11 9.67 6.58
N LEU A 73 -0.83 8.72 5.69
CA LEU A 73 -0.14 9.02 4.44
C LEU A 73 -0.89 10.10 3.66
N GLN A 74 -2.22 10.00 3.68
CA GLN A 74 -3.06 10.97 3.00
C GLN A 74 -2.87 12.36 3.59
N GLU A 75 -3.00 12.46 4.90
CA GLU A 75 -2.84 13.73 5.61
C GLU A 75 -1.47 14.33 5.32
N LYS A 76 -0.48 13.46 5.07
CA LYS A 76 0.88 13.91 4.81
C LYS A 76 1.03 14.35 3.35
N VAL A 77 0.67 13.44 2.45
CA VAL A 77 0.76 13.72 1.02
C VAL A 77 -0.06 14.96 0.67
N GLU A 78 -1.12 15.19 1.44
CA GLU A 78 -1.98 16.34 1.22
C GLU A 78 -1.14 17.60 1.35
N ILE A 79 -0.46 17.73 2.48
CA ILE A 79 0.39 18.89 2.71
C ILE A 79 1.59 18.88 1.77
N LYS A 80 2.58 18.05 2.09
CA LYS A 80 3.78 17.94 1.27
C LYS A 80 4.55 16.66 1.59
N GLN A 81 4.71 15.79 0.59
CA GLN A 81 5.41 14.53 0.76
C GLN A 81 5.50 13.78 -0.56
N LEU A 82 4.41 13.11 -0.92
CA LEU A 82 4.35 12.34 -2.18
C LEU A 82 3.16 12.78 -3.02
N ASN A 83 3.09 14.07 -3.31
CA ASN A 83 2.00 14.62 -4.12
C ASN A 83 1.92 13.94 -5.48
N HIS A 84 3.01 13.28 -5.87
CA HIS A 84 3.06 12.60 -7.16
C HIS A 84 2.46 11.20 -7.06
N PHE A 85 2.65 10.55 -5.92
CA PHE A 85 2.14 9.21 -5.70
C PHE A 85 0.62 9.23 -5.56
N TRP A 86 0.08 10.37 -5.15
CA TRP A 86 -1.36 10.52 -4.98
C TRP A 86 -2.05 10.56 -6.33
N GLU A 87 -1.68 11.54 -7.15
CA GLU A 87 -2.26 11.68 -8.49
C GLU A 87 -1.97 10.43 -9.32
N ILE A 88 -1.00 9.65 -8.87
CA ILE A 88 -0.63 8.42 -9.55
C ILE A 88 -1.60 7.30 -9.16
N VAL A 89 -1.64 7.00 -7.86
CA VAL A 89 -2.54 5.97 -7.33
C VAL A 89 -3.94 6.15 -7.89
N VAL A 90 -4.33 7.41 -8.13
CA VAL A 90 -5.65 7.70 -8.67
C VAL A 90 -5.62 7.65 -10.19
N GLN A 91 -4.53 8.17 -10.77
CA GLN A 91 -4.35 8.15 -12.23
C GLN A 91 -4.68 6.77 -12.78
N ASP A 92 -4.48 5.75 -11.96
CA ASP A 92 -4.78 4.38 -12.38
C ASP A 92 -6.20 4.03 -11.95
N GLY A 93 -6.53 4.39 -10.71
CA GLY A 93 -7.86 4.13 -10.20
C GLY A 93 -7.85 3.31 -8.93
N ILE A 94 -6.68 3.14 -8.33
CA ILE A 94 -6.56 2.36 -7.11
C ILE A 94 -7.26 3.07 -5.95
N THR A 95 -7.76 2.30 -5.00
CA THR A 95 -8.45 2.84 -3.85
C THR A 95 -7.84 2.33 -2.55
N LEU A 96 -8.30 2.87 -1.43
CA LEU A 96 -7.80 2.46 -0.11
C LEU A 96 -7.91 0.94 0.07
N ILE A 97 -8.75 0.49 0.99
CA ILE A 97 -8.93 -0.94 1.24
C ILE A 97 -10.30 -1.41 0.76
N THR A 98 -11.31 -0.57 0.97
CA THR A 98 -12.68 -0.88 0.56
C THR A 98 -13.22 -2.12 1.27
N LYS A 99 -14.37 -1.96 1.91
CA LYS A 99 -15.03 -3.06 2.62
C LYS A 99 -15.09 -4.32 1.77
N GLU A 100 -15.68 -4.21 0.58
CA GLU A 100 -15.81 -5.35 -0.32
C GLU A 100 -14.47 -6.01 -0.57
N GLU A 101 -13.40 -5.22 -0.54
CA GLU A 101 -12.05 -5.74 -0.75
C GLU A 101 -11.26 -5.75 0.56
N ALA A 102 -11.93 -6.12 1.65
CA ALA A 102 -11.29 -6.19 2.95
C ALA A 102 -11.29 -7.60 3.50
N SER A 103 -12.20 -7.89 4.44
CA SER A 103 -12.28 -9.21 5.04
C SER A 103 -13.74 -9.68 5.12
N GLY A 104 -14.66 -8.78 4.83
CA GLY A 104 -16.07 -9.12 4.88
C GLY A 104 -16.96 -7.90 5.00
N SER A 105 -16.90 -7.02 4.00
CA SER A 105 -17.69 -5.81 3.98
C SER A 105 -17.52 -5.01 5.28
N SER A 106 -16.26 -4.84 5.70
CA SER A 106 -15.96 -4.11 6.93
C SER A 106 -15.06 -2.91 6.65
N VAL A 107 -15.69 -1.76 6.37
CA VAL A 107 -14.99 -0.50 6.09
C VAL A 107 -16.00 0.64 5.95
N THR A 108 -15.60 1.84 6.36
CA THR A 108 -16.48 3.00 6.29
C THR A 108 -16.50 3.61 4.89
N ALA A 109 -17.62 4.23 4.54
CA ALA A 109 -17.79 4.86 3.24
C ALA A 109 -16.86 6.06 3.10
N GLU A 110 -16.30 6.48 4.23
CA GLU A 110 -15.40 7.63 4.27
C GLU A 110 -13.97 7.19 3.94
N GLU A 111 -13.73 5.89 4.05
CA GLU A 111 -12.41 5.33 3.78
C GLU A 111 -12.23 5.05 2.29
N ALA A 112 -13.24 4.46 1.67
CA ALA A 112 -13.17 4.11 0.25
C ALA A 112 -13.60 5.24 -0.68
N LYS A 113 -14.68 5.94 -0.32
CA LYS A 113 -15.21 7.01 -1.17
C LYS A 113 -14.56 8.36 -0.92
N LYS A 114 -14.41 8.73 0.35
CA LYS A 114 -13.84 10.03 0.70
C LYS A 114 -12.37 10.15 0.31
N PHE A 115 -11.62 9.07 0.50
CA PHE A 115 -10.19 9.07 0.16
C PHE A 115 -9.93 9.45 -1.30
N LEU A 116 -10.78 8.95 -2.20
CA LEU A 116 -10.62 9.24 -3.62
C LEU A 116 -11.55 10.36 -4.06
N ALA A 117 -12.03 11.15 -3.11
CA ALA A 117 -12.93 12.26 -3.40
C ALA A 117 -12.33 13.59 -2.93
N PRO A 118 -12.58 14.69 -3.66
CA PRO A 118 -12.06 16.02 -3.31
C PRO A 118 -12.80 16.61 -2.11
N LYS A 119 -12.49 17.87 -1.81
CA LYS A 119 -13.13 18.56 -0.69
C LYS A 119 -13.23 20.06 -0.97
N ASP A 120 -14.44 20.60 -0.80
CA ASP A 120 -14.66 22.02 -1.03
C ASP A 120 -14.51 22.82 0.26
N GLY A 1 18.84 -13.23 -11.53
CA GLY A 1 19.42 -11.89 -11.24
C GLY A 1 18.56 -11.08 -10.28
N PRO A 2 17.41 -10.58 -10.74
CA PRO A 2 16.51 -9.78 -9.90
C PRO A 2 15.82 -10.62 -8.84
N VAL A 3 15.42 -9.97 -7.74
CA VAL A 3 14.75 -10.67 -6.65
C VAL A 3 13.35 -10.11 -6.43
N ASN A 4 13.20 -8.80 -6.62
CA ASN A 4 11.92 -8.13 -6.44
C ASN A 4 11.46 -8.19 -4.99
N PRO A 5 11.22 -7.03 -4.35
CA PRO A 5 10.77 -6.96 -2.95
C PRO A 5 9.47 -7.72 -2.72
N ALA A 6 8.57 -7.64 -3.68
CA ALA A 6 7.28 -8.31 -3.58
C ALA A 6 7.44 -9.84 -3.62
N GLU A 7 8.34 -10.31 -4.47
CA GLU A 7 8.60 -11.74 -4.60
C GLU A 7 9.26 -12.30 -3.35
N ASN A 8 10.34 -11.66 -2.92
CA ASN A 8 11.08 -12.09 -1.73
C ASN A 8 10.15 -12.16 -0.52
N PHE A 9 9.22 -11.22 -0.43
CA PHE A 9 8.28 -11.18 0.68
C PHE A 9 7.26 -12.31 0.56
N ARG A 10 6.74 -12.50 -0.65
CA ARG A 10 5.75 -13.53 -0.91
C ARG A 10 6.30 -14.92 -0.59
N VAL A 11 7.56 -15.16 -0.94
CA VAL A 11 8.18 -16.46 -0.70
C VAL A 11 8.54 -16.64 0.78
N LEU A 12 9.11 -15.61 1.38
CA LEU A 12 9.48 -15.65 2.79
C LEU A 12 8.29 -16.03 3.67
N VAL A 13 7.11 -15.61 3.25
CA VAL A 13 5.89 -15.92 4.01
C VAL A 13 5.21 -17.16 3.46
N LYS A 14 5.67 -17.61 2.30
CA LYS A 14 5.09 -18.79 1.65
C LYS A 14 5.45 -20.09 2.38
N GLN A 15 6.61 -20.13 3.03
CA GLN A 15 7.02 -21.34 3.73
C GLN A 15 6.91 -21.19 5.25
N LYS A 16 7.50 -20.11 5.78
CA LYS A 16 7.49 -19.83 7.22
C LYS A 16 8.64 -18.91 7.58
N LYS A 17 9.64 -18.87 6.71
CA LYS A 17 10.84 -18.07 6.89
C LYS A 17 10.63 -16.97 7.94
N ALA A 18 9.75 -16.03 7.63
CA ALA A 18 9.45 -14.92 8.53
C ALA A 18 7.95 -14.68 8.58
N SER A 19 7.50 -13.96 9.61
CA SER A 19 6.08 -13.66 9.76
C SER A 19 5.72 -12.39 9.01
N PHE A 20 4.42 -12.11 8.92
CA PHE A 20 3.95 -10.92 8.23
C PHE A 20 4.57 -9.65 8.81
N GLU A 21 4.58 -9.56 10.14
CA GLU A 21 5.14 -8.39 10.83
C GLU A 21 6.53 -8.02 10.31
N GLU A 22 7.49 -8.92 10.49
CA GLU A 22 8.86 -8.67 10.04
C GLU A 22 8.91 -8.28 8.57
N ALA A 23 8.28 -9.09 7.73
CA ALA A 23 8.26 -8.84 6.29
C ALA A 23 7.57 -7.52 5.97
N SER A 24 6.59 -7.15 6.80
CA SER A 24 5.86 -5.91 6.61
C SER A 24 6.76 -4.72 6.84
N ASN A 25 7.40 -4.70 8.01
CA ASN A 25 8.31 -3.63 8.36
C ASN A 25 9.38 -3.45 7.27
N GLN A 26 9.92 -4.58 6.81
CA GLN A 26 10.93 -4.55 5.77
C GLN A 26 10.39 -3.93 4.48
N LEU A 27 9.22 -4.39 4.06
CA LEU A 27 8.58 -3.89 2.86
C LEU A 27 8.37 -2.37 2.93
N ILE A 28 7.82 -1.91 4.06
CA ILE A 28 7.58 -0.49 4.26
C ILE A 28 8.88 0.30 4.25
N ASN A 29 9.94 -0.31 4.79
CA ASN A 29 11.24 0.34 4.83
C ASN A 29 11.78 0.54 3.42
N HIS A 30 11.69 -0.51 2.62
CA HIS A 30 12.15 -0.44 1.23
C HIS A 30 11.41 0.64 0.49
N ILE A 31 10.10 0.70 0.68
CA ILE A 31 9.26 1.70 0.03
C ILE A 31 9.72 3.11 0.42
N GLU A 32 9.86 3.33 1.73
CA GLU A 32 10.31 4.62 2.23
C GLU A 32 11.63 5.04 1.59
N GLN A 33 12.50 4.06 1.37
CA GLN A 33 13.79 4.32 0.75
C GLN A 33 13.61 4.74 -0.71
N PHE A 34 12.78 4.00 -1.43
CA PHE A 34 12.50 4.29 -2.83
C PHE A 34 11.96 5.72 -2.98
N LEU A 35 11.31 6.21 -1.94
CA LEU A 35 10.75 7.56 -1.95
C LEU A 35 11.86 8.60 -2.15
N ASP A 36 12.93 8.45 -1.36
CA ASP A 36 14.08 9.36 -1.43
C ASP A 36 14.54 9.55 -2.88
N THR A 37 14.18 8.59 -3.74
CA THR A 37 14.54 8.64 -5.14
C THR A 37 13.37 9.15 -5.97
N ASN A 38 13.44 10.42 -6.34
CA ASN A 38 12.38 11.05 -7.13
C ASN A 38 12.47 10.66 -8.60
N GLU A 39 12.49 9.36 -8.86
CA GLU A 39 12.57 8.85 -10.23
C GLU A 39 11.30 8.09 -10.59
N THR A 40 10.82 8.31 -11.82
CA THR A 40 9.60 7.64 -12.28
C THR A 40 9.71 6.12 -12.21
N PRO A 41 10.81 5.54 -12.73
CA PRO A 41 11.01 4.08 -12.71
C PRO A 41 11.10 3.54 -11.29
N TYR A 42 11.44 4.41 -10.34
CA TYR A 42 11.57 4.01 -8.95
C TYR A 42 10.21 4.00 -8.25
N PHE A 43 9.35 4.95 -8.61
CA PHE A 43 8.03 5.04 -8.01
C PHE A 43 7.14 3.89 -8.47
N MET A 44 7.49 3.31 -9.62
CA MET A 44 6.74 2.20 -10.17
C MET A 44 6.89 0.97 -9.27
N LYS A 45 8.05 0.87 -8.62
CA LYS A 45 8.33 -0.24 -7.73
C LYS A 45 7.56 -0.08 -6.41
N SER A 46 7.29 1.17 -6.04
CA SER A 46 6.56 1.46 -4.82
C SER A 46 5.12 0.97 -4.95
N ILE A 47 4.46 1.38 -6.04
CA ILE A 47 3.10 0.97 -6.30
C ILE A 47 3.02 -0.56 -6.39
N ASP A 48 4.01 -1.14 -7.07
CA ASP A 48 4.07 -2.59 -7.22
C ASP A 48 4.17 -3.26 -5.85
N CYS A 49 4.73 -2.53 -4.89
CA CYS A 49 4.87 -3.03 -3.53
C CYS A 49 3.58 -2.84 -2.76
N ILE A 50 3.02 -1.64 -2.82
CA ILE A 50 1.77 -1.33 -2.13
C ILE A 50 0.65 -2.24 -2.61
N ARG A 51 0.79 -2.73 -3.85
CA ARG A 51 -0.20 -3.61 -4.44
C ARG A 51 -0.08 -5.01 -3.83
N ALA A 52 1.12 -5.58 -3.91
CA ALA A 52 1.37 -6.90 -3.36
C ALA A 52 1.01 -6.95 -1.88
N PHE A 53 1.22 -5.82 -1.19
CA PHE A 53 0.93 -5.73 0.23
C PHE A 53 -0.57 -5.62 0.48
N ARG A 54 -1.20 -4.62 -0.14
CA ARG A 54 -2.64 -4.40 0.02
C ARG A 54 -3.43 -5.67 -0.23
N GLU A 55 -3.07 -6.39 -1.30
CA GLU A 55 -3.76 -7.62 -1.67
C GLU A 55 -3.59 -8.70 -0.60
N GLU A 56 -2.34 -9.02 -0.27
CA GLU A 56 -2.06 -10.05 0.72
C GLU A 56 -2.57 -9.66 2.11
N ALA A 57 -2.78 -8.36 2.32
CA ALA A 57 -3.26 -7.87 3.61
C ALA A 57 -4.78 -7.91 3.69
N ILE A 58 -5.43 -7.18 2.78
CA ILE A 58 -6.89 -7.15 2.76
C ILE A 58 -7.46 -8.55 2.64
N LYS A 59 -6.82 -9.38 1.83
CA LYS A 59 -7.26 -10.75 1.65
C LYS A 59 -7.45 -11.45 2.98
N PHE A 60 -6.40 -11.44 3.81
CA PHE A 60 -6.48 -12.08 5.13
C PHE A 60 -5.21 -11.86 5.93
N SER A 61 -5.06 -10.66 6.48
CA SER A 61 -3.88 -10.35 7.28
C SER A 61 -4.11 -9.14 8.18
N GLU A 62 -3.64 -7.97 7.75
CA GLU A 62 -3.80 -6.76 8.54
C GLU A 62 -4.33 -5.61 7.69
N GLU A 63 -5.55 -5.78 7.19
CA GLU A 63 -6.18 -4.74 6.37
C GLU A 63 -6.17 -3.39 7.08
N GLN A 64 -6.36 -3.41 8.40
CA GLN A 64 -6.37 -2.18 9.19
C GLN A 64 -5.02 -1.49 9.16
N ARG A 65 -3.97 -2.26 8.86
CA ARG A 65 -2.62 -1.72 8.80
C ARG A 65 -2.46 -0.88 7.53
N PHE A 66 -3.35 -1.10 6.57
CA PHE A 66 -3.30 -0.37 5.31
C PHE A 66 -4.11 0.91 5.42
N ASN A 67 -5.33 0.80 5.94
CA ASN A 67 -6.18 1.98 6.13
C ASN A 67 -5.50 2.91 7.11
N ASN A 68 -4.57 2.33 7.87
CA ASN A 68 -3.80 3.08 8.85
C ASN A 68 -2.78 3.95 8.13
N PHE A 69 -1.94 3.31 7.33
CA PHE A 69 -0.92 4.02 6.56
C PHE A 69 -1.58 4.87 5.48
N LEU A 70 -2.79 4.51 5.08
CA LEU A 70 -3.53 5.25 4.05
C LEU A 70 -3.96 6.60 4.60
N LYS A 71 -4.67 6.57 5.73
CA LYS A 71 -5.13 7.79 6.37
C LYS A 71 -3.97 8.76 6.59
N ALA A 72 -2.83 8.20 6.99
CA ALA A 72 -1.64 9.02 7.22
C ALA A 72 -1.07 9.53 5.91
N LEU A 73 -1.03 8.64 4.90
CA LEU A 73 -0.53 9.00 3.58
C LEU A 73 -1.24 10.24 3.06
N GLN A 74 -2.53 10.34 3.32
CA GLN A 74 -3.32 11.48 2.90
C GLN A 74 -2.89 12.72 3.69
N GLU A 75 -2.85 12.59 5.00
CA GLU A 75 -2.45 13.69 5.87
C GLU A 75 -1.06 14.19 5.52
N LYS A 76 -0.20 13.29 5.04
CA LYS A 76 1.18 13.63 4.68
C LYS A 76 1.23 14.26 3.30
N VAL A 77 0.67 13.55 2.32
CA VAL A 77 0.66 14.03 0.96
C VAL A 77 0.12 15.46 0.89
N GLU A 78 -0.76 15.79 1.83
CA GLU A 78 -1.32 17.13 1.89
C GLU A 78 -0.21 18.12 2.20
N ILE A 79 0.58 17.81 3.22
CA ILE A 79 1.70 18.67 3.61
C ILE A 79 2.69 18.81 2.44
N LYS A 80 2.43 18.07 1.36
CA LYS A 80 3.26 18.11 0.15
C LYS A 80 4.49 17.21 0.30
N GLN A 81 4.58 16.23 -0.60
CA GLN A 81 5.69 15.28 -0.61
C GLN A 81 5.45 14.19 -1.65
N LEU A 82 4.21 13.72 -1.74
CA LEU A 82 3.86 12.68 -2.70
C LEU A 82 2.61 13.07 -3.50
N ASN A 83 2.57 14.34 -3.93
CA ASN A 83 1.45 14.84 -4.70
C ASN A 83 1.27 14.03 -5.99
N HIS A 84 2.35 13.43 -6.45
CA HIS A 84 2.33 12.61 -7.66
C HIS A 84 1.88 11.19 -7.34
N PHE A 85 2.33 10.67 -6.20
CA PHE A 85 1.97 9.32 -5.78
C PHE A 85 0.46 9.14 -5.72
N TRP A 86 -0.23 10.13 -5.15
CA TRP A 86 -1.67 10.08 -5.04
C TRP A 86 -2.31 9.97 -6.41
N GLU A 87 -1.82 10.77 -7.36
CA GLU A 87 -2.33 10.74 -8.72
C GLU A 87 -2.07 9.37 -9.34
N ILE A 88 -0.91 8.80 -9.01
CA ILE A 88 -0.53 7.48 -9.50
C ILE A 88 -1.34 6.41 -8.78
N VAL A 89 -1.89 6.79 -7.63
CA VAL A 89 -2.67 5.87 -6.82
C VAL A 89 -4.11 5.80 -7.32
N VAL A 90 -4.64 6.96 -7.74
CA VAL A 90 -6.00 7.02 -8.25
C VAL A 90 -6.04 6.66 -9.73
N GLN A 91 -4.99 7.05 -10.46
CA GLN A 91 -4.90 6.75 -11.88
C GLN A 91 -4.82 5.25 -12.10
N ASP A 92 -3.92 4.59 -11.38
CA ASP A 92 -3.76 3.15 -11.49
C ASP A 92 -5.04 2.42 -11.08
N GLY A 93 -6.02 3.18 -10.62
CA GLY A 93 -7.28 2.61 -10.21
C GLY A 93 -7.27 2.05 -8.80
N ILE A 94 -6.14 2.22 -8.10
CA ILE A 94 -6.02 1.73 -6.74
C ILE A 94 -7.06 2.38 -5.83
N THR A 95 -7.89 1.56 -5.22
CA THR A 95 -8.95 2.05 -4.35
C THR A 95 -8.51 2.03 -2.89
N LEU A 96 -9.48 2.19 -1.99
CA LEU A 96 -9.21 2.20 -0.56
C LEU A 96 -9.62 0.87 0.04
N ILE A 97 -9.25 0.67 1.30
CA ILE A 97 -9.60 -0.55 2.00
C ILE A 97 -11.10 -0.55 2.30
N THR A 98 -11.85 -1.36 1.57
CA THR A 98 -13.29 -1.44 1.74
C THR A 98 -13.70 -2.73 2.46
N LYS A 99 -14.75 -2.63 3.27
CA LYS A 99 -15.27 -3.77 4.03
C LYS A 99 -15.41 -5.00 3.14
N GLU A 100 -16.29 -4.92 2.16
CA GLU A 100 -16.52 -6.04 1.24
C GLU A 100 -15.24 -6.39 0.48
N GLU A 101 -14.41 -5.38 0.24
CA GLU A 101 -13.15 -5.59 -0.47
C GLU A 101 -12.07 -6.11 0.46
N ALA A 102 -12.49 -6.54 1.65
CA ALA A 102 -11.55 -7.06 2.64
C ALA A 102 -11.78 -8.55 2.89
N SER A 103 -12.83 -8.86 3.64
CA SER A 103 -13.17 -10.25 3.94
C SER A 103 -14.53 -10.35 4.62
N GLY A 104 -14.58 -10.04 5.91
CA GLY A 104 -15.83 -10.12 6.66
C GLY A 104 -16.56 -8.80 6.72
N SER A 105 -16.47 -8.02 5.63
CA SER A 105 -17.14 -6.73 5.56
C SER A 105 -16.90 -5.90 6.83
N SER A 106 -15.63 -5.61 7.11
CA SER A 106 -15.29 -4.83 8.29
C SER A 106 -14.48 -3.58 7.92
N VAL A 107 -15.17 -2.49 7.64
CA VAL A 107 -14.53 -1.22 7.28
C VAL A 107 -15.60 -0.15 7.00
N THR A 108 -15.24 1.11 7.18
CA THR A 108 -16.16 2.21 6.95
C THR A 108 -16.22 2.62 5.48
N ALA A 109 -17.38 3.10 5.06
CA ALA A 109 -17.59 3.56 3.69
C ALA A 109 -17.06 4.97 3.50
N GLU A 110 -16.76 5.62 4.63
CA GLU A 110 -16.27 6.99 4.61
C GLU A 110 -14.81 7.06 4.16
N GLU A 111 -14.11 5.93 4.25
CA GLU A 111 -12.71 5.87 3.86
C GLU A 111 -12.55 5.75 2.34
N ALA A 112 -13.30 4.83 1.74
CA ALA A 112 -13.23 4.60 0.31
C ALA A 112 -13.95 5.68 -0.49
N LYS A 113 -14.90 6.36 0.14
CA LYS A 113 -15.67 7.38 -0.54
C LYS A 113 -15.00 8.76 -0.48
N LYS A 114 -14.59 9.17 0.71
CA LYS A 114 -13.96 10.48 0.91
C LYS A 114 -12.56 10.55 0.29
N PHE A 115 -11.87 9.42 0.22
CA PHE A 115 -10.52 9.39 -0.33
C PHE A 115 -10.52 9.44 -1.85
N LEU A 116 -11.34 8.62 -2.48
CA LEU A 116 -11.42 8.58 -3.94
C LEU A 116 -12.36 9.67 -4.45
N ALA A 117 -12.33 10.83 -3.81
CA ALA A 117 -13.17 11.95 -4.20
C ALA A 117 -12.38 12.97 -5.03
N PRO A 118 -13.06 13.75 -5.88
CA PRO A 118 -12.41 14.77 -6.72
C PRO A 118 -11.88 15.93 -5.90
N LYS A 119 -10.87 16.61 -6.44
CA LYS A 119 -10.25 17.75 -5.76
C LYS A 119 -10.47 19.03 -6.56
N ASP A 120 -9.97 19.05 -7.78
CA ASP A 120 -10.10 20.22 -8.65
C ASP A 120 -11.52 20.34 -9.20
N GLY A 1 15.36 -7.56 -12.57
CA GLY A 1 14.18 -8.21 -13.21
C GLY A 1 13.66 -9.39 -12.40
N PRO A 2 14.39 -10.53 -12.43
CA PRO A 2 13.99 -11.74 -11.70
C PRO A 2 13.83 -11.47 -10.19
N VAL A 3 14.55 -10.46 -9.70
CA VAL A 3 14.49 -10.10 -8.29
C VAL A 3 13.59 -8.89 -8.07
N ASN A 4 12.39 -9.14 -7.57
CA ASN A 4 11.43 -8.07 -7.30
C ASN A 4 11.05 -8.04 -5.82
N PRO A 5 10.84 -6.84 -5.25
CA PRO A 5 10.47 -6.69 -3.83
C PRO A 5 9.22 -7.49 -3.48
N ALA A 6 8.24 -7.48 -4.37
CA ALA A 6 6.99 -8.21 -4.14
C ALA A 6 7.23 -9.72 -4.16
N GLU A 7 8.16 -10.16 -4.99
CA GLU A 7 8.49 -11.58 -5.10
C GLU A 7 9.21 -12.07 -3.86
N ASN A 8 10.28 -11.37 -3.48
CA ASN A 8 11.07 -11.72 -2.31
C ASN A 8 10.19 -11.77 -1.06
N PHE A 9 9.20 -10.90 -1.01
CA PHE A 9 8.27 -10.84 0.12
C PHE A 9 7.32 -12.03 0.10
N ARG A 10 6.73 -12.28 -1.05
CA ARG A 10 5.78 -13.38 -1.22
C ARG A 10 6.43 -14.71 -0.84
N VAL A 11 7.69 -14.88 -1.20
CA VAL A 11 8.41 -16.12 -0.89
C VAL A 11 8.86 -16.14 0.57
N LEU A 12 9.36 -15.01 1.05
CA LEU A 12 9.81 -14.89 2.43
C LEU A 12 8.71 -15.30 3.41
N VAL A 13 7.47 -15.02 3.05
CA VAL A 13 6.34 -15.37 3.91
C VAL A 13 5.76 -16.74 3.55
N LYS A 14 6.33 -17.36 2.52
CA LYS A 14 5.87 -18.67 2.08
C LYS A 14 7.03 -19.66 1.97
N GLN A 15 7.94 -19.62 2.94
CA GLN A 15 9.09 -20.53 2.96
C GLN A 15 9.03 -21.46 4.15
N LYS A 16 8.77 -20.88 5.32
CA LYS A 16 8.71 -21.66 6.55
C LYS A 16 7.78 -21.01 7.55
N LYS A 17 8.25 -19.96 8.21
CA LYS A 17 7.45 -19.25 9.19
C LYS A 17 7.97 -17.84 9.42
N ALA A 18 7.57 -16.91 8.56
CA ALA A 18 7.99 -15.52 8.69
C ALA A 18 6.87 -14.67 9.30
N SER A 19 5.69 -15.28 9.45
CA SER A 19 4.54 -14.59 10.03
C SER A 19 4.06 -13.46 9.13
N PHE A 20 4.61 -12.26 9.35
CA PHE A 20 4.22 -11.09 8.57
C PHE A 20 4.95 -9.84 9.05
N GLU A 21 5.14 -9.75 10.36
CA GLU A 21 5.81 -8.60 10.97
C GLU A 21 7.12 -8.26 10.25
N GLU A 22 8.06 -9.19 10.25
CA GLU A 22 9.36 -8.98 9.60
C GLU A 22 9.20 -8.57 8.15
N ALA A 23 8.39 -9.33 7.40
CA ALA A 23 8.17 -9.05 5.98
C ALA A 23 7.56 -7.66 5.78
N SER A 24 6.64 -7.28 6.65
CA SER A 24 5.99 -5.98 6.56
C SER A 24 6.99 -4.86 6.80
N ASN A 25 7.68 -4.93 7.94
CA ASN A 25 8.67 -3.92 8.30
C ASN A 25 9.65 -3.70 7.15
N GLN A 26 10.19 -4.80 6.62
CA GLN A 26 11.13 -4.73 5.51
C GLN A 26 10.49 -4.04 4.31
N LEU A 27 9.28 -4.45 3.97
CA LEU A 27 8.56 -3.87 2.84
C LEU A 27 8.43 -2.36 3.00
N ILE A 28 7.96 -1.92 4.16
CA ILE A 28 7.79 -0.50 4.43
C ILE A 28 9.11 0.25 4.29
N ASN A 29 10.19 -0.34 4.80
CA ASN A 29 11.50 0.28 4.72
C ASN A 29 11.92 0.48 3.26
N HIS A 30 11.71 -0.56 2.46
CA HIS A 30 12.05 -0.50 1.05
C HIS A 30 11.29 0.64 0.37
N ILE A 31 9.99 0.71 0.65
CA ILE A 31 9.15 1.76 0.09
C ILE A 31 9.70 3.13 0.46
N GLU A 32 9.97 3.32 1.75
CA GLU A 32 10.52 4.59 2.24
C GLU A 32 11.80 4.95 1.50
N GLN A 33 12.65 3.95 1.29
CA GLN A 33 13.92 4.16 0.59
C GLN A 33 13.65 4.67 -0.82
N PHE A 34 12.71 4.02 -1.51
CA PHE A 34 12.33 4.41 -2.86
C PHE A 34 11.91 5.88 -2.90
N LEU A 35 11.33 6.36 -1.82
CA LEU A 35 10.89 7.75 -1.73
C LEU A 35 12.07 8.70 -1.68
N ASP A 36 13.24 8.16 -1.34
CA ASP A 36 14.46 8.97 -1.26
C ASP A 36 14.90 9.42 -2.64
N THR A 37 14.26 8.87 -3.67
CA THR A 37 14.57 9.22 -5.04
C THR A 37 13.30 9.62 -5.79
N ASN A 38 13.24 10.90 -6.18
CA ASN A 38 12.09 11.44 -6.89
C ASN A 38 12.12 11.03 -8.37
N GLU A 39 12.13 9.73 -8.62
CA GLU A 39 12.16 9.22 -9.99
C GLU A 39 10.92 8.36 -10.26
N THR A 40 10.38 8.49 -11.47
CA THR A 40 9.20 7.73 -11.86
C THR A 40 9.45 6.22 -11.81
N PRO A 41 10.55 5.73 -12.41
CA PRO A 41 10.88 4.30 -12.42
C PRO A 41 11.01 3.73 -11.01
N TYR A 42 11.32 4.60 -10.05
CA TYR A 42 11.48 4.18 -8.65
C TYR A 42 10.14 4.17 -7.94
N PHE A 43 9.28 5.15 -8.26
CA PHE A 43 7.97 5.24 -7.65
C PHE A 43 7.05 4.14 -8.15
N MET A 44 7.34 3.62 -9.34
CA MET A 44 6.56 2.55 -9.92
C MET A 44 6.71 1.27 -9.10
N LYS A 45 7.89 1.14 -8.48
CA LYS A 45 8.18 -0.02 -7.65
C LYS A 45 7.48 0.10 -6.30
N SER A 46 7.24 1.33 -5.86
CA SER A 46 6.58 1.58 -4.59
C SER A 46 5.14 1.08 -4.66
N ILE A 47 4.43 1.50 -5.71
CA ILE A 47 3.04 1.07 -5.91
C ILE A 47 2.99 -0.44 -6.06
N ASP A 48 3.98 -0.99 -6.77
CA ASP A 48 4.07 -2.43 -6.97
C ASP A 48 4.20 -3.13 -5.62
N CYS A 49 4.74 -2.40 -4.65
CA CYS A 49 4.92 -2.92 -3.31
C CYS A 49 3.63 -2.80 -2.52
N ILE A 50 2.97 -1.65 -2.65
CA ILE A 50 1.72 -1.39 -1.96
C ILE A 50 0.63 -2.31 -2.48
N ARG A 51 0.75 -2.71 -3.75
CA ARG A 51 -0.23 -3.59 -4.38
C ARG A 51 -0.02 -5.03 -3.93
N ALA A 52 1.22 -5.38 -3.63
CA ALA A 52 1.55 -6.72 -3.17
C ALA A 52 1.15 -6.89 -1.72
N PHE A 53 1.27 -5.81 -0.96
CA PHE A 53 0.92 -5.82 0.45
C PHE A 53 -0.59 -5.68 0.64
N ARG A 54 -1.17 -4.69 -0.04
CA ARG A 54 -2.61 -4.44 0.04
C ARG A 54 -3.41 -5.70 -0.25
N GLU A 55 -2.85 -6.58 -1.05
CA GLU A 55 -3.53 -7.83 -1.41
C GLU A 55 -3.31 -8.91 -0.35
N GLU A 56 -2.04 -9.16 -0.03
CA GLU A 56 -1.70 -10.18 0.96
C GLU A 56 -2.23 -9.83 2.35
N ALA A 57 -2.43 -8.54 2.60
CA ALA A 57 -2.91 -8.09 3.90
C ALA A 57 -4.44 -8.11 3.98
N ILE A 58 -5.08 -7.35 3.09
CA ILE A 58 -6.53 -7.27 3.06
C ILE A 58 -7.15 -8.65 2.92
N LYS A 59 -6.57 -9.48 2.06
CA LYS A 59 -7.08 -10.83 1.85
C LYS A 59 -7.26 -11.54 3.18
N PHE A 60 -6.23 -11.49 4.03
CA PHE A 60 -6.30 -12.12 5.35
C PHE A 60 -5.04 -11.84 6.16
N SER A 61 -5.06 -10.73 6.90
CA SER A 61 -3.91 -10.36 7.72
C SER A 61 -4.20 -9.13 8.58
N GLU A 62 -3.75 -7.97 8.13
CA GLU A 62 -3.95 -6.73 8.86
C GLU A 62 -4.46 -5.63 7.96
N GLU A 63 -5.66 -5.82 7.42
CA GLU A 63 -6.27 -4.82 6.54
C GLU A 63 -6.31 -3.44 7.21
N GLN A 64 -6.49 -3.43 8.52
CA GLN A 64 -6.55 -2.18 9.27
C GLN A 64 -5.19 -1.49 9.31
N ARG A 65 -4.15 -2.27 9.07
CA ARG A 65 -2.78 -1.74 9.07
C ARG A 65 -2.56 -0.93 7.79
N PHE A 66 -3.42 -1.17 6.81
CA PHE A 66 -3.33 -0.48 5.53
C PHE A 66 -4.11 0.82 5.58
N ASN A 67 -5.33 0.77 6.11
CA ASN A 67 -6.15 1.96 6.24
C ASN A 67 -5.53 2.88 7.28
N ASN A 68 -4.67 2.28 8.10
CA ASN A 68 -3.97 3.03 9.14
C ASN A 68 -2.91 3.90 8.48
N PHE A 69 -2.01 3.26 7.75
CA PHE A 69 -0.95 3.96 7.03
C PHE A 69 -1.54 4.84 5.93
N LEU A 70 -2.69 4.43 5.41
CA LEU A 70 -3.36 5.19 4.36
C LEU A 70 -3.83 6.55 4.88
N LYS A 71 -4.53 6.53 6.01
CA LYS A 71 -5.03 7.76 6.62
C LYS A 71 -3.89 8.74 6.83
N ALA A 72 -2.74 8.23 7.26
CA ALA A 72 -1.56 9.07 7.49
C ALA A 72 -0.93 9.52 6.18
N LEU A 73 -0.82 8.58 5.24
CA LEU A 73 -0.23 8.86 3.94
C LEU A 73 -1.00 9.97 3.24
N GLN A 74 -2.32 9.91 3.32
CA GLN A 74 -3.19 10.90 2.71
C GLN A 74 -2.89 12.29 3.25
N GLU A 75 -2.87 12.41 4.58
CA GLU A 75 -2.59 13.69 5.22
C GLU A 75 -1.21 14.21 4.84
N LYS A 76 -0.32 13.29 4.48
CA LYS A 76 1.05 13.65 4.11
C LYS A 76 1.10 14.10 2.65
N VAL A 77 0.56 13.27 1.76
CA VAL A 77 0.55 13.57 0.34
C VAL A 77 -0.24 14.85 0.06
N GLU A 78 -1.32 15.04 0.81
CA GLU A 78 -2.15 16.22 0.64
C GLU A 78 -1.31 17.47 0.80
N ILE A 79 -0.59 17.55 1.92
CA ILE A 79 0.28 18.70 2.18
C ILE A 79 1.36 18.82 1.10
N LYS A 80 2.51 18.21 1.33
CA LYS A 80 3.60 18.26 0.38
C LYS A 80 4.60 17.13 0.63
N GLN A 81 4.60 16.12 -0.23
CA GLN A 81 5.50 14.99 -0.10
C GLN A 81 5.47 14.11 -1.34
N LEU A 82 4.34 13.44 -1.56
CA LEU A 82 4.19 12.56 -2.71
C LEU A 82 2.87 12.84 -3.44
N ASN A 83 2.70 14.09 -3.85
CA ASN A 83 1.49 14.49 -4.56
C ASN A 83 1.29 13.66 -5.84
N HIS A 84 2.40 13.24 -6.43
CA HIS A 84 2.35 12.44 -7.64
C HIS A 84 1.84 11.03 -7.35
N PHE A 85 2.23 10.49 -6.20
CA PHE A 85 1.81 9.15 -5.80
C PHE A 85 0.29 9.01 -5.83
N TRP A 86 -0.39 9.99 -5.22
CA TRP A 86 -1.84 9.98 -5.16
C TRP A 86 -2.46 9.89 -6.55
N GLU A 87 -1.96 10.71 -7.48
CA GLU A 87 -2.47 10.71 -8.84
C GLU A 87 -2.19 9.37 -9.51
N ILE A 88 -1.03 8.79 -9.19
CA ILE A 88 -0.64 7.50 -9.73
C ILE A 88 -1.36 6.37 -9.02
N VAL A 89 -1.89 6.68 -7.84
CA VAL A 89 -2.61 5.70 -7.03
C VAL A 89 -4.06 5.62 -7.48
N VAL A 90 -4.62 6.76 -7.86
CA VAL A 90 -6.00 6.82 -8.34
C VAL A 90 -6.07 6.40 -9.79
N GLN A 91 -5.07 6.82 -10.57
CA GLN A 91 -5.00 6.49 -11.99
C GLN A 91 -4.97 4.98 -12.18
N ASP A 92 -4.13 4.30 -11.39
CA ASP A 92 -4.00 2.84 -11.46
C ASP A 92 -5.33 2.15 -11.15
N GLY A 93 -6.34 2.94 -10.79
CA GLY A 93 -7.65 2.38 -10.48
C GLY A 93 -7.77 1.93 -9.05
N ILE A 94 -6.65 1.54 -8.43
CA ILE A 94 -6.66 1.08 -7.05
C ILE A 94 -7.28 2.14 -6.14
N THR A 95 -8.16 1.69 -5.26
CA THR A 95 -8.84 2.61 -4.33
C THR A 95 -8.67 2.14 -2.89
N LEU A 96 -9.02 3.02 -1.96
CA LEU A 96 -8.92 2.72 -0.54
C LEU A 96 -9.59 1.40 -0.20
N ILE A 97 -9.38 0.94 1.02
CA ILE A 97 -9.96 -0.32 1.48
C ILE A 97 -11.46 -0.15 1.71
N THR A 98 -12.26 -0.92 0.97
CA THR A 98 -13.72 -0.85 1.10
C THR A 98 -14.29 -2.03 1.87
N LYS A 99 -15.38 -1.77 2.58
CA LYS A 99 -16.09 -2.78 3.38
C LYS A 99 -15.89 -4.20 2.86
N GLU A 100 -16.76 -4.63 1.94
CA GLU A 100 -16.70 -5.98 1.40
C GLU A 100 -15.45 -6.23 0.56
N GLU A 101 -14.67 -5.18 0.31
CA GLU A 101 -13.44 -5.32 -0.47
C GLU A 101 -12.39 -6.13 0.30
N ALA A 102 -12.83 -6.82 1.35
CA ALA A 102 -11.94 -7.64 2.16
C ALA A 102 -12.49 -9.06 2.31
N SER A 103 -13.69 -9.15 2.90
CA SER A 103 -14.33 -10.44 3.11
C SER A 103 -15.68 -10.26 3.80
N GLY A 104 -15.70 -9.43 4.84
CA GLY A 104 -16.92 -9.17 5.58
C GLY A 104 -16.66 -8.25 6.77
N SER A 105 -15.92 -7.18 6.52
CA SER A 105 -15.60 -6.22 7.57
C SER A 105 -16.11 -4.84 7.25
N SER A 106 -16.72 -4.21 8.25
CA SER A 106 -17.26 -2.89 8.09
C SER A 106 -16.15 -1.89 7.84
N VAL A 107 -16.41 -0.97 6.94
CA VAL A 107 -15.46 0.08 6.59
C VAL A 107 -16.18 1.39 6.32
N THR A 108 -15.64 2.45 6.89
CA THR A 108 -16.21 3.78 6.75
C THR A 108 -16.37 4.20 5.30
N ALA A 109 -17.37 5.03 5.05
CA ALA A 109 -17.66 5.56 3.72
C ALA A 109 -16.75 6.74 3.43
N GLU A 110 -16.09 7.21 4.49
CA GLU A 110 -15.20 8.36 4.40
C GLU A 110 -13.81 7.92 3.96
N GLU A 111 -13.57 6.61 4.08
CA GLU A 111 -12.28 6.05 3.72
C GLU A 111 -12.19 5.77 2.22
N ALA A 112 -13.22 5.14 1.67
CA ALA A 112 -13.24 4.78 0.25
C ALA A 112 -13.78 5.89 -0.66
N LYS A 113 -14.85 6.55 -0.23
CA LYS A 113 -15.48 7.59 -1.04
C LYS A 113 -14.84 8.96 -0.88
N LYS A 114 -14.54 9.35 0.36
CA LYS A 114 -13.95 10.66 0.62
C LYS A 114 -12.53 10.76 0.06
N PHE A 115 -11.81 9.65 0.04
CA PHE A 115 -10.44 9.64 -0.48
C PHE A 115 -10.41 9.70 -2.00
N LEU A 116 -11.21 8.87 -2.65
CA LEU A 116 -11.27 8.84 -4.10
C LEU A 116 -12.52 9.51 -4.63
N ALA A 117 -12.61 10.82 -4.43
CA ALA A 117 -13.77 11.59 -4.88
C ALA A 117 -13.66 11.92 -6.37
N PRO A 118 -14.80 12.08 -7.06
CA PRO A 118 -14.82 12.40 -8.49
C PRO A 118 -14.20 13.76 -8.80
N LYS A 119 -14.89 14.83 -8.38
CA LYS A 119 -14.41 16.19 -8.61
C LYS A 119 -14.34 16.96 -7.31
N ASP A 120 -15.17 16.56 -6.34
CA ASP A 120 -15.20 17.24 -5.05
C ASP A 120 -14.30 16.51 -4.04
N GLY A 1 19.34 -9.96 -13.23
CA GLY A 1 18.54 -10.93 -12.42
C GLY A 1 17.68 -10.22 -11.40
N PRO A 2 16.59 -9.55 -11.82
CA PRO A 2 15.70 -8.83 -10.91
C PRO A 2 15.15 -9.73 -9.81
N VAL A 3 14.77 -9.12 -8.69
CA VAL A 3 14.21 -9.87 -7.57
C VAL A 3 12.82 -9.37 -7.20
N ASN A 4 12.63 -8.05 -7.27
CA ASN A 4 11.35 -7.44 -6.95
C ASN A 4 10.97 -7.68 -5.48
N PRO A 5 11.06 -6.64 -4.63
CA PRO A 5 10.73 -6.75 -3.21
C PRO A 5 9.36 -7.40 -2.97
N ALA A 6 8.44 -7.18 -3.90
CA ALA A 6 7.10 -7.74 -3.80
C ALA A 6 7.13 -9.26 -3.89
N GLU A 7 8.00 -9.78 -4.75
CA GLU A 7 8.14 -11.22 -4.93
C GLU A 7 8.89 -11.85 -3.76
N ASN A 8 10.01 -11.23 -3.38
CA ASN A 8 10.83 -11.72 -2.28
C ASN A 8 10.03 -11.74 -0.97
N PHE A 9 9.08 -10.82 -0.85
CA PHE A 9 8.26 -10.72 0.34
C PHE A 9 7.18 -11.81 0.34
N ARG A 10 6.49 -11.95 -0.79
CA ARG A 10 5.43 -12.95 -0.93
C ARG A 10 5.97 -14.35 -0.73
N VAL A 11 7.20 -14.59 -1.16
CA VAL A 11 7.83 -15.90 -1.02
C VAL A 11 8.35 -16.12 0.39
N LEU A 12 9.01 -15.10 0.95
CA LEU A 12 9.56 -15.18 2.30
C LEU A 12 8.46 -15.50 3.32
N VAL A 13 7.24 -15.08 3.02
CA VAL A 13 6.11 -15.33 3.92
C VAL A 13 5.36 -16.59 3.53
N LYS A 14 5.82 -17.22 2.44
CA LYS A 14 5.18 -18.44 1.95
C LYS A 14 6.15 -19.62 1.96
N GLN A 15 6.91 -19.77 3.03
CA GLN A 15 7.86 -20.87 3.15
C GLN A 15 7.48 -21.80 4.30
N LYS A 16 7.21 -21.21 5.46
CA LYS A 16 6.84 -21.96 6.65
C LYS A 16 6.78 -21.02 7.86
N LYS A 17 7.80 -20.19 8.00
CA LYS A 17 7.88 -19.25 9.09
C LYS A 17 8.71 -18.04 8.66
N ALA A 18 8.44 -16.92 9.31
CA ALA A 18 9.13 -15.66 9.04
C ALA A 18 8.44 -14.51 9.75
N SER A 19 7.17 -14.71 10.08
CA SER A 19 6.37 -13.70 10.77
C SER A 19 6.06 -12.54 9.84
N PHE A 20 4.77 -12.32 9.59
CA PHE A 20 4.33 -11.25 8.71
C PHE A 20 4.89 -9.90 9.17
N GLU A 21 5.00 -9.72 10.48
CA GLU A 21 5.52 -8.49 11.05
C GLU A 21 6.85 -8.09 10.43
N GLU A 22 7.84 -8.97 10.51
CA GLU A 22 9.16 -8.71 9.96
C GLU A 22 9.09 -8.34 8.47
N ALA A 23 8.38 -9.16 7.70
CA ALA A 23 8.23 -8.92 6.27
C ALA A 23 7.55 -7.59 6.00
N SER A 24 6.56 -7.25 6.83
CA SER A 24 5.83 -5.99 6.67
C SER A 24 6.75 -4.81 6.92
N ASN A 25 7.42 -4.82 8.07
CA ASN A 25 8.34 -3.74 8.42
C ASN A 25 9.36 -3.51 7.31
N GLN A 26 9.97 -4.60 6.86
CA GLN A 26 10.97 -4.53 5.79
C GLN A 26 10.38 -3.90 4.53
N LEU A 27 9.20 -4.39 4.13
CA LEU A 27 8.53 -3.90 2.94
C LEU A 27 8.29 -2.39 3.04
N ILE A 28 7.73 -1.95 4.17
CA ILE A 28 7.45 -0.54 4.38
C ILE A 28 8.73 0.29 4.35
N ASN A 29 9.82 -0.26 4.87
CA ASN A 29 11.10 0.44 4.90
C ASN A 29 11.61 0.64 3.48
N HIS A 30 11.54 -0.42 2.68
CA HIS A 30 11.97 -0.36 1.29
C HIS A 30 11.19 0.71 0.55
N ILE A 31 9.87 0.71 0.74
CA ILE A 31 9.00 1.69 0.11
C ILE A 31 9.43 3.10 0.47
N GLU A 32 9.60 3.34 1.77
CA GLU A 32 10.03 4.66 2.26
C GLU A 32 11.30 5.11 1.56
N GLN A 33 12.26 4.20 1.45
CA GLN A 33 13.53 4.50 0.80
C GLN A 33 13.29 4.93 -0.65
N PHE A 34 12.45 4.18 -1.34
CA PHE A 34 12.11 4.49 -2.72
C PHE A 34 11.57 5.90 -2.85
N LEU A 35 10.88 6.36 -1.80
CA LEU A 35 10.31 7.70 -1.79
C LEU A 35 11.36 8.74 -1.41
N ASP A 36 12.45 8.26 -0.79
CA ASP A 36 13.53 9.15 -0.35
C ASP A 36 14.38 9.58 -1.54
N THR A 37 14.02 9.11 -2.74
CA THR A 37 14.74 9.45 -3.95
C THR A 37 13.78 9.63 -5.11
N ASN A 38 13.98 10.71 -5.86
CA ASN A 38 13.14 11.01 -7.02
C ASN A 38 13.62 10.24 -8.24
N GLU A 39 12.77 9.33 -8.72
CA GLU A 39 13.11 8.53 -9.89
C GLU A 39 11.86 7.84 -10.45
N THR A 40 11.76 7.78 -11.77
CA THR A 40 10.61 7.15 -12.42
C THR A 40 10.62 5.63 -12.22
N PRO A 41 11.75 4.95 -12.48
CA PRO A 41 11.85 3.50 -12.32
C PRO A 41 11.75 3.07 -10.86
N TYR A 42 11.88 4.04 -9.96
CA TYR A 42 11.82 3.77 -8.53
C TYR A 42 10.37 3.79 -8.03
N PHE A 43 9.64 4.83 -8.41
CA PHE A 43 8.24 4.97 -8.00
C PHE A 43 7.40 3.83 -8.59
N MET A 44 7.72 3.45 -9.82
CA MET A 44 6.99 2.37 -10.49
C MET A 44 6.97 1.12 -9.62
N LYS A 45 8.01 0.93 -8.83
CA LYS A 45 8.11 -0.23 -7.95
C LYS A 45 7.19 -0.06 -6.75
N SER A 46 7.38 1.05 -6.03
CA SER A 46 6.54 1.36 -4.86
C SER A 46 5.07 1.09 -5.16
N ILE A 47 4.59 1.61 -6.29
CA ILE A 47 3.21 1.41 -6.69
C ILE A 47 2.89 -0.09 -6.76
N ASP A 48 3.73 -0.83 -7.49
CA ASP A 48 3.55 -2.27 -7.63
C ASP A 48 3.74 -2.96 -6.28
N CYS A 49 4.39 -2.25 -5.36
CA CYS A 49 4.63 -2.78 -4.02
C CYS A 49 3.38 -2.66 -3.17
N ILE A 50 2.71 -1.52 -3.29
CA ILE A 50 1.46 -1.29 -2.55
C ILE A 50 0.36 -2.21 -3.06
N ARG A 51 0.47 -2.58 -4.34
CA ARG A 51 -0.52 -3.45 -4.97
C ARG A 51 -0.30 -4.91 -4.55
N ALA A 52 0.95 -5.25 -4.27
CA ALA A 52 1.31 -6.59 -3.86
C ALA A 52 0.99 -6.79 -2.38
N PHE A 53 1.20 -5.74 -1.60
CA PHE A 53 0.94 -5.79 -0.17
C PHE A 53 -0.55 -5.66 0.10
N ARG A 54 -1.19 -4.69 -0.55
CA ARG A 54 -2.62 -4.47 -0.39
C ARG A 54 -3.38 -5.79 -0.49
N GLU A 55 -3.03 -6.59 -1.50
CA GLU A 55 -3.69 -7.87 -1.72
C GLU A 55 -3.36 -8.86 -0.61
N GLU A 56 -2.08 -8.93 -0.24
CA GLU A 56 -1.63 -9.86 0.79
C GLU A 56 -2.25 -9.53 2.15
N ALA A 57 -2.57 -8.25 2.35
CA ALA A 57 -3.16 -7.81 3.61
C ALA A 57 -4.68 -7.97 3.60
N ILE A 58 -5.32 -7.38 2.61
CA ILE A 58 -6.77 -7.45 2.49
C ILE A 58 -7.23 -8.91 2.49
N LYS A 59 -6.49 -9.75 1.77
CA LYS A 59 -6.80 -11.16 1.69
C LYS A 59 -6.99 -11.75 3.07
N PHE A 60 -5.97 -11.61 3.93
CA PHE A 60 -6.04 -12.15 5.29
C PHE A 60 -4.76 -11.85 6.08
N SER A 61 -4.65 -10.62 6.57
CA SER A 61 -3.48 -10.23 7.35
C SER A 61 -3.76 -9.01 8.21
N GLU A 62 -3.34 -7.84 7.75
CA GLU A 62 -3.55 -6.61 8.51
C GLU A 62 -4.10 -5.51 7.61
N GLU A 63 -5.30 -5.73 7.08
CA GLU A 63 -5.95 -4.76 6.22
C GLU A 63 -6.04 -3.38 6.88
N GLN A 64 -6.24 -3.38 8.20
CA GLN A 64 -6.36 -2.13 8.95
C GLN A 64 -5.01 -1.45 9.12
N ARG A 65 -3.94 -2.23 9.02
CA ARG A 65 -2.59 -1.70 9.14
C ARG A 65 -2.24 -0.87 7.91
N PHE A 66 -2.98 -1.10 6.83
CA PHE A 66 -2.76 -0.39 5.58
C PHE A 66 -3.56 0.90 5.56
N ASN A 67 -4.83 0.82 5.99
CA ASN A 67 -5.68 2.00 6.03
C ASN A 67 -5.20 2.92 7.15
N ASN A 68 -4.50 2.31 8.10
CA ASN A 68 -3.95 3.05 9.23
C ASN A 68 -2.86 3.99 8.71
N PHE A 69 -1.86 3.40 8.06
CA PHE A 69 -0.77 4.17 7.48
C PHE A 69 -1.27 5.01 6.31
N LEU A 70 -2.31 4.53 5.64
CA LEU A 70 -2.89 5.22 4.50
C LEU A 70 -3.48 6.57 4.94
N LYS A 71 -4.25 6.53 6.03
CA LYS A 71 -4.87 7.74 6.56
C LYS A 71 -3.80 8.79 6.86
N ALA A 72 -2.66 8.33 7.35
CA ALA A 72 -1.55 9.24 7.68
C ALA A 72 -0.84 9.70 6.40
N LEU A 73 -0.61 8.76 5.49
CA LEU A 73 0.05 9.07 4.23
C LEU A 73 -0.74 10.09 3.44
N GLN A 74 -2.07 9.94 3.44
CA GLN A 74 -2.95 10.85 2.72
C GLN A 74 -2.80 12.27 3.25
N GLU A 75 -2.93 12.42 4.57
CA GLU A 75 -2.80 13.73 5.20
C GLU A 75 -1.44 14.35 4.91
N LYS A 76 -0.44 13.51 4.68
CA LYS A 76 0.92 13.97 4.41
C LYS A 76 1.07 14.38 2.95
N VAL A 77 0.72 13.45 2.06
CA VAL A 77 0.79 13.71 0.63
C VAL A 77 -0.10 14.89 0.27
N GLU A 78 -1.17 15.04 1.03
CA GLU A 78 -2.11 16.13 0.81
C GLU A 78 -1.36 17.45 0.82
N ILE A 79 -0.58 17.67 1.88
CA ILE A 79 0.21 18.89 1.98
C ILE A 79 1.22 18.99 0.84
N LYS A 80 2.41 18.41 1.04
CA LYS A 80 3.45 18.44 0.02
C LYS A 80 4.49 17.35 0.27
N GLN A 81 4.53 16.36 -0.62
CA GLN A 81 5.48 15.26 -0.49
C GLN A 81 5.46 14.38 -1.74
N LEU A 82 4.34 13.68 -1.96
CA LEU A 82 4.20 12.79 -3.11
C LEU A 82 2.86 13.02 -3.80
N ASN A 83 2.61 14.27 -4.21
CA ASN A 83 1.37 14.63 -4.87
C ASN A 83 1.15 13.80 -6.13
N HIS A 84 2.25 13.37 -6.75
CA HIS A 84 2.17 12.56 -7.97
C HIS A 84 1.77 11.13 -7.66
N PHE A 85 2.23 10.62 -6.52
CA PHE A 85 1.92 9.26 -6.12
C PHE A 85 0.43 9.09 -5.87
N TRP A 86 -0.23 10.17 -5.46
CA TRP A 86 -1.65 10.13 -5.17
C TRP A 86 -2.47 10.16 -6.47
N GLU A 87 -2.16 11.13 -7.33
CA GLU A 87 -2.85 11.25 -8.60
C GLU A 87 -2.63 10.00 -9.45
N ILE A 88 -1.59 9.25 -9.09
CA ILE A 88 -1.26 8.02 -9.80
C ILE A 88 -2.07 6.86 -9.23
N VAL A 89 -1.89 6.56 -7.95
CA VAL A 89 -2.61 5.47 -7.31
C VAL A 89 -4.11 5.57 -7.60
N VAL A 90 -4.63 6.78 -7.75
CA VAL A 90 -6.04 6.94 -8.02
C VAL A 90 -6.36 6.53 -9.45
N GLN A 91 -5.63 7.10 -10.41
CA GLN A 91 -5.83 6.77 -11.82
C GLN A 91 -5.65 5.26 -12.04
N ASP A 92 -4.71 4.66 -11.33
CA ASP A 92 -4.43 3.22 -11.45
C ASP A 92 -5.66 2.39 -11.08
N GLY A 93 -6.71 3.06 -10.60
CA GLY A 93 -7.92 2.35 -10.24
C GLY A 93 -7.91 1.79 -8.83
N ILE A 94 -6.73 1.59 -8.24
CA ILE A 94 -6.65 1.05 -6.89
C ILE A 94 -7.28 2.02 -5.89
N THR A 95 -8.05 1.47 -4.95
CA THR A 95 -8.71 2.29 -3.95
C THR A 95 -8.42 1.79 -2.54
N LEU A 96 -8.77 2.60 -1.55
CA LEU A 96 -8.56 2.26 -0.15
C LEU A 96 -9.12 0.88 0.18
N ILE A 97 -8.80 0.41 1.37
CA ILE A 97 -9.25 -0.91 1.82
C ILE A 97 -10.77 -0.93 2.00
N THR A 98 -11.45 -1.71 1.17
CA THR A 98 -12.90 -1.84 1.26
C THR A 98 -13.31 -3.11 1.99
N LYS A 99 -14.37 -3.01 2.78
CA LYS A 99 -14.88 -4.15 3.54
C LYS A 99 -14.99 -5.41 2.68
N GLU A 100 -15.47 -5.25 1.46
CA GLU A 100 -15.65 -6.38 0.54
C GLU A 100 -14.43 -7.30 0.55
N GLU A 101 -13.26 -6.73 0.83
CA GLU A 101 -12.03 -7.49 0.86
C GLU A 101 -11.71 -7.99 2.27
N ALA A 102 -11.72 -7.07 3.24
CA ALA A 102 -11.43 -7.41 4.63
C ALA A 102 -12.27 -8.57 5.14
N SER A 103 -13.37 -8.27 5.81
CA SER A 103 -14.25 -9.31 6.35
C SER A 103 -15.65 -9.18 5.78
N GLY A 104 -15.86 -8.18 4.94
CA GLY A 104 -17.16 -7.96 4.34
C GLY A 104 -18.04 -7.03 5.15
N SER A 105 -18.46 -5.94 4.53
CA SER A 105 -19.32 -4.95 5.17
C SER A 105 -18.62 -4.21 6.32
N SER A 106 -17.51 -4.75 6.80
CA SER A 106 -16.78 -4.12 7.90
C SER A 106 -15.70 -3.16 7.41
N VAL A 107 -16.08 -1.89 7.27
CA VAL A 107 -15.17 -0.83 6.84
C VAL A 107 -15.97 0.46 6.60
N THR A 108 -15.49 1.56 7.17
CA THR A 108 -16.17 2.84 7.05
C THR A 108 -16.20 3.35 5.60
N ALA A 109 -17.24 4.12 5.29
CA ALA A 109 -17.43 4.69 3.97
C ALA A 109 -16.54 5.92 3.80
N GLU A 110 -15.96 6.37 4.91
CA GLU A 110 -15.11 7.55 4.92
C GLU A 110 -13.70 7.17 4.49
N GLU A 111 -13.40 5.87 4.55
CA GLU A 111 -12.09 5.37 4.19
C GLU A 111 -11.98 5.14 2.67
N ALA A 112 -12.95 4.42 2.13
CA ALA A 112 -12.94 4.10 0.70
C ALA A 112 -13.58 5.16 -0.18
N LYS A 113 -14.66 5.77 0.31
CA LYS A 113 -15.39 6.77 -0.49
C LYS A 113 -14.82 8.18 -0.32
N LYS A 114 -14.57 8.59 0.91
CA LYS A 114 -14.07 9.94 1.17
C LYS A 114 -12.66 10.16 0.61
N PHE A 115 -11.87 9.09 0.52
CA PHE A 115 -10.51 9.19 0.02
C PHE A 115 -10.45 9.44 -1.48
N LEU A 116 -11.22 8.67 -2.25
CA LEU A 116 -11.22 8.81 -3.70
C LEU A 116 -12.31 9.79 -4.18
N ALA A 117 -13.28 10.05 -3.33
CA ALA A 117 -14.38 10.96 -3.67
C ALA A 117 -14.46 12.12 -2.69
N PRO A 118 -14.05 13.34 -3.10
CA PRO A 118 -14.09 14.52 -2.23
C PRO A 118 -15.51 15.06 -2.06
N LYS A 119 -16.40 14.65 -2.96
CA LYS A 119 -17.79 15.10 -2.92
C LYS A 119 -18.73 14.00 -3.43
N ASP A 120 -18.51 13.60 -4.69
CA ASP A 120 -19.34 12.57 -5.31
C ASP A 120 -18.46 11.42 -5.82
#